data_2MXT
#
_entry.id   2MXT
#
_entity_poly.entity_id   1
_entity_poly.type   'polypeptide(L)'
_entity_poly.pdbx_seq_one_letter_code
;GSENFQTLLDAGLPQKVAEKLDEIYVAGLVAHSDLDERAIEALKEFNEDGALAVLQQFKDSDLSHVQNKSAFLCGVMKTY
RQREK
;
_entity_poly.pdbx_strand_id   A
#
# COMPACT_ATOMS: atom_id res chain seq x y z
N GLY A 1 -8.27 -14.53 -3.19
CA GLY A 1 -7.25 -13.63 -3.73
C GLY A 1 -6.13 -14.44 -4.34
N SER A 2 -4.94 -13.85 -4.38
CA SER A 2 -3.78 -14.36 -5.12
C SER A 2 -2.60 -14.65 -4.18
N GLU A 3 -1.45 -14.99 -4.78
CA GLU A 3 -0.19 -15.30 -4.13
C GLU A 3 0.12 -14.30 -3.01
N ASN A 4 -0.08 -13.03 -3.33
CA ASN A 4 0.32 -11.91 -2.50
C ASN A 4 -0.46 -11.89 -1.20
N PHE A 5 -1.73 -12.31 -1.21
CA PHE A 5 -2.66 -12.16 -0.09
C PHE A 5 -2.10 -12.76 1.20
N GLN A 6 -1.62 -14.00 1.14
CA GLN A 6 -1.13 -14.69 2.32
C GLN A 6 0.14 -14.02 2.86
N THR A 7 1.04 -13.59 1.98
CA THR A 7 2.23 -12.86 2.39
C THR A 7 1.85 -11.54 3.07
N LEU A 8 0.91 -10.80 2.50
CA LEU A 8 0.49 -9.50 3.01
C LEU A 8 -0.07 -9.60 4.41
N LEU A 9 -0.90 -10.61 4.65
CA LEU A 9 -1.43 -10.91 5.97
C LEU A 9 -0.27 -11.16 6.93
N ASP A 10 0.77 -11.85 6.47
CA ASP A 10 1.86 -12.27 7.37
C ASP A 10 2.86 -11.13 7.58
N ALA A 11 2.89 -10.15 6.67
CA ALA A 11 3.59 -8.87 6.73
C ALA A 11 2.91 -7.88 7.69
N GLY A 12 2.08 -8.41 8.59
CA GLY A 12 1.53 -7.71 9.73
C GLY A 12 0.22 -6.99 9.44
N LEU A 13 -0.30 -7.06 8.21
CA LEU A 13 -1.46 -6.26 7.85
C LEU A 13 -2.74 -6.87 8.42
N PRO A 14 -3.74 -6.04 8.75
CA PRO A 14 -5.09 -6.50 9.01
C PRO A 14 -5.68 -7.06 7.71
N GLN A 15 -6.68 -7.93 7.85
CA GLN A 15 -7.32 -8.62 6.74
C GLN A 15 -7.93 -7.59 5.82
N LYS A 16 -8.58 -6.59 6.40
CA LYS A 16 -9.30 -5.61 5.63
C LYS A 16 -8.38 -4.90 4.63
N VAL A 17 -7.14 -4.63 5.02
CA VAL A 17 -6.15 -3.95 4.19
C VAL A 17 -5.58 -4.95 3.19
N ALA A 18 -5.20 -6.15 3.64
CA ALA A 18 -4.62 -7.19 2.79
C ALA A 18 -5.53 -7.52 1.59
N GLU A 19 -6.85 -7.58 1.83
CA GLU A 19 -7.86 -7.84 0.81
C GLU A 19 -7.71 -6.88 -0.38
N LYS A 20 -7.72 -5.57 -0.13
CA LYS A 20 -7.60 -4.54 -1.17
C LYS A 20 -6.23 -4.62 -1.82
N LEU A 21 -5.18 -4.74 -1.01
CA LEU A 21 -3.81 -4.58 -1.46
C LEU A 21 -3.38 -5.68 -2.42
N ASP A 22 -3.86 -6.91 -2.19
CA ASP A 22 -3.58 -8.08 -3.03
C ASP A 22 -3.96 -7.79 -4.49
N GLU A 23 -5.12 -7.20 -4.70
CA GLU A 23 -5.66 -6.87 -6.02
C GLU A 23 -4.85 -5.86 -6.80
N ILE A 24 -4.00 -5.08 -6.12
CA ILE A 24 -3.13 -4.12 -6.78
C ILE A 24 -2.01 -4.89 -7.52
N TYR A 25 -1.64 -6.08 -7.03
CA TYR A 25 -0.61 -6.93 -7.64
C TYR A 25 -1.22 -7.86 -8.70
N VAL A 26 -2.52 -8.13 -8.62
CA VAL A 26 -3.24 -8.95 -9.59
C VAL A 26 -3.45 -8.19 -10.91
N ALA A 27 -3.63 -6.86 -10.88
CA ALA A 27 -4.14 -6.09 -12.02
C ALA A 27 -3.03 -5.45 -12.87
N GLY A 28 -1.79 -5.92 -12.75
CA GLY A 28 -0.69 -5.55 -13.63
C GLY A 28 -0.25 -4.09 -13.51
N LEU A 29 -0.33 -3.54 -12.29
CA LEU A 29 0.09 -2.21 -11.90
C LEU A 29 1.52 -2.29 -11.33
N VAL A 30 1.66 -2.80 -10.10
CA VAL A 30 2.93 -2.85 -9.36
C VAL A 30 3.24 -4.30 -8.97
N ALA A 31 4.50 -4.58 -8.59
CA ALA A 31 4.87 -5.84 -7.95
C ALA A 31 4.52 -5.81 -6.46
N HIS A 32 4.42 -6.97 -5.81
CA HIS A 32 4.37 -7.03 -4.34
C HIS A 32 5.77 -6.79 -3.75
N SER A 33 6.82 -7.13 -4.49
CA SER A 33 8.21 -6.92 -4.09
C SER A 33 8.68 -5.48 -4.36
N ASP A 34 7.83 -4.62 -4.93
CA ASP A 34 8.23 -3.29 -5.40
C ASP A 34 8.51 -2.31 -4.26
N LEU A 35 8.11 -2.66 -3.03
CA LEU A 35 8.19 -1.79 -1.87
C LEU A 35 9.56 -1.87 -1.22
N ASP A 36 9.93 -0.83 -0.48
CA ASP A 36 11.03 -0.84 0.47
C ASP A 36 10.48 -1.24 1.84
N GLU A 37 11.38 -1.64 2.75
CA GLU A 37 11.01 -2.01 4.11
C GLU A 37 10.38 -0.81 4.84
N ARG A 38 10.74 0.43 4.49
CA ARG A 38 10.15 1.62 5.12
C ARG A 38 8.65 1.69 4.87
N ALA A 39 8.17 1.16 3.73
CA ALA A 39 6.76 1.05 3.44
C ALA A 39 6.14 -0.06 4.29
N ILE A 40 6.76 -1.25 4.36
CA ILE A 40 6.25 -2.38 5.13
C ILE A 40 6.06 -1.98 6.60
N GLU A 41 6.98 -1.18 7.14
CA GLU A 41 6.92 -0.72 8.51
C GLU A 41 5.84 0.34 8.68
N ALA A 42 5.89 1.40 7.87
CA ALA A 42 4.95 2.51 7.97
C ALA A 42 3.51 2.08 7.71
N LEU A 43 3.30 0.94 7.03
CA LEU A 43 2.00 0.31 6.86
C LEU A 43 1.41 -0.14 8.19
N LYS A 44 2.19 -0.74 9.11
CA LYS A 44 1.69 -1.05 10.45
C LYS A 44 1.48 0.23 11.26
N GLU A 45 2.19 1.32 10.96
CA GLU A 45 1.94 2.62 11.57
C GLU A 45 0.69 3.30 10.98
N PHE A 46 -0.33 2.53 10.61
CA PHE A 46 -1.67 3.03 10.34
C PHE A 46 -2.67 2.12 11.04
N ASN A 47 -3.83 2.69 11.39
CA ASN A 47 -5.02 1.91 11.70
C ASN A 47 -5.69 1.46 10.42
N GLU A 48 -6.76 0.69 10.58
CA GLU A 48 -7.52 0.07 9.52
C GLU A 48 -8.03 1.11 8.53
N ASP A 49 -8.86 2.05 8.99
CA ASP A 49 -9.42 3.10 8.14
C ASP A 49 -8.35 4.06 7.65
N GLY A 50 -7.24 4.16 8.39
CA GLY A 50 -6.04 4.86 7.98
C GLY A 50 -5.52 4.26 6.69
N ALA A 51 -5.02 3.02 6.78
CA ALA A 51 -4.42 2.29 5.68
C ALA A 51 -5.39 2.13 4.51
N LEU A 52 -6.67 1.87 4.79
CA LEU A 52 -7.68 1.71 3.73
C LEU A 52 -7.84 2.99 2.92
N ALA A 53 -7.80 4.17 3.57
CA ALA A 53 -7.81 5.42 2.84
C ALA A 53 -6.55 5.52 1.96
N VAL A 54 -5.37 5.23 2.51
CA VAL A 54 -4.11 5.28 1.75
C VAL A 54 -4.21 4.39 0.50
N LEU A 55 -4.82 3.20 0.61
CA LEU A 55 -4.89 2.23 -0.49
C LEU A 55 -5.81 2.76 -1.57
N GLN A 56 -6.97 3.28 -1.18
CA GLN A 56 -7.91 3.90 -2.11
C GLN A 56 -7.22 5.04 -2.82
N GLN A 57 -6.60 5.97 -2.09
CA GLN A 57 -6.09 7.20 -2.71
C GLN A 57 -4.90 6.90 -3.62
N PHE A 58 -4.12 5.88 -3.27
CA PHE A 58 -3.02 5.36 -4.07
C PHE A 58 -3.53 4.71 -5.37
N LYS A 59 -4.65 3.98 -5.33
CA LYS A 59 -5.32 3.49 -6.53
C LYS A 59 -5.91 4.65 -7.32
N ASP A 60 -6.55 5.61 -6.66
CA ASP A 60 -7.10 6.84 -7.23
C ASP A 60 -5.98 7.86 -7.50
N SER A 61 -4.89 7.40 -8.11
CA SER A 61 -3.79 8.18 -8.64
C SER A 61 -3.52 7.70 -10.06
N ASP A 62 -2.48 8.22 -10.68
CA ASP A 62 -2.01 7.84 -11.99
C ASP A 62 -0.59 7.33 -11.88
N LEU A 63 -0.45 6.03 -12.12
CA LEU A 63 0.82 5.31 -12.09
C LEU A 63 1.40 5.20 -13.51
N SER A 64 1.13 6.18 -14.37
CA SER A 64 1.87 6.38 -15.60
C SER A 64 3.26 6.89 -15.23
N HIS A 65 3.37 8.14 -14.74
CA HIS A 65 4.63 8.83 -14.46
C HIS A 65 5.26 8.41 -13.13
N VAL A 66 5.22 7.13 -12.78
CA VAL A 66 5.95 6.55 -11.67
C VAL A 66 7.11 5.71 -12.21
N GLN A 67 8.08 5.34 -11.36
CA GLN A 67 9.13 4.39 -11.66
C GLN A 67 9.41 3.56 -10.39
N ASN A 68 10.01 4.21 -9.41
CA ASN A 68 10.05 3.88 -7.99
C ASN A 68 8.65 3.75 -7.41
N LYS A 69 7.96 2.64 -7.69
CA LYS A 69 6.64 2.34 -7.14
C LYS A 69 6.63 2.47 -5.61
N SER A 70 7.74 2.18 -4.93
CA SER A 70 7.85 2.29 -3.50
C SER A 70 7.72 3.74 -3.08
N ALA A 71 8.58 4.62 -3.62
CA ALA A 71 8.63 6.02 -3.24
C ALA A 71 7.29 6.71 -3.47
N PHE A 72 6.56 6.29 -4.51
CA PHE A 72 5.23 6.82 -4.79
C PHE A 72 4.30 6.53 -3.61
N LEU A 73 4.22 5.27 -3.21
CA LEU A 73 3.36 4.84 -2.10
C LEU A 73 3.80 5.53 -0.80
N CYS A 74 5.12 5.58 -0.61
CA CYS A 74 5.78 6.24 0.50
C CYS A 74 5.37 7.71 0.58
N GLY A 75 5.18 8.38 -0.56
CA GLY A 75 4.67 9.73 -0.67
C GLY A 75 3.26 9.82 -0.10
N VAL A 76 2.32 9.02 -0.64
CA VAL A 76 0.93 9.00 -0.19
C VAL A 76 0.88 8.73 1.32
N MET A 77 1.62 7.72 1.81
CA MET A 77 1.72 7.39 3.23
C MET A 77 2.13 8.61 4.06
N LYS A 78 3.15 9.37 3.65
CA LYS A 78 3.58 10.55 4.40
C LYS A 78 2.41 11.52 4.52
N THR A 79 1.74 11.83 3.42
CA THR A 79 0.61 12.74 3.39
C THR A 79 -0.43 12.38 4.45
N TYR A 80 -0.73 11.09 4.60
CA TYR A 80 -1.75 10.61 5.52
C TYR A 80 -1.37 10.72 7.00
N ARG A 81 -0.11 10.46 7.38
CA ARG A 81 0.35 10.70 8.75
C ARG A 81 0.53 12.19 9.03
N GLN A 82 0.71 13.01 7.99
CA GLN A 82 0.94 14.44 8.10
C GLN A 82 -0.36 15.18 7.81
N ARG A 83 -1.34 15.05 8.72
CA ARG A 83 -2.66 15.66 8.60
C ARG A 83 -2.96 16.43 9.87
N GLU A 84 -2.24 17.53 10.08
CA GLU A 84 -2.42 18.39 11.22
C GLU A 84 -2.68 19.79 10.68
N LYS A 85 -3.81 20.41 11.04
CA LYS A 85 -4.24 21.64 10.43
C LYS A 85 -5.06 22.42 11.45
N GLY A 1 -9.56 -12.99 -3.78
CA GLY A 1 -8.40 -12.31 -4.35
C GLY A 1 -7.43 -13.32 -4.91
N SER A 2 -6.14 -13.16 -4.63
CA SER A 2 -5.08 -13.99 -5.16
C SER A 2 -4.18 -14.49 -4.03
N GLU A 3 -3.12 -15.17 -4.41
CA GLU A 3 -2.09 -15.75 -3.56
C GLU A 3 -1.26 -14.71 -2.79
N ASN A 4 -1.27 -13.43 -3.20
CA ASN A 4 -0.51 -12.40 -2.49
C ASN A 4 -1.13 -12.18 -1.12
N PHE A 5 -2.46 -12.25 -1.04
CA PHE A 5 -3.27 -12.00 0.14
C PHE A 5 -2.73 -12.72 1.37
N GLN A 6 -2.51 -14.04 1.27
CA GLN A 6 -2.08 -14.86 2.40
C GLN A 6 -0.75 -14.37 2.96
N THR A 7 0.24 -14.12 2.11
CA THR A 7 1.57 -13.74 2.54
C THR A 7 1.53 -12.34 3.19
N LEU A 8 0.69 -11.45 2.68
CA LEU A 8 0.60 -10.08 3.16
C LEU A 8 -0.15 -9.99 4.50
N LEU A 9 -1.16 -10.83 4.70
CA LEU A 9 -1.76 -11.05 6.02
C LEU A 9 -0.69 -11.45 7.03
N ASP A 10 0.30 -12.22 6.57
CA ASP A 10 1.34 -12.79 7.42
C ASP A 10 2.48 -11.79 7.66
N ALA A 11 2.60 -10.79 6.78
CA ALA A 11 3.53 -9.67 6.88
C ALA A 11 3.15 -8.68 7.98
N GLY A 12 2.08 -8.95 8.72
CA GLY A 12 1.64 -8.17 9.87
C GLY A 12 0.45 -7.27 9.56
N LEU A 13 -0.07 -7.30 8.34
CA LEU A 13 -1.05 -6.33 7.89
C LEU A 13 -2.45 -6.77 8.32
N PRO A 14 -3.35 -5.84 8.67
CA PRO A 14 -4.74 -6.17 8.95
C PRO A 14 -5.41 -6.73 7.69
N GLN A 15 -6.47 -7.52 7.88
CA GLN A 15 -7.25 -8.14 6.82
C GLN A 15 -7.81 -7.06 5.93
N LYS A 16 -8.37 -6.00 6.53
CA LYS A 16 -9.09 -4.99 5.77
C LYS A 16 -8.17 -4.33 4.74
N VAL A 17 -6.92 -4.07 5.12
CA VAL A 17 -5.85 -3.60 4.25
C VAL A 17 -5.55 -4.68 3.22
N ALA A 18 -5.18 -5.88 3.68
CA ALA A 18 -4.74 -6.98 2.83
C ALA A 18 -5.72 -7.26 1.68
N GLU A 19 -7.04 -7.28 1.92
CA GLU A 19 -8.01 -7.57 0.87
C GLU A 19 -7.90 -6.58 -0.30
N LYS A 20 -7.72 -5.29 -0.02
CA LYS A 20 -7.54 -4.27 -1.06
C LYS A 20 -6.15 -4.37 -1.69
N LEU A 21 -5.13 -4.64 -0.89
CA LEU A 21 -3.72 -4.55 -1.27
C LEU A 21 -3.36 -5.65 -2.25
N ASP A 22 -3.88 -6.85 -2.02
CA ASP A 22 -3.69 -8.02 -2.89
C ASP A 22 -4.08 -7.70 -4.33
N GLU A 23 -5.23 -7.07 -4.53
CA GLU A 23 -5.77 -6.65 -5.82
C GLU A 23 -4.84 -5.71 -6.60
N ILE A 24 -3.96 -4.99 -5.90
CA ILE A 24 -3.03 -4.05 -6.53
C ILE A 24 -1.90 -4.85 -7.21
N TYR A 25 -1.60 -6.08 -6.76
CA TYR A 25 -0.63 -7.00 -7.34
C TYR A 25 -1.25 -7.92 -8.40
N VAL A 26 -2.58 -7.94 -8.52
CA VAL A 26 -3.31 -8.80 -9.45
C VAL A 26 -3.41 -8.19 -10.85
N ALA A 27 -3.48 -6.87 -10.97
CA ALA A 27 -3.82 -6.20 -12.23
C ALA A 27 -2.59 -5.85 -13.07
N GLY A 28 -1.42 -6.40 -12.76
CA GLY A 28 -0.17 -6.13 -13.47
C GLY A 28 0.23 -4.65 -13.40
N LEU A 29 -0.11 -3.99 -12.30
CA LEU A 29 0.24 -2.62 -11.95
C LEU A 29 1.62 -2.63 -11.33
N VAL A 30 1.74 -3.26 -10.17
CA VAL A 30 2.99 -3.32 -9.42
C VAL A 30 3.29 -4.77 -9.05
N ALA A 31 4.58 -5.07 -8.80
CA ALA A 31 5.01 -6.36 -8.28
C ALA A 31 4.91 -6.39 -6.77
N HIS A 32 4.76 -7.58 -6.19
CA HIS A 32 4.75 -7.76 -4.74
C HIS A 32 6.08 -7.34 -4.09
N SER A 33 7.16 -7.18 -4.86
CA SER A 33 8.50 -6.78 -4.42
C SER A 33 8.97 -5.47 -5.07
N ASP A 34 8.05 -4.63 -5.56
CA ASP A 34 8.41 -3.32 -6.15
C ASP A 34 8.56 -2.21 -5.10
N LEU A 35 8.29 -2.55 -3.85
CA LEU A 35 8.31 -1.68 -2.70
C LEU A 35 9.66 -1.77 -2.01
N ASP A 36 9.79 -1.15 -0.85
CA ASP A 36 10.94 -1.32 0.03
C ASP A 36 10.53 -1.67 1.45
N GLU A 37 11.51 -1.94 2.30
CA GLU A 37 11.30 -2.33 3.69
C GLU A 37 10.62 -1.20 4.48
N ARG A 38 10.92 0.05 4.12
CA ARG A 38 10.36 1.23 4.76
C ARG A 38 8.84 1.24 4.58
N ALA A 39 8.37 0.80 3.41
CA ALA A 39 6.96 0.67 3.12
C ALA A 39 6.32 -0.36 4.04
N ILE A 40 7.00 -1.48 4.34
CA ILE A 40 6.43 -2.53 5.21
C ILE A 40 6.19 -1.97 6.61
N GLU A 41 7.21 -1.34 7.20
CA GLU A 41 7.10 -0.78 8.54
C GLU A 41 6.02 0.30 8.57
N ALA A 42 6.10 1.27 7.65
CA ALA A 42 5.17 2.38 7.63
C ALA A 42 3.73 1.94 7.37
N LEU A 43 3.52 0.82 6.66
CA LEU A 43 2.20 0.19 6.53
C LEU A 43 1.67 -0.24 7.91
N LYS A 44 2.46 -0.98 8.70
CA LYS A 44 2.02 -1.35 10.04
C LYS A 44 1.74 -0.11 10.90
N GLU A 45 2.56 0.94 10.81
CA GLU A 45 2.37 2.17 11.58
C GLU A 45 1.24 3.05 11.00
N PHE A 46 0.16 2.44 10.53
CA PHE A 46 -1.12 3.07 10.31
C PHE A 46 -2.18 2.22 10.98
N ASN A 47 -3.23 2.84 11.51
CA ASN A 47 -4.45 2.14 11.86
C ASN A 47 -5.16 1.64 10.62
N GLU A 48 -6.18 0.82 10.85
CA GLU A 48 -7.07 0.25 9.87
C GLU A 48 -7.58 1.32 8.91
N ASP A 49 -8.34 2.30 9.44
CA ASP A 49 -9.02 3.30 8.64
C ASP A 49 -8.02 4.21 7.93
N GLY A 50 -6.85 4.44 8.54
CA GLY A 50 -5.80 5.25 7.98
C GLY A 50 -5.15 4.55 6.81
N ALA A 51 -4.70 3.32 7.00
CA ALA A 51 -4.09 2.47 5.98
C ALA A 51 -5.06 2.23 4.81
N LEU A 52 -6.36 2.07 5.06
CA LEU A 52 -7.33 1.94 3.97
C LEU A 52 -7.31 3.17 3.08
N ALA A 53 -7.27 4.37 3.67
CA ALA A 53 -7.21 5.59 2.90
C ALA A 53 -5.94 5.64 2.04
N VAL A 54 -4.82 5.28 2.64
CA VAL A 54 -3.54 5.20 1.97
C VAL A 54 -3.62 4.23 0.77
N LEU A 55 -4.35 3.12 0.90
CA LEU A 55 -4.47 2.11 -0.16
C LEU A 55 -5.39 2.60 -1.27
N GLN A 56 -6.57 3.11 -0.91
CA GLN A 56 -7.57 3.52 -1.88
C GLN A 56 -6.95 4.58 -2.80
N GLN A 57 -6.17 5.51 -2.22
CA GLN A 57 -5.58 6.62 -2.96
C GLN A 57 -4.29 6.23 -3.66
N PHE A 58 -3.77 5.05 -3.35
CA PHE A 58 -2.72 4.41 -4.14
C PHE A 58 -3.28 4.04 -5.51
N LYS A 59 -4.30 3.18 -5.54
CA LYS A 59 -4.91 2.73 -6.80
C LYS A 59 -5.60 3.89 -7.51
N ASP A 60 -6.27 4.78 -6.76
CA ASP A 60 -7.02 5.93 -7.28
C ASP A 60 -6.07 7.09 -7.54
N SER A 61 -5.04 6.82 -8.34
CA SER A 61 -4.06 7.77 -8.84
C SER A 61 -3.61 7.28 -10.23
N ASP A 62 -2.61 7.93 -10.81
CA ASP A 62 -2.02 7.60 -12.09
C ASP A 62 -0.51 7.52 -11.91
N LEU A 63 0.03 6.32 -12.11
CA LEU A 63 1.42 5.93 -11.93
C LEU A 63 2.15 5.90 -13.28
N SER A 64 1.68 6.65 -14.27
CA SER A 64 2.23 6.69 -15.63
C SER A 64 3.61 7.39 -15.68
N HIS A 65 3.94 8.25 -14.72
CA HIS A 65 5.14 9.09 -14.74
C HIS A 65 6.01 8.89 -13.49
N VAL A 66 5.76 7.86 -12.69
CA VAL A 66 6.60 7.58 -11.53
C VAL A 66 7.73 6.63 -11.94
N GLN A 67 8.94 6.84 -11.42
CA GLN A 67 10.08 5.99 -11.74
C GLN A 67 10.11 4.74 -10.86
N ASN A 68 9.71 4.87 -9.58
CA ASN A 68 9.99 3.92 -8.51
C ASN A 68 8.71 3.78 -7.69
N LYS A 69 8.13 2.57 -7.62
CA LYS A 69 6.78 2.41 -7.08
C LYS A 69 6.68 2.77 -5.60
N SER A 70 7.70 2.41 -4.83
CA SER A 70 7.82 2.70 -3.40
C SER A 70 7.84 4.21 -3.24
N ALA A 71 8.54 4.95 -4.12
CA ALA A 71 8.63 6.40 -4.04
C ALA A 71 7.26 7.08 -4.23
N PHE A 72 6.29 6.40 -4.82
CA PHE A 72 4.94 6.93 -4.92
C PHE A 72 4.24 6.73 -3.58
N LEU A 73 4.30 5.47 -3.12
CA LEU A 73 3.61 4.99 -1.94
C LEU A 73 4.09 5.80 -0.74
N CYS A 74 5.41 5.97 -0.62
CA CYS A 74 6.08 6.64 0.47
C CYS A 74 5.61 8.09 0.58
N GLY A 75 5.17 8.69 -0.53
CA GLY A 75 4.66 10.06 -0.52
C GLY A 75 3.24 10.11 0.05
N VAL A 76 2.33 9.29 -0.49
CA VAL A 76 0.93 9.26 -0.07
C VAL A 76 0.85 8.96 1.44
N MET A 77 1.67 8.04 1.96
CA MET A 77 1.70 7.76 3.40
C MET A 77 1.97 9.04 4.19
N LYS A 78 2.95 9.83 3.75
CA LYS A 78 3.42 10.97 4.50
C LYS A 78 2.28 11.98 4.65
N THR A 79 1.69 12.39 3.52
CA THR A 79 0.62 13.37 3.56
C THR A 79 -0.60 12.82 4.32
N TYR A 80 -0.93 11.53 4.20
CA TYR A 80 -2.01 10.96 5.00
C TYR A 80 -1.78 11.09 6.51
N ARG A 81 -0.57 10.82 6.99
CA ARG A 81 -0.27 10.89 8.40
C ARG A 81 -0.06 12.34 8.87
N GLN A 82 0.06 13.30 7.96
CA GLN A 82 0.20 14.72 8.25
C GLN A 82 -0.81 15.52 7.41
N ARG A 83 -2.08 15.46 7.80
CA ARG A 83 -3.20 16.08 7.09
C ARG A 83 -4.00 17.07 7.93
N GLU A 84 -3.61 17.27 9.18
CA GLU A 84 -3.95 18.47 9.91
C GLU A 84 -3.23 19.65 9.23
N LYS A 85 -3.74 20.84 9.50
CA LYS A 85 -3.02 22.09 9.34
C LYS A 85 -2.42 22.40 10.69
N GLY A 1 -9.42 -13.71 -3.79
CA GLY A 1 -8.11 -13.11 -4.05
C GLY A 1 -7.18 -14.09 -4.73
N SER A 2 -5.89 -13.81 -4.64
CA SER A 2 -4.82 -14.56 -5.26
C SER A 2 -3.70 -14.82 -4.24
N GLU A 3 -2.58 -15.39 -4.72
CA GLU A 3 -1.40 -15.82 -3.97
C GLU A 3 -1.00 -14.74 -2.95
N ASN A 4 -1.01 -13.50 -3.40
CA ASN A 4 -0.54 -12.34 -2.65
C ASN A 4 -1.32 -12.21 -1.37
N PHE A 5 -2.63 -12.46 -1.38
CA PHE A 5 -3.53 -12.29 -0.25
C PHE A 5 -3.00 -13.03 0.97
N GLN A 6 -2.80 -14.35 0.88
CA GLN A 6 -2.41 -15.11 2.05
C GLN A 6 -1.01 -14.68 2.53
N THR A 7 -0.10 -14.41 1.62
CA THR A 7 1.24 -13.97 1.99
C THR A 7 1.18 -12.59 2.67
N LEU A 8 0.29 -11.69 2.23
CA LEU A 8 0.06 -10.40 2.88
C LEU A 8 -0.48 -10.58 4.30
N LEU A 9 -1.33 -11.58 4.53
CA LEU A 9 -1.85 -11.89 5.86
C LEU A 9 -0.75 -12.36 6.81
N ASP A 10 0.40 -12.80 6.27
CA ASP A 10 1.58 -13.15 7.06
C ASP A 10 2.60 -12.00 7.09
N ALA A 11 2.43 -11.00 6.21
CA ALA A 11 3.32 -9.86 6.04
C ALA A 11 3.21 -8.85 7.18
N GLY A 12 2.35 -9.11 8.17
CA GLY A 12 2.12 -8.23 9.30
C GLY A 12 0.83 -7.43 9.19
N LEU A 13 -0.09 -7.81 8.29
CA LEU A 13 -1.23 -6.96 7.92
C LEU A 13 -2.56 -7.56 8.37
N PRO A 14 -3.60 -6.74 8.62
CA PRO A 14 -4.95 -7.21 8.91
C PRO A 14 -5.61 -7.78 7.65
N GLN A 15 -6.65 -8.61 7.84
CA GLN A 15 -7.40 -9.20 6.74
C GLN A 15 -8.07 -8.08 5.96
N LYS A 16 -8.71 -7.16 6.68
CA LYS A 16 -9.57 -6.14 6.10
C LYS A 16 -8.86 -5.27 5.07
N VAL A 17 -7.60 -4.93 5.30
CA VAL A 17 -6.81 -4.13 4.37
C VAL A 17 -6.35 -5.06 3.24
N ALA A 18 -5.89 -6.27 3.56
CA ALA A 18 -5.43 -7.21 2.54
C ALA A 18 -6.48 -7.45 1.46
N GLU A 19 -7.78 -7.40 1.81
CA GLU A 19 -8.88 -7.57 0.87
C GLU A 19 -8.93 -6.53 -0.24
N LYS A 20 -8.34 -5.35 -0.05
CA LYS A 20 -8.20 -4.34 -1.11
C LYS A 20 -6.79 -4.26 -1.66
N LEU A 21 -5.84 -4.99 -1.07
CA LEU A 21 -4.41 -4.84 -1.29
C LEU A 21 -3.86 -5.97 -2.16
N ASP A 22 -4.46 -7.16 -2.14
CA ASP A 22 -4.09 -8.26 -3.05
C ASP A 22 -4.25 -7.85 -4.52
N GLU A 23 -5.33 -7.15 -4.87
CA GLU A 23 -5.62 -6.66 -6.23
C GLU A 23 -4.51 -5.76 -6.81
N ILE A 24 -3.72 -5.13 -5.94
CA ILE A 24 -2.65 -4.22 -6.34
C ILE A 24 -1.48 -5.02 -6.93
N TYR A 25 -1.44 -6.32 -6.66
CA TYR A 25 -0.46 -7.27 -7.20
C TYR A 25 -1.03 -8.08 -8.37
N VAL A 26 -2.34 -8.28 -8.39
CA VAL A 26 -3.01 -9.03 -9.45
C VAL A 26 -2.76 -8.35 -10.81
N ALA A 27 -2.99 -7.04 -10.93
CA ALA A 27 -3.14 -6.36 -12.21
C ALA A 27 -1.82 -5.95 -12.87
N GLY A 28 -0.68 -6.26 -12.26
CA GLY A 28 0.62 -5.86 -12.76
C GLY A 28 0.82 -4.35 -12.69
N LEU A 29 0.43 -3.76 -11.55
CA LEU A 29 0.77 -2.42 -11.10
C LEU A 29 2.15 -2.50 -10.46
N VAL A 30 2.26 -3.06 -9.24
CA VAL A 30 3.57 -3.33 -8.62
C VAL A 30 3.99 -4.80 -8.67
N ALA A 31 5.29 -5.01 -8.79
CA ALA A 31 6.01 -6.25 -8.99
C ALA A 31 6.12 -7.17 -7.76
N HIS A 32 5.16 -7.10 -6.84
CA HIS A 32 5.15 -7.63 -5.48
C HIS A 32 6.30 -7.22 -4.56
N SER A 33 7.45 -6.77 -5.07
CA SER A 33 8.60 -6.37 -4.27
C SER A 33 9.13 -4.99 -4.65
N ASP A 34 8.33 -4.19 -5.37
CA ASP A 34 8.72 -2.88 -5.93
C ASP A 34 9.07 -1.83 -4.86
N LEU A 35 8.69 -2.09 -3.60
CA LEU A 35 8.56 -1.10 -2.54
C LEU A 35 9.86 -0.92 -1.79
N ASP A 36 9.92 0.09 -0.91
CA ASP A 36 11.07 0.36 -0.04
C ASP A 36 10.73 -0.07 1.37
N GLU A 37 11.76 -0.31 2.18
CA GLU A 37 11.70 -0.74 3.58
C GLU A 37 10.71 0.14 4.36
N ARG A 38 10.83 1.46 4.18
CA ARG A 38 10.01 2.43 4.91
C ARG A 38 8.54 2.22 4.69
N ALA A 39 8.14 1.80 3.49
CA ALA A 39 6.76 1.55 3.20
C ALA A 39 6.30 0.25 3.86
N ILE A 40 7.18 -0.73 4.05
CA ILE A 40 6.83 -1.96 4.77
C ILE A 40 6.67 -1.68 6.26
N GLU A 41 7.56 -0.86 6.84
CA GLU A 41 7.44 -0.43 8.22
C GLU A 41 6.16 0.38 8.38
N ALA A 42 6.04 1.48 7.62
CA ALA A 42 4.94 2.43 7.73
C ALA A 42 3.59 1.73 7.64
N LEU A 43 3.44 0.74 6.77
CA LEU A 43 2.25 -0.09 6.65
C LEU A 43 1.79 -0.60 8.02
N LYS A 44 2.68 -1.24 8.79
CA LYS A 44 2.33 -1.75 10.12
C LYS A 44 2.00 -0.62 11.10
N GLU A 45 2.59 0.57 10.91
CA GLU A 45 2.40 1.69 11.81
C GLU A 45 1.00 2.33 11.67
N PHE A 46 0.28 2.05 10.58
CA PHE A 46 -1.06 2.56 10.32
C PHE A 46 -2.11 1.67 10.97
N ASN A 47 -3.07 2.36 11.57
CA ASN A 47 -4.40 1.85 11.83
C ASN A 47 -5.09 1.46 10.54
N GLU A 48 -6.18 0.73 10.72
CA GLU A 48 -6.99 0.18 9.66
C GLU A 48 -7.48 1.30 8.73
N ASP A 49 -8.19 2.28 9.29
CA ASP A 49 -8.73 3.39 8.50
C ASP A 49 -7.63 4.19 7.81
N GLY A 50 -6.45 4.25 8.46
CA GLY A 50 -5.25 4.80 7.89
C GLY A 50 -4.92 4.05 6.62
N ALA A 51 -4.56 2.77 6.74
CA ALA A 51 -4.17 1.94 5.61
C ALA A 51 -5.21 1.91 4.49
N LEU A 52 -6.49 1.82 4.81
CA LEU A 52 -7.59 1.82 3.83
C LEU A 52 -7.58 3.11 3.00
N ALA A 53 -7.35 4.25 3.64
CA ALA A 53 -7.25 5.52 2.96
C ALA A 53 -5.93 5.63 2.17
N VAL A 54 -4.81 5.19 2.76
CA VAL A 54 -3.48 5.12 2.13
C VAL A 54 -3.56 4.33 0.83
N LEU A 55 -4.47 3.36 0.75
CA LEU A 55 -4.68 2.53 -0.40
C LEU A 55 -5.44 3.31 -1.44
N GLN A 56 -6.60 3.86 -1.08
CA GLN A 56 -7.45 4.53 -2.04
C GLN A 56 -6.67 5.64 -2.72
N GLN A 57 -6.02 6.53 -1.97
CA GLN A 57 -5.40 7.72 -2.56
C GLN A 57 -4.15 7.40 -3.38
N PHE A 58 -3.71 6.16 -3.31
CA PHE A 58 -2.63 5.60 -4.08
C PHE A 58 -3.16 4.92 -5.34
N LYS A 59 -4.06 3.94 -5.20
CA LYS A 59 -4.70 3.23 -6.31
C LYS A 59 -5.44 4.21 -7.23
N ASP A 60 -6.01 5.28 -6.68
CA ASP A 60 -6.58 6.43 -7.41
C ASP A 60 -5.45 7.33 -7.92
N SER A 61 -4.47 6.79 -8.63
CA SER A 61 -3.46 7.54 -9.37
C SER A 61 -2.91 6.67 -10.51
N ASP A 62 -2.11 7.29 -11.39
CA ASP A 62 -1.71 6.75 -12.67
C ASP A 62 -0.23 6.42 -12.59
N LEU A 63 0.05 5.15 -12.33
CA LEU A 63 1.37 4.69 -11.90
C LEU A 63 2.27 4.31 -13.08
N SER A 64 1.76 4.31 -14.32
CA SER A 64 2.50 3.91 -15.51
C SER A 64 3.90 4.54 -15.55
N HIS A 65 3.99 5.86 -15.47
CA HIS A 65 5.25 6.59 -15.61
C HIS A 65 5.83 7.03 -14.26
N VAL A 66 5.28 6.54 -13.15
CA VAL A 66 5.81 6.80 -11.83
C VAL A 66 7.08 5.98 -11.68
N GLN A 67 8.21 6.66 -11.79
CA GLN A 67 9.54 6.06 -11.75
C GLN A 67 9.84 5.35 -10.44
N ASN A 68 9.24 5.81 -9.33
CA ASN A 68 9.39 5.22 -8.01
C ASN A 68 8.02 4.97 -7.43
N LYS A 69 7.54 3.74 -7.59
CA LYS A 69 6.31 3.26 -6.97
C LYS A 69 6.38 3.46 -5.45
N SER A 70 7.57 3.35 -4.88
CA SER A 70 7.86 3.52 -3.46
C SER A 70 7.71 4.97 -3.04
N ALA A 71 8.36 5.91 -3.76
CA ALA A 71 8.27 7.33 -3.42
C ALA A 71 6.82 7.79 -3.45
N PHE A 72 6.04 7.25 -4.39
CA PHE A 72 4.64 7.61 -4.51
C PHE A 72 3.90 7.14 -3.26
N LEU A 73 4.07 5.87 -2.92
CA LEU A 73 3.31 5.17 -1.89
C LEU A 73 3.65 5.73 -0.51
N CYS A 74 4.94 5.67 -0.17
CA CYS A 74 5.44 6.11 1.12
C CYS A 74 5.21 7.62 1.31
N GLY A 75 5.06 8.37 0.21
CA GLY A 75 4.77 9.79 0.26
C GLY A 75 3.32 10.05 0.64
N VAL A 76 2.35 9.36 0.00
CA VAL A 76 0.93 9.40 0.37
C VAL A 76 0.77 9.03 1.86
N MET A 77 1.45 7.97 2.32
CA MET A 77 1.51 7.63 3.75
C MET A 77 1.93 8.84 4.58
N LYS A 78 3.02 9.49 4.20
CA LYS A 78 3.60 10.58 4.97
C LYS A 78 2.56 11.67 5.21
N THR A 79 1.86 12.11 4.16
CA THR A 79 0.78 13.08 4.30
C THR A 79 -0.34 12.54 5.19
N TYR A 80 -0.78 11.29 4.96
CA TYR A 80 -1.91 10.70 5.68
C TYR A 80 -1.73 10.78 7.18
N ARG A 81 -0.58 10.29 7.67
CA ARG A 81 -0.27 10.23 9.09
C ARG A 81 -0.07 11.64 9.67
N GLN A 82 -0.02 12.68 8.84
CA GLN A 82 0.18 14.08 9.22
C GLN A 82 -0.80 14.98 8.46
N ARG A 83 -2.10 14.78 8.67
CA ARG A 83 -3.13 15.73 8.27
C ARG A 83 -3.22 16.87 9.28
N GLU A 84 -2.07 17.50 9.54
CA GLU A 84 -1.99 18.89 9.93
C GLU A 84 -1.86 19.74 8.67
N LYS A 85 -1.68 21.05 8.83
CA LYS A 85 -1.75 22.05 7.79
C LYS A 85 -0.63 23.00 8.09
N GLY A 1 -8.76 -13.89 -4.25
CA GLY A 1 -7.81 -13.05 -4.96
C GLY A 1 -6.61 -13.87 -5.40
N SER A 2 -5.44 -13.26 -5.49
CA SER A 2 -4.26 -13.89 -6.06
C SER A 2 -3.31 -14.37 -4.95
N GLU A 3 -2.18 -14.93 -5.35
CA GLU A 3 -1.19 -15.46 -4.41
C GLU A 3 -0.63 -14.35 -3.50
N ASN A 4 -0.68 -13.09 -3.95
CA ASN A 4 -0.09 -12.00 -3.19
C ASN A 4 -0.76 -11.94 -1.82
N PHE A 5 -2.07 -12.14 -1.77
CA PHE A 5 -2.90 -12.05 -0.57
C PHE A 5 -2.26 -12.75 0.62
N GLN A 6 -1.90 -14.02 0.48
CA GLN A 6 -1.33 -14.77 1.59
C GLN A 6 0.03 -14.20 2.03
N THR A 7 0.89 -13.84 1.09
CA THR A 7 2.20 -13.25 1.38
C THR A 7 2.05 -11.88 2.04
N LEU A 8 0.99 -11.13 1.72
CA LEU A 8 0.67 -9.87 2.37
C LEU A 8 0.22 -10.11 3.81
N LEU A 9 -0.58 -11.15 4.08
CA LEU A 9 -1.01 -11.49 5.44
C LEU A 9 0.18 -11.84 6.33
N ASP A 10 1.30 -12.26 5.76
CA ASP A 10 2.51 -12.57 6.52
C ASP A 10 3.32 -11.31 6.83
N ALA A 11 3.08 -10.22 6.08
CA ALA A 11 4.01 -9.10 5.98
C ALA A 11 3.94 -8.18 7.20
N GLY A 12 3.07 -8.48 8.16
CA GLY A 12 2.75 -7.63 9.29
C GLY A 12 1.41 -6.91 9.11
N LEU A 13 0.65 -7.24 8.07
CA LEU A 13 -0.57 -6.52 7.71
C LEU A 13 -1.79 -7.23 8.30
N PRO A 14 -2.82 -6.49 8.73
CA PRO A 14 -4.11 -7.08 9.06
C PRO A 14 -4.80 -7.59 7.79
N GLN A 15 -5.82 -8.45 7.95
CA GLN A 15 -6.59 -9.00 6.84
C GLN A 15 -7.20 -7.85 6.08
N LYS A 16 -7.81 -6.90 6.80
CA LYS A 16 -8.61 -5.89 6.17
C LYS A 16 -7.82 -5.03 5.19
N VAL A 17 -6.53 -4.82 5.46
CA VAL A 17 -5.61 -4.07 4.62
C VAL A 17 -5.12 -5.01 3.50
N ALA A 18 -4.63 -6.21 3.84
CA ALA A 18 -4.08 -7.15 2.87
C ALA A 18 -5.08 -7.49 1.76
N GLU A 19 -6.36 -7.63 2.11
CA GLU A 19 -7.48 -7.88 1.22
C GLU A 19 -7.47 -6.90 0.05
N LYS A 20 -7.31 -5.60 0.37
CA LYS A 20 -7.36 -4.51 -0.58
C LYS A 20 -6.02 -4.35 -1.28
N LEU A 21 -4.89 -4.70 -0.65
CA LEU A 21 -3.58 -4.62 -1.27
C LEU A 21 -3.46 -5.60 -2.41
N ASP A 22 -3.93 -6.84 -2.24
CA ASP A 22 -3.76 -7.93 -3.21
C ASP A 22 -4.19 -7.50 -4.61
N GLU A 23 -5.29 -6.77 -4.70
CA GLU A 23 -5.88 -6.20 -5.89
C GLU A 23 -4.88 -5.37 -6.70
N ILE A 24 -4.00 -4.64 -6.02
CA ILE A 24 -3.07 -3.70 -6.65
C ILE A 24 -1.96 -4.49 -7.35
N TYR A 25 -1.84 -5.78 -7.05
CA TYR A 25 -0.88 -6.70 -7.63
C TYR A 25 -1.52 -7.57 -8.73
N VAL A 26 -2.85 -7.53 -8.89
CA VAL A 26 -3.60 -8.23 -9.93
C VAL A 26 -3.51 -7.49 -11.27
N ALA A 27 -3.46 -6.15 -11.27
CA ALA A 27 -3.75 -5.33 -12.45
C ALA A 27 -2.58 -5.16 -13.42
N GLY A 28 -1.40 -5.69 -13.09
CA GLY A 28 -0.17 -5.30 -13.76
C GLY A 28 0.15 -3.82 -13.51
N LEU A 29 -0.29 -3.29 -12.37
CA LEU A 29 0.16 -2.07 -11.72
C LEU A 29 1.54 -2.37 -11.18
N VAL A 30 1.61 -3.00 -10.01
CA VAL A 30 2.88 -3.38 -9.36
C VAL A 30 2.93 -4.89 -9.06
N ALA A 31 4.06 -5.37 -8.53
CA ALA A 31 4.19 -6.71 -7.92
C ALA A 31 4.29 -6.53 -6.42
N HIS A 32 3.92 -7.55 -5.65
CA HIS A 32 3.92 -7.58 -4.20
C HIS A 32 5.25 -7.08 -3.61
N SER A 33 6.37 -7.32 -4.31
CA SER A 33 7.73 -7.03 -3.92
C SER A 33 8.18 -5.59 -4.27
N ASP A 34 7.30 -4.70 -4.77
CA ASP A 34 7.68 -3.34 -5.17
C ASP A 34 8.11 -2.44 -4.01
N LEU A 35 7.83 -2.82 -2.77
CA LEU A 35 7.94 -1.96 -1.60
C LEU A 35 9.27 -2.14 -0.88
N ASP A 36 9.90 -1.04 -0.47
CA ASP A 36 11.09 -1.05 0.37
C ASP A 36 10.64 -1.49 1.77
N GLU A 37 11.56 -2.05 2.56
CA GLU A 37 11.26 -2.48 3.92
C GLU A 37 10.79 -1.30 4.79
N ARG A 38 11.32 -0.10 4.51
CA ARG A 38 10.90 1.14 5.17
C ARG A 38 9.44 1.48 4.93
N ALA A 39 8.90 1.07 3.77
CA ALA A 39 7.50 1.31 3.44
C ALA A 39 6.62 0.25 4.13
N ILE A 40 7.10 -1.00 4.25
CA ILE A 40 6.42 -2.04 5.02
C ILE A 40 6.32 -1.60 6.49
N GLU A 41 7.40 -1.04 7.03
CA GLU A 41 7.43 -0.41 8.34
C GLU A 41 6.34 0.66 8.44
N ALA A 42 6.33 1.63 7.52
CA ALA A 42 5.38 2.73 7.58
C ALA A 42 3.92 2.22 7.55
N LEU A 43 3.63 1.17 6.78
CA LEU A 43 2.29 0.58 6.70
C LEU A 43 1.79 0.13 8.08
N LYS A 44 2.64 -0.48 8.91
CA LYS A 44 2.23 -0.94 10.24
C LYS A 44 1.76 0.22 11.14
N GLU A 45 2.21 1.45 10.93
CA GLU A 45 1.89 2.56 11.85
C GLU A 45 0.45 3.07 11.71
N PHE A 46 -0.23 2.68 10.63
CA PHE A 46 -1.61 3.04 10.34
C PHE A 46 -2.53 1.97 10.94
N ASN A 47 -3.59 2.44 11.59
CA ASN A 47 -4.76 1.62 11.92
C ASN A 47 -5.48 1.19 10.67
N GLU A 48 -6.42 0.28 10.86
CA GLU A 48 -7.28 -0.31 9.86
C GLU A 48 -7.87 0.76 8.94
N ASP A 49 -8.70 1.65 9.48
CA ASP A 49 -9.40 2.68 8.70
C ASP A 49 -8.42 3.66 8.06
N GLY A 50 -7.33 3.99 8.78
CA GLY A 50 -6.33 4.91 8.31
C GLY A 50 -5.61 4.35 7.08
N ALA A 51 -5.21 3.07 7.16
CA ALA A 51 -4.55 2.32 6.12
C ALA A 51 -5.47 2.16 4.91
N LEU A 52 -6.73 1.77 5.12
CA LEU A 52 -7.70 1.63 4.03
C LEU A 52 -7.80 2.93 3.24
N ALA A 53 -7.89 4.05 3.93
CA ALA A 53 -7.98 5.35 3.27
C ALA A 53 -6.79 5.59 2.33
N VAL A 54 -5.57 5.31 2.80
CA VAL A 54 -4.35 5.40 2.00
C VAL A 54 -4.46 4.51 0.75
N LEU A 55 -5.00 3.29 0.88
CA LEU A 55 -5.04 2.32 -0.22
C LEU A 55 -5.98 2.81 -1.31
N GLN A 56 -7.14 3.33 -0.91
CA GLN A 56 -8.15 3.76 -1.88
C GLN A 56 -7.56 4.91 -2.72
N GLN A 57 -6.80 5.83 -2.09
CA GLN A 57 -6.23 6.96 -2.82
C GLN A 57 -5.07 6.51 -3.71
N PHE A 58 -4.33 5.50 -3.28
CA PHE A 58 -3.24 4.91 -4.06
C PHE A 58 -3.80 4.38 -5.39
N LYS A 59 -4.76 3.45 -5.35
CA LYS A 59 -5.35 2.89 -6.57
C LYS A 59 -6.13 3.93 -7.37
N ASP A 60 -6.59 5.02 -6.76
CA ASP A 60 -7.05 6.22 -7.46
C ASP A 60 -5.82 7.01 -7.99
N SER A 61 -4.87 6.36 -8.69
CA SER A 61 -3.76 7.00 -9.38
C SER A 61 -3.27 6.15 -10.57
N ASP A 62 -2.74 6.82 -11.60
CA ASP A 62 -2.21 6.18 -12.80
C ASP A 62 -0.70 6.05 -12.69
N LEU A 63 -0.27 4.96 -12.08
CA LEU A 63 1.11 4.67 -11.70
C LEU A 63 1.95 4.23 -12.92
N SER A 64 1.86 4.97 -14.03
CA SER A 64 2.74 4.88 -15.19
C SER A 64 3.88 5.91 -15.14
N HIS A 65 3.91 6.84 -14.17
CA HIS A 65 4.90 7.92 -14.10
C HIS A 65 5.63 7.94 -12.75
N VAL A 66 5.97 6.75 -12.25
CA VAL A 66 6.44 6.51 -10.90
C VAL A 66 7.68 5.59 -10.92
N GLN A 67 8.87 6.17 -10.78
CA GLN A 67 10.14 5.44 -10.71
C GLN A 67 10.25 4.58 -9.44
N ASN A 68 9.92 5.13 -8.26
CA ASN A 68 9.95 4.41 -6.99
C ASN A 68 8.51 4.17 -6.60
N LYS A 69 8.02 2.97 -6.87
CA LYS A 69 6.66 2.60 -6.51
C LYS A 69 6.49 2.68 -4.98
N SER A 70 7.55 2.36 -4.24
CA SER A 70 7.58 2.41 -2.80
C SER A 70 7.43 3.85 -2.29
N ALA A 71 8.30 4.74 -2.78
CA ALA A 71 8.27 6.14 -2.39
C ALA A 71 6.95 6.81 -2.77
N PHE A 72 6.27 6.33 -3.81
CA PHE A 72 4.94 6.83 -4.16
C PHE A 72 3.97 6.55 -3.02
N LEU A 73 3.87 5.28 -2.61
CA LEU A 73 2.97 4.83 -1.57
C LEU A 73 3.26 5.56 -0.28
N CYS A 74 4.53 5.52 0.13
CA CYS A 74 4.99 6.25 1.31
C CYS A 74 4.73 7.76 1.19
N GLY A 75 4.71 8.34 -0.02
CA GLY A 75 4.37 9.74 -0.26
C GLY A 75 2.91 10.04 0.03
N VAL A 76 1.99 9.14 -0.30
CA VAL A 76 0.59 9.24 0.09
C VAL A 76 0.52 9.14 1.62
N MET A 77 1.18 8.15 2.23
CA MET A 77 1.21 7.99 3.69
C MET A 77 1.79 9.22 4.39
N LYS A 78 2.74 9.91 3.77
CA LYS A 78 3.34 11.13 4.30
C LYS A 78 2.24 12.15 4.53
N THR A 79 1.50 12.52 3.48
CA THR A 79 0.41 13.48 3.64
C THR A 79 -0.67 12.90 4.58
N TYR A 80 -1.15 11.67 4.39
CA TYR A 80 -2.23 11.10 5.21
C TYR A 80 -2.09 11.20 6.73
N ARG A 81 -0.87 11.24 7.29
CA ARG A 81 -0.64 11.41 8.72
C ARG A 81 0.09 12.72 9.06
N GLN A 82 0.43 13.54 8.06
CA GLN A 82 0.72 14.96 8.18
C GLN A 82 -0.15 15.74 7.16
N ARG A 83 -1.45 15.89 7.45
CA ARG A 83 -2.44 16.54 6.58
C ARG A 83 -3.18 17.69 7.29
N GLU A 84 -2.75 18.04 8.49
CA GLU A 84 -3.26 19.11 9.35
C GLU A 84 -2.51 20.42 9.06
N LYS A 85 -2.44 20.74 7.77
CA LYS A 85 -1.79 21.94 7.24
C LYS A 85 -2.48 23.19 7.74
N GLY A 1 -9.08 -13.24 -4.26
CA GLY A 1 -7.71 -12.73 -4.19
C GLY A 1 -6.72 -13.80 -4.63
N SER A 2 -5.45 -13.44 -4.78
CA SER A 2 -4.41 -14.30 -5.33
C SER A 2 -3.22 -14.38 -4.39
N GLU A 3 -2.08 -14.89 -4.86
CA GLU A 3 -0.96 -15.28 -4.01
C GLU A 3 -0.47 -14.17 -3.08
N ASN A 4 -0.62 -12.91 -3.48
CA ASN A 4 -0.15 -11.76 -2.73
C ASN A 4 -0.88 -11.66 -1.39
N PHE A 5 -2.16 -12.03 -1.36
CA PHE A 5 -3.01 -12.00 -0.17
C PHE A 5 -2.37 -12.79 0.96
N GLN A 6 -1.89 -14.00 0.65
CA GLN A 6 -1.25 -14.86 1.62
C GLN A 6 0.01 -14.21 2.15
N THR A 7 0.88 -13.72 1.27
CA THR A 7 2.14 -13.08 1.61
C THR A 7 1.87 -11.91 2.57
N LEU A 8 0.91 -11.05 2.24
CA LEU A 8 0.61 -9.86 3.04
C LEU A 8 0.05 -10.25 4.40
N LEU A 9 -0.79 -11.28 4.46
CA LEU A 9 -1.32 -11.79 5.72
C LEU A 9 -0.22 -12.37 6.60
N ASP A 10 0.97 -12.62 6.06
CA ASP A 10 2.17 -13.08 6.77
C ASP A 10 3.22 -11.98 6.94
N ALA A 11 2.94 -10.76 6.49
CA ALA A 11 3.85 -9.61 6.52
C ALA A 11 3.59 -8.71 7.74
N GLY A 12 3.01 -9.25 8.82
CA GLY A 12 2.66 -8.48 10.00
C GLY A 12 1.47 -7.55 9.79
N LEU A 13 0.67 -7.76 8.74
CA LEU A 13 -0.42 -6.88 8.35
C LEU A 13 -1.78 -7.53 8.58
N PRO A 14 -2.85 -6.73 8.74
CA PRO A 14 -4.23 -7.21 8.87
C PRO A 14 -4.87 -7.65 7.53
N GLN A 15 -6.08 -8.22 7.62
CA GLN A 15 -6.86 -8.75 6.51
C GLN A 15 -7.51 -7.64 5.71
N LYS A 16 -8.12 -6.64 6.36
CA LYS A 16 -8.82 -5.61 5.64
C LYS A 16 -7.88 -4.89 4.65
N VAL A 17 -6.65 -4.60 5.10
CA VAL A 17 -5.55 -4.15 4.26
C VAL A 17 -5.31 -5.21 3.18
N ALA A 18 -4.91 -6.44 3.57
CA ALA A 18 -4.46 -7.51 2.67
C ALA A 18 -5.41 -7.68 1.49
N GLU A 19 -6.71 -7.74 1.77
CA GLU A 19 -7.78 -7.90 0.80
C GLU A 19 -7.66 -6.86 -0.32
N LYS A 20 -7.66 -5.58 0.06
CA LYS A 20 -7.58 -4.48 -0.91
C LYS A 20 -6.21 -4.49 -1.57
N LEU A 21 -5.16 -4.77 -0.80
CA LEU A 21 -3.77 -4.59 -1.20
C LEU A 21 -3.35 -5.63 -2.23
N ASP A 22 -3.76 -6.90 -2.04
CA ASP A 22 -3.59 -8.00 -2.98
C ASP A 22 -4.07 -7.60 -4.37
N GLU A 23 -5.28 -7.06 -4.43
CA GLU A 23 -5.97 -6.62 -5.62
C GLU A 23 -5.25 -5.48 -6.36
N ILE A 24 -4.31 -4.79 -5.73
CA ILE A 24 -3.51 -3.77 -6.41
C ILE A 24 -2.50 -4.47 -7.33
N TYR A 25 -2.04 -5.66 -6.95
CA TYR A 25 -1.05 -6.42 -7.69
C TYR A 25 -1.72 -7.24 -8.78
N VAL A 26 -2.79 -7.98 -8.44
CA VAL A 26 -3.47 -8.89 -9.36
C VAL A 26 -3.88 -8.19 -10.66
N ALA A 27 -4.35 -6.94 -10.57
CA ALA A 27 -4.86 -6.19 -11.70
C ALA A 27 -3.76 -5.76 -12.68
N GLY A 28 -2.51 -6.12 -12.41
CA GLY A 28 -1.37 -5.89 -13.28
C GLY A 28 -0.70 -4.55 -13.05
N LEU A 29 -1.11 -3.81 -12.02
CA LEU A 29 -0.77 -2.40 -11.87
C LEU A 29 0.68 -2.27 -11.39
N VAL A 30 0.99 -2.85 -10.23
CA VAL A 30 2.35 -2.84 -9.64
C VAL A 30 2.82 -4.25 -9.24
N ALA A 31 4.11 -4.43 -8.93
CA ALA A 31 4.65 -5.66 -8.37
C ALA A 31 4.38 -5.72 -6.87
N HIS A 32 4.34 -6.92 -6.29
CA HIS A 32 4.17 -7.05 -4.84
C HIS A 32 5.46 -6.68 -4.12
N SER A 33 6.63 -7.04 -4.66
CA SER A 33 7.92 -6.74 -4.04
C SER A 33 8.39 -5.30 -4.29
N ASP A 34 7.54 -4.45 -4.88
CA ASP A 34 7.95 -3.16 -5.45
C ASP A 34 8.21 -2.08 -4.39
N LEU A 35 7.95 -2.37 -3.12
CA LEU A 35 8.06 -1.44 -2.01
C LEU A 35 9.27 -1.76 -1.16
N ASP A 36 9.60 -0.84 -0.25
CA ASP A 36 10.79 -0.86 0.58
C ASP A 36 10.41 -1.19 2.02
N GLU A 37 11.42 -1.41 2.87
CA GLU A 37 11.26 -1.71 4.29
C GLU A 37 10.36 -0.68 4.99
N ARG A 38 10.59 0.60 4.71
CA ARG A 38 9.80 1.73 5.19
C ARG A 38 8.33 1.64 4.82
N ALA A 39 7.95 0.91 3.78
CA ALA A 39 6.56 0.69 3.46
C ALA A 39 5.96 -0.39 4.34
N ILE A 40 6.72 -1.44 4.70
CA ILE A 40 6.29 -2.44 5.69
C ILE A 40 6.11 -1.73 7.03
N GLU A 41 7.19 -1.13 7.54
CA GLU A 41 7.26 -0.58 8.88
C GLU A 41 6.19 0.50 9.09
N ALA A 42 6.06 1.44 8.15
CA ALA A 42 5.13 2.54 8.32
C ALA A 42 3.68 2.07 8.23
N LEU A 43 3.38 1.02 7.45
CA LEU A 43 2.05 0.39 7.45
C LEU A 43 1.64 -0.02 8.86
N LYS A 44 2.57 -0.52 9.69
CA LYS A 44 2.27 -0.91 11.07
C LYS A 44 1.84 0.30 11.91
N GLU A 45 2.27 1.51 11.56
CA GLU A 45 1.92 2.73 12.28
C GLU A 45 0.47 3.16 12.00
N PHE A 46 -0.14 2.67 10.93
CA PHE A 46 -1.50 3.01 10.54
C PHE A 46 -2.47 2.06 11.22
N ASN A 47 -3.58 2.63 11.66
CA ASN A 47 -4.80 1.92 12.00
C ASN A 47 -5.43 1.37 10.73
N GLU A 48 -6.51 0.63 10.94
CA GLU A 48 -7.24 -0.04 9.90
C GLU A 48 -7.68 0.94 8.79
N ASP A 49 -8.45 1.95 9.16
CA ASP A 49 -9.08 2.81 8.17
C ASP A 49 -8.10 3.82 7.60
N GLY A 50 -7.09 4.19 8.38
CA GLY A 50 -5.99 5.01 7.88
C GLY A 50 -5.26 4.27 6.78
N ALA A 51 -4.89 3.00 7.01
CA ALA A 51 -4.27 2.18 5.99
C ALA A 51 -5.18 2.03 4.78
N LEU A 52 -6.49 1.79 4.98
CA LEU A 52 -7.42 1.66 3.86
C LEU A 52 -7.55 2.96 3.08
N ALA A 53 -7.51 4.12 3.73
CA ALA A 53 -7.54 5.40 3.03
C ALA A 53 -6.25 5.59 2.22
N VAL A 54 -5.10 5.26 2.80
CA VAL A 54 -3.83 5.29 2.09
C VAL A 54 -3.92 4.43 0.82
N LEU A 55 -4.55 3.25 0.89
CA LEU A 55 -4.62 2.31 -0.23
C LEU A 55 -5.64 2.76 -1.27
N GLN A 56 -6.78 3.31 -0.84
CA GLN A 56 -7.80 3.76 -1.78
C GLN A 56 -7.29 4.95 -2.59
N GLN A 57 -6.39 5.78 -2.04
CA GLN A 57 -5.74 6.82 -2.84
C GLN A 57 -4.68 6.21 -3.77
N PHE A 58 -3.98 5.19 -3.29
CA PHE A 58 -2.87 4.57 -4.00
C PHE A 58 -3.29 4.08 -5.40
N LYS A 59 -4.30 3.20 -5.49
CA LYS A 59 -4.70 2.62 -6.78
C LYS A 59 -5.23 3.70 -7.73
N ASP A 60 -5.82 4.76 -7.20
CA ASP A 60 -6.51 5.81 -7.96
C ASP A 60 -5.55 6.75 -8.70
N SER A 61 -4.26 6.44 -8.77
CA SER A 61 -3.21 7.28 -9.32
C SER A 61 -2.62 6.71 -10.63
N ASP A 62 -1.87 7.51 -11.38
CA ASP A 62 -1.31 7.14 -12.68
C ASP A 62 0.11 6.66 -12.45
N LEU A 63 0.29 5.36 -12.53
CA LEU A 63 1.54 4.71 -12.16
C LEU A 63 2.49 4.55 -13.35
N SER A 64 2.07 4.85 -14.58
CA SER A 64 2.79 4.55 -15.82
C SER A 64 4.18 5.19 -15.93
N HIS A 65 4.44 6.33 -15.28
CA HIS A 65 5.65 7.14 -15.47
C HIS A 65 6.30 7.52 -14.14
N VAL A 66 5.91 6.83 -13.06
CA VAL A 66 6.37 7.09 -11.71
C VAL A 66 7.88 6.82 -11.61
N GLN A 67 8.54 7.49 -10.65
CA GLN A 67 9.97 7.36 -10.47
C GLN A 67 10.31 6.03 -9.81
N ASN A 68 9.85 5.83 -8.56
CA ASN A 68 9.85 4.51 -7.95
C ASN A 68 8.45 4.27 -7.48
N LYS A 69 7.95 3.08 -7.74
CA LYS A 69 6.68 2.66 -7.18
C LYS A 69 6.72 2.68 -5.65
N SER A 70 7.89 2.50 -5.05
CA SER A 70 8.07 2.56 -3.60
C SER A 70 7.97 4.00 -3.11
N ALA A 71 8.77 4.89 -3.72
CA ALA A 71 8.79 6.31 -3.35
C ALA A 71 7.40 6.92 -3.41
N PHE A 72 6.59 6.53 -4.41
CA PHE A 72 5.23 7.04 -4.57
C PHE A 72 4.40 6.70 -3.33
N LEU A 73 4.43 5.42 -2.96
CA LEU A 73 3.64 4.89 -1.86
C LEU A 73 4.08 5.58 -0.57
N CYS A 74 5.38 5.56 -0.32
CA CYS A 74 5.99 6.16 0.87
C CYS A 74 5.66 7.66 0.97
N GLY A 75 5.43 8.35 -0.15
CA GLY A 75 5.03 9.74 -0.16
C GLY A 75 3.62 9.92 0.42
N VAL A 76 2.65 9.13 -0.04
CA VAL A 76 1.25 9.23 0.38
C VAL A 76 1.11 8.97 1.89
N MET A 77 1.87 8.02 2.46
CA MET A 77 1.82 7.77 3.90
C MET A 77 2.12 9.04 4.69
N LYS A 78 3.14 9.78 4.27
CA LYS A 78 3.62 10.97 4.97
C LYS A 78 2.51 12.01 5.10
N THR A 79 1.83 12.35 4.01
CA THR A 79 0.72 13.30 4.03
C THR A 79 -0.48 12.73 4.79
N TYR A 80 -0.82 11.44 4.73
CA TYR A 80 -1.91 10.93 5.58
C TYR A 80 -1.57 11.00 7.08
N ARG A 81 -0.30 10.86 7.45
CA ARG A 81 0.14 11.07 8.83
C ARG A 81 0.04 12.54 9.23
N GLN A 82 0.17 13.45 8.28
CA GLN A 82 0.17 14.89 8.47
C GLN A 82 -0.58 15.59 7.34
N ARG A 83 -1.91 15.63 7.45
CA ARG A 83 -2.81 16.42 6.63
C ARG A 83 -3.76 17.10 7.61
N GLU A 84 -3.29 18.20 8.17
CA GLU A 84 -4.02 19.07 9.07
C GLU A 84 -3.84 20.53 8.63
N LYS A 85 -4.59 21.41 9.28
CA LYS A 85 -4.73 22.85 9.05
C LYS A 85 -5.57 23.10 7.83
N GLY A 1 -8.88 -13.95 -4.49
CA GLY A 1 -7.59 -13.29 -4.33
C GLY A 1 -6.47 -14.19 -4.82
N SER A 2 -5.34 -13.58 -5.17
CA SER A 2 -4.14 -14.31 -5.56
C SER A 2 -3.38 -14.78 -4.32
N GLU A 3 -2.27 -15.45 -4.59
CA GLU A 3 -1.38 -15.95 -3.55
C GLU A 3 -0.84 -14.83 -2.66
N ASN A 4 -0.70 -13.60 -3.20
CA ASN A 4 -0.15 -12.44 -2.51
C ASN A 4 -0.83 -12.16 -1.16
N PHE A 5 -2.12 -12.47 -1.03
CA PHE A 5 -2.90 -12.17 0.16
C PHE A 5 -2.24 -12.75 1.41
N GLN A 6 -1.76 -13.99 1.29
CA GLN A 6 -1.13 -14.73 2.37
C GLN A 6 0.18 -14.07 2.82
N THR A 7 1.06 -13.67 1.90
CA THR A 7 2.35 -13.07 2.26
C THR A 7 2.14 -11.68 2.87
N LEU A 8 1.10 -10.94 2.47
CA LEU A 8 0.77 -9.68 3.11
C LEU A 8 0.39 -9.94 4.58
N LEU A 9 -0.49 -10.91 4.82
CA LEU A 9 -0.93 -11.31 6.15
C LEU A 9 0.21 -11.90 7.01
N ASP A 10 1.34 -12.28 6.41
CA ASP A 10 2.56 -12.76 7.07
C ASP A 10 3.47 -11.59 7.44
N ALA A 11 3.60 -10.63 6.52
CA ALA A 11 4.44 -9.43 6.56
C ALA A 11 3.98 -8.41 7.61
N GLY A 12 3.14 -8.85 8.54
CA GLY A 12 2.65 -8.13 9.70
C GLY A 12 1.56 -7.13 9.33
N LEU A 13 1.00 -7.20 8.11
CA LEU A 13 -0.04 -6.29 7.66
C LEU A 13 -1.41 -6.84 8.11
N PRO A 14 -2.36 -5.96 8.44
CA PRO A 14 -3.72 -6.38 8.80
C PRO A 14 -4.50 -6.90 7.60
N GLN A 15 -5.65 -7.53 7.88
CA GLN A 15 -6.48 -8.20 6.91
C GLN A 15 -7.16 -7.20 6.02
N LYS A 16 -7.76 -6.16 6.59
CA LYS A 16 -8.55 -5.26 5.79
C LYS A 16 -7.70 -4.58 4.74
N VAL A 17 -6.49 -4.18 5.14
CA VAL A 17 -5.48 -3.64 4.23
C VAL A 17 -5.16 -4.72 3.18
N ALA A 18 -4.74 -5.92 3.59
CA ALA A 18 -4.37 -7.03 2.70
C ALA A 18 -5.44 -7.35 1.66
N GLU A 19 -6.71 -7.36 2.06
CA GLU A 19 -7.84 -7.63 1.18
C GLU A 19 -7.84 -6.66 0.00
N LYS A 20 -7.77 -5.36 0.27
CA LYS A 20 -7.80 -4.36 -0.80
C LYS A 20 -6.47 -4.36 -1.54
N LEU A 21 -5.36 -4.72 -0.89
CA LEU A 21 -4.05 -4.75 -1.51
C LEU A 21 -3.95 -5.84 -2.57
N ASP A 22 -4.61 -6.97 -2.35
CA ASP A 22 -4.63 -8.11 -3.27
C ASP A 22 -5.07 -7.70 -4.68
N GLU A 23 -6.09 -6.86 -4.73
CA GLU A 23 -6.63 -6.25 -5.95
C GLU A 23 -5.66 -5.32 -6.65
N ILE A 24 -4.58 -4.87 -5.99
CA ILE A 24 -3.55 -4.12 -6.66
C ILE A 24 -2.70 -5.10 -7.49
N TYR A 25 -2.38 -6.26 -6.91
CA TYR A 25 -1.47 -7.23 -7.49
C TYR A 25 -2.12 -8.17 -8.49
N VAL A 26 -3.45 -8.18 -8.58
CA VAL A 26 -4.18 -8.89 -9.64
C VAL A 26 -4.33 -8.01 -10.89
N ALA A 27 -4.18 -6.69 -10.75
CA ALA A 27 -4.58 -5.72 -11.77
C ALA A 27 -3.48 -5.45 -12.80
N GLY A 28 -2.37 -6.18 -12.77
CA GLY A 28 -1.23 -5.93 -13.65
C GLY A 28 -0.48 -4.63 -13.33
N LEU A 29 -0.84 -3.93 -12.25
CA LEU A 29 -0.28 -2.62 -11.91
C LEU A 29 1.10 -2.81 -11.31
N VAL A 30 1.19 -3.52 -10.19
CA VAL A 30 2.46 -3.85 -9.53
C VAL A 30 2.53 -5.36 -9.21
N ALA A 31 3.57 -5.79 -8.50
CA ALA A 31 3.81 -7.15 -8.03
C ALA A 31 4.02 -7.09 -6.52
N HIS A 32 3.75 -8.17 -5.78
CA HIS A 32 3.82 -8.15 -4.32
C HIS A 32 5.20 -7.73 -3.77
N SER A 33 6.27 -7.80 -4.56
CA SER A 33 7.62 -7.41 -4.16
C SER A 33 8.04 -6.06 -4.77
N ASP A 34 7.11 -5.24 -5.31
CA ASP A 34 7.43 -3.94 -5.88
C ASP A 34 7.90 -2.90 -4.85
N LEU A 35 7.64 -3.12 -3.56
CA LEU A 35 7.88 -2.14 -2.51
C LEU A 35 9.27 -2.28 -1.91
N ASP A 36 9.69 -1.29 -1.13
CA ASP A 36 10.91 -1.33 -0.34
C ASP A 36 10.48 -1.62 1.10
N GLU A 37 11.38 -2.18 1.92
CA GLU A 37 11.08 -2.43 3.33
C GLU A 37 10.83 -1.11 4.08
N ARG A 38 11.48 -0.03 3.63
CA ARG A 38 11.22 1.34 4.08
C ARG A 38 9.75 1.77 3.94
N ALA A 39 8.99 1.12 3.05
CA ALA A 39 7.56 1.35 2.85
C ALA A 39 6.73 0.39 3.70
N ILE A 40 7.07 -0.91 3.75
CA ILE A 40 6.32 -1.89 4.52
C ILE A 40 6.24 -1.45 5.99
N GLU A 41 7.34 -0.95 6.54
CA GLU A 41 7.40 -0.35 7.87
C GLU A 41 6.30 0.71 8.05
N ALA A 42 6.20 1.63 7.09
CA ALA A 42 5.32 2.78 7.20
C ALA A 42 3.86 2.32 7.26
N LEU A 43 3.49 1.29 6.49
CA LEU A 43 2.15 0.72 6.51
C LEU A 43 1.74 0.22 7.90
N LYS A 44 2.70 -0.31 8.68
CA LYS A 44 2.44 -0.83 10.03
C LYS A 44 1.90 0.28 10.95
N GLU A 45 2.22 1.56 10.70
CA GLU A 45 1.94 2.63 11.67
C GLU A 45 0.48 3.12 11.64
N PHE A 46 -0.27 2.84 10.59
CA PHE A 46 -1.64 3.30 10.39
C PHE A 46 -2.60 2.30 11.03
N ASN A 47 -3.79 2.80 11.38
CA ASN A 47 -4.96 2.01 11.78
C ASN A 47 -5.67 1.45 10.55
N GLU A 48 -6.79 0.75 10.78
CA GLU A 48 -7.63 0.16 9.78
C GLU A 48 -8.03 1.19 8.72
N ASP A 49 -8.88 2.14 9.10
CA ASP A 49 -9.47 3.14 8.23
C ASP A 49 -8.38 3.99 7.62
N GLY A 50 -7.41 4.44 8.43
CA GLY A 50 -6.32 5.28 7.97
C GLY A 50 -5.58 4.59 6.84
N ALA A 51 -5.11 3.36 7.04
CA ALA A 51 -4.40 2.60 6.03
C ALA A 51 -5.26 2.44 4.78
N LEU A 52 -6.51 2.00 4.93
CA LEU A 52 -7.47 1.83 3.83
C LEU A 52 -7.59 3.11 3.02
N ALA A 53 -7.64 4.27 3.68
CA ALA A 53 -7.76 5.54 2.99
C ALA A 53 -6.57 5.75 2.04
N VAL A 54 -5.37 5.52 2.53
CA VAL A 54 -4.13 5.67 1.78
C VAL A 54 -4.13 4.74 0.56
N LEU A 55 -4.73 3.55 0.68
CA LEU A 55 -4.74 2.55 -0.38
C LEU A 55 -5.57 3.04 -1.55
N GLN A 56 -6.73 3.66 -1.27
CA GLN A 56 -7.63 4.13 -2.32
C GLN A 56 -6.85 5.15 -3.15
N GLN A 57 -6.11 6.04 -2.48
CA GLN A 57 -5.51 7.20 -3.12
C GLN A 57 -4.29 6.77 -3.94
N PHE A 58 -3.58 5.76 -3.45
CA PHE A 58 -2.50 5.10 -4.15
C PHE A 58 -3.01 4.47 -5.46
N LYS A 59 -3.93 3.50 -5.39
CA LYS A 59 -4.54 2.80 -6.53
C LYS A 59 -5.09 3.77 -7.56
N ASP A 60 -5.79 4.81 -7.11
CA ASP A 60 -6.51 5.76 -7.96
C ASP A 60 -5.59 6.77 -8.67
N SER A 61 -4.28 6.52 -8.72
CA SER A 61 -3.28 7.38 -9.35
C SER A 61 -2.66 6.72 -10.60
N ASP A 62 -1.82 7.44 -11.33
CA ASP A 62 -1.22 7.04 -12.58
C ASP A 62 0.22 6.68 -12.27
N LEU A 63 0.58 5.46 -12.61
CA LEU A 63 1.85 4.83 -12.26
C LEU A 63 2.81 4.75 -13.46
N SER A 64 2.35 5.07 -14.67
CA SER A 64 3.08 5.02 -15.94
C SER A 64 4.36 5.87 -15.96
N HIS A 65 4.45 6.93 -15.16
CA HIS A 65 5.62 7.80 -15.05
C HIS A 65 6.13 7.87 -13.61
N VAL A 66 5.65 7.00 -12.71
CA VAL A 66 6.20 6.88 -11.37
C VAL A 66 7.58 6.21 -11.48
N GLN A 67 8.58 6.85 -10.87
CA GLN A 67 9.98 6.46 -10.91
C GLN A 67 10.18 5.10 -10.22
N ASN A 68 9.76 5.02 -8.96
CA ASN A 68 9.82 3.84 -8.12
C ASN A 68 8.44 3.67 -7.58
N LYS A 69 7.88 2.48 -7.77
CA LYS A 69 6.54 2.20 -7.27
C LYS A 69 6.48 2.31 -5.74
N SER A 70 7.61 2.07 -5.09
CA SER A 70 7.82 2.15 -3.66
C SER A 70 7.87 3.61 -3.20
N ALA A 71 8.74 4.44 -3.81
CA ALA A 71 8.88 5.83 -3.39
C ALA A 71 7.55 6.59 -3.47
N PHE A 72 6.67 6.23 -4.41
CA PHE A 72 5.35 6.84 -4.53
C PHE A 72 4.49 6.48 -3.33
N LEU A 73 4.46 5.20 -2.94
CA LEU A 73 3.69 4.74 -1.80
C LEU A 73 4.20 5.39 -0.51
N CYS A 74 5.52 5.47 -0.37
CA CYS A 74 6.16 6.19 0.72
C CYS A 74 5.76 7.66 0.77
N GLY A 75 5.39 8.29 -0.36
CA GLY A 75 4.92 9.66 -0.44
C GLY A 75 3.50 9.81 0.12
N VAL A 76 2.54 9.05 -0.41
CA VAL A 76 1.13 9.21 -0.04
C VAL A 76 0.95 8.91 1.47
N MET A 77 1.62 7.91 2.02
CA MET A 77 1.61 7.68 3.47
C MET A 77 2.11 8.90 4.23
N LYS A 78 3.17 9.56 3.75
CA LYS A 78 3.77 10.70 4.43
C LYS A 78 2.76 11.84 4.53
N THR A 79 1.95 12.05 3.49
CA THR A 79 0.91 13.07 3.54
C THR A 79 -0.15 12.69 4.56
N TYR A 80 -0.71 11.47 4.50
CA TYR A 80 -1.71 11.01 5.46
C TYR A 80 -1.25 11.14 6.92
N ARG A 81 0.04 10.98 7.21
CA ARG A 81 0.58 11.17 8.56
C ARG A 81 0.66 12.63 9.00
N GLN A 82 0.51 13.60 8.10
CA GLN A 82 0.55 15.03 8.39
C GLN A 82 -0.66 15.69 7.74
N ARG A 83 -1.82 15.45 8.35
CA ARG A 83 -3.15 16.01 8.03
C ARG A 83 -3.90 16.33 9.32
N GLU A 84 -3.18 16.58 10.41
CA GLU A 84 -3.73 17.07 11.66
C GLU A 84 -4.13 18.54 11.50
N LYS A 85 -5.40 18.79 11.16
CA LYS A 85 -6.06 20.09 11.06
C LYS A 85 -7.46 19.86 11.61
N GLY A 1 -8.36 -13.46 -5.41
CA GLY A 1 -7.09 -12.71 -5.35
C GLY A 1 -5.97 -13.56 -5.90
N SER A 2 -4.72 -13.14 -5.66
CA SER A 2 -3.53 -13.87 -6.08
C SER A 2 -2.68 -14.27 -4.87
N GLU A 3 -1.57 -14.97 -5.12
CA GLU A 3 -0.67 -15.51 -4.10
C GLU A 3 -0.20 -14.48 -3.08
N ASN A 4 -0.05 -13.23 -3.51
CA ASN A 4 0.41 -12.12 -2.67
C ASN A 4 -0.50 -11.91 -1.45
N PHE A 5 -1.81 -12.16 -1.56
CA PHE A 5 -2.80 -11.85 -0.52
C PHE A 5 -2.40 -12.44 0.83
N GLN A 6 -2.20 -13.76 0.88
CA GLN A 6 -1.79 -14.47 2.09
C GLN A 6 -0.48 -13.93 2.64
N THR A 7 0.44 -13.45 1.80
CA THR A 7 1.67 -12.84 2.27
C THR A 7 1.39 -11.53 3.00
N LEU A 8 0.38 -10.72 2.63
CA LEU A 8 0.10 -9.52 3.42
C LEU A 8 -0.33 -9.91 4.84
N LEU A 9 -1.12 -10.97 4.98
CA LEU A 9 -1.56 -11.49 6.27
C LEU A 9 -0.40 -12.05 7.10
N ASP A 10 0.74 -12.32 6.47
CA ASP A 10 1.97 -12.82 7.09
C ASP A 10 2.89 -11.62 7.43
N ALA A 11 2.93 -10.63 6.54
CA ALA A 11 3.77 -9.43 6.52
C ALA A 11 3.39 -8.42 7.60
N GLY A 12 2.49 -8.81 8.50
CA GLY A 12 2.11 -8.08 9.68
C GLY A 12 0.71 -7.50 9.61
N LEU A 13 -0.03 -7.70 8.51
CA LEU A 13 -1.19 -6.87 8.23
C LEU A 13 -2.50 -7.60 8.49
N PRO A 14 -3.59 -6.85 8.77
CA PRO A 14 -4.92 -7.41 8.93
C PRO A 14 -5.57 -7.71 7.58
N GLN A 15 -6.73 -8.38 7.63
CA GLN A 15 -7.43 -8.85 6.45
C GLN A 15 -8.08 -7.70 5.72
N LYS A 16 -8.71 -6.76 6.43
CA LYS A 16 -9.57 -5.82 5.73
C LYS A 16 -8.74 -4.95 4.79
N VAL A 17 -7.58 -4.52 5.27
CA VAL A 17 -6.53 -3.89 4.51
C VAL A 17 -6.09 -4.84 3.38
N ALA A 18 -5.68 -6.08 3.70
CA ALA A 18 -5.15 -7.02 2.72
C ALA A 18 -6.10 -7.28 1.56
N GLU A 19 -7.41 -7.33 1.81
CA GLU A 19 -8.43 -7.55 0.80
C GLU A 19 -8.48 -6.44 -0.24
N LYS A 20 -7.96 -5.24 0.06
CA LYS A 20 -7.78 -4.19 -0.95
C LYS A 20 -6.33 -4.18 -1.45
N LEU A 21 -5.37 -4.52 -0.60
CA LEU A 21 -3.94 -4.48 -0.89
C LEU A 21 -3.55 -5.53 -1.93
N ASP A 22 -4.24 -6.67 -1.96
CA ASP A 22 -4.08 -7.75 -2.94
C ASP A 22 -4.22 -7.25 -4.38
N GLU A 23 -5.29 -6.53 -4.68
CA GLU A 23 -5.64 -5.94 -5.98
C GLU A 23 -4.50 -5.13 -6.57
N ILE A 24 -3.73 -4.48 -5.70
CA ILE A 24 -2.66 -3.60 -6.12
C ILE A 24 -1.60 -4.44 -6.87
N TYR A 25 -1.48 -5.73 -6.54
CA TYR A 25 -0.58 -6.70 -7.15
C TYR A 25 -1.29 -7.66 -8.10
N VAL A 26 -2.54 -7.37 -8.50
CA VAL A 26 -3.29 -8.13 -9.50
C VAL A 26 -3.48 -7.27 -10.75
N ALA A 27 -3.68 -5.97 -10.61
CA ALA A 27 -4.00 -5.05 -11.71
C ALA A 27 -2.78 -4.68 -12.55
N GLY A 28 -1.63 -5.33 -12.34
CA GLY A 28 -0.41 -5.03 -13.06
C GLY A 28 0.19 -3.68 -12.68
N LEU A 29 -0.29 -3.04 -11.60
CA LEU A 29 0.23 -1.77 -11.13
C LEU A 29 1.65 -1.98 -10.65
N VAL A 30 1.81 -2.76 -9.57
CA VAL A 30 3.12 -2.92 -8.94
C VAL A 30 3.40 -4.39 -8.61
N ALA A 31 4.66 -4.73 -8.34
CA ALA A 31 5.08 -6.05 -7.91
C ALA A 31 5.04 -6.14 -6.38
N HIS A 32 4.89 -7.36 -5.82
CA HIS A 32 4.89 -7.52 -4.37
C HIS A 32 6.24 -7.11 -3.74
N SER A 33 7.35 -7.12 -4.48
CA SER A 33 8.65 -6.65 -4.02
C SER A 33 9.02 -5.24 -4.53
N ASP A 34 8.07 -4.48 -5.09
CA ASP A 34 8.35 -3.12 -5.60
C ASP A 34 8.58 -2.11 -4.47
N LEU A 35 8.00 -2.36 -3.28
CA LEU A 35 8.16 -1.50 -2.12
C LEU A 35 9.52 -1.71 -1.47
N ASP A 36 9.98 -0.71 -0.75
CA ASP A 36 11.16 -0.74 0.11
C ASP A 36 10.72 -0.69 1.56
N GLU A 37 11.69 -0.85 2.46
CA GLU A 37 11.42 -1.14 3.86
C GLU A 37 10.59 -0.04 4.52
N ARG A 38 10.83 1.21 4.12
CA ARG A 38 10.16 2.36 4.71
C ARG A 38 8.66 2.36 4.42
N ALA A 39 8.20 1.64 3.39
CA ALA A 39 6.78 1.53 3.08
C ALA A 39 6.14 0.38 3.86
N ILE A 40 6.87 -0.72 4.08
CA ILE A 40 6.40 -1.82 4.92
C ILE A 40 6.30 -1.33 6.36
N GLU A 41 7.26 -0.51 6.80
CA GLU A 41 7.21 0.17 8.09
C GLU A 41 6.00 1.11 8.15
N ALA A 42 5.76 1.89 7.09
CA ALA A 42 4.64 2.81 7.06
C ALA A 42 3.30 2.07 7.20
N LEU A 43 3.14 0.93 6.50
CA LEU A 43 1.93 0.13 6.54
C LEU A 43 1.56 -0.28 7.97
N LYS A 44 2.54 -0.81 8.72
CA LYS A 44 2.42 -1.23 10.11
C LYS A 44 1.85 -0.16 11.05
N GLU A 45 1.87 1.12 10.68
CA GLU A 45 1.53 2.21 11.60
C GLU A 45 0.05 2.56 11.64
N PHE A 46 -0.71 2.19 10.62
CA PHE A 46 -2.04 2.70 10.37
C PHE A 46 -3.10 1.84 11.07
N ASN A 47 -4.21 2.49 11.40
CA ASN A 47 -5.47 1.84 11.78
C ASN A 47 -6.15 1.24 10.55
N GLU A 48 -7.35 0.69 10.72
CA GLU A 48 -8.16 0.13 9.68
C GLU A 48 -8.37 1.12 8.53
N ASP A 49 -9.12 2.20 8.76
CA ASP A 49 -9.50 3.15 7.73
C ASP A 49 -8.28 3.96 7.32
N GLY A 50 -7.40 4.25 8.28
CA GLY A 50 -6.14 4.92 8.01
C GLY A 50 -5.34 4.18 6.95
N ALA A 51 -5.24 2.86 7.07
CA ALA A 51 -4.56 2.03 6.10
C ALA A 51 -5.32 2.04 4.78
N LEU A 52 -6.63 1.76 4.81
CA LEU A 52 -7.48 1.70 3.63
C LEU A 52 -7.39 2.98 2.81
N ALA A 53 -7.40 4.15 3.44
CA ALA A 53 -7.39 5.45 2.78
C ALA A 53 -6.14 5.59 1.90
N VAL A 54 -4.97 5.18 2.39
CA VAL A 54 -3.74 5.15 1.61
C VAL A 54 -3.94 4.29 0.37
N LEU A 55 -4.56 3.11 0.52
CA LEU A 55 -4.70 2.13 -0.56
C LEU A 55 -5.63 2.66 -1.61
N GLN A 56 -6.79 3.14 -1.17
CA GLN A 56 -7.84 3.76 -1.92
C GLN A 56 -7.22 4.85 -2.78
N GLN A 57 -6.60 5.86 -2.14
CA GLN A 57 -6.08 7.02 -2.86
C GLN A 57 -4.96 6.61 -3.83
N PHE A 58 -4.16 5.62 -3.45
CA PHE A 58 -3.05 5.12 -4.23
C PHE A 58 -3.55 4.44 -5.51
N LYS A 59 -4.42 3.44 -5.40
CA LYS A 59 -5.01 2.74 -6.53
C LYS A 59 -5.88 3.66 -7.39
N ASP A 60 -6.49 4.68 -6.79
CA ASP A 60 -7.24 5.76 -7.45
C ASP A 60 -6.29 6.80 -8.07
N SER A 61 -5.12 6.35 -8.57
CA SER A 61 -4.09 7.13 -9.27
C SER A 61 -3.51 6.31 -10.43
N ASP A 62 -2.69 6.93 -11.28
CA ASP A 62 -2.11 6.38 -12.49
C ASP A 62 -0.60 6.41 -12.32
N LEU A 63 0.00 5.23 -12.41
CA LEU A 63 1.41 4.96 -12.11
C LEU A 63 2.21 4.57 -13.37
N SER A 64 1.60 4.69 -14.56
CA SER A 64 2.15 4.24 -15.83
C SER A 64 3.48 4.92 -16.15
N HIS A 65 3.67 6.16 -15.70
CA HIS A 65 4.84 6.97 -16.01
C HIS A 65 5.56 7.34 -14.71
N VAL A 66 5.68 6.37 -13.79
CA VAL A 66 6.48 6.48 -12.58
C VAL A 66 7.38 5.25 -12.48
N GLN A 67 8.70 5.42 -12.64
CA GLN A 67 9.68 4.37 -12.40
C GLN A 67 9.55 3.88 -10.95
N ASN A 68 9.82 4.77 -9.99
CA ASN A 68 9.92 4.41 -8.58
C ASN A 68 8.55 4.33 -7.96
N LYS A 69 7.97 3.14 -8.03
CA LYS A 69 6.65 2.87 -7.47
C LYS A 69 6.64 3.09 -5.96
N SER A 70 7.74 2.72 -5.31
CA SER A 70 7.93 2.84 -3.88
C SER A 70 7.85 4.30 -3.50
N ALA A 71 8.68 5.15 -4.11
CA ALA A 71 8.73 6.55 -3.68
C ALA A 71 7.42 7.30 -3.89
N PHE A 72 6.55 6.82 -4.77
CA PHE A 72 5.22 7.41 -4.95
C PHE A 72 4.36 7.02 -3.75
N LEU A 73 4.24 5.71 -3.53
CA LEU A 73 3.34 5.10 -2.54
C LEU A 73 3.70 5.59 -1.16
N CYS A 74 5.00 5.53 -0.87
CA CYS A 74 5.57 5.85 0.41
C CYS A 74 5.24 7.31 0.76
N GLY A 75 5.11 8.18 -0.26
CA GLY A 75 4.70 9.55 -0.13
C GLY A 75 3.22 9.67 0.28
N VAL A 76 2.31 8.90 -0.33
CA VAL A 76 0.90 8.88 0.06
C VAL A 76 0.77 8.48 1.54
N MET A 77 1.56 7.53 2.02
CA MET A 77 1.56 7.18 3.44
C MET A 77 2.02 8.36 4.30
N LYS A 78 2.98 9.14 3.79
CA LYS A 78 3.56 10.24 4.54
C LYS A 78 2.47 11.28 4.82
N THR A 79 1.81 11.78 3.77
CA THR A 79 0.70 12.71 3.94
C THR A 79 -0.32 12.11 4.91
N TYR A 80 -0.78 10.88 4.71
CA TYR A 80 -1.85 10.32 5.54
C TYR A 80 -1.53 10.22 7.04
N ARG A 81 -0.27 9.95 7.40
CA ARG A 81 0.15 9.90 8.81
C ARG A 81 0.37 11.31 9.37
N GLN A 82 0.39 12.33 8.52
CA GLN A 82 0.68 13.71 8.83
C GLN A 82 -0.32 14.62 8.07
N ARG A 83 -1.59 14.59 8.47
CA ARG A 83 -2.66 15.45 7.97
C ARG A 83 -3.21 16.23 9.16
N GLU A 84 -2.37 17.06 9.73
CA GLU A 84 -2.65 17.90 10.90
C GLU A 84 -2.59 19.36 10.47
N LYS A 85 -2.50 20.29 11.42
CA LYS A 85 -2.57 21.73 11.20
C LYS A 85 -1.54 22.40 12.09
N GLY A 1 -9.19 -13.92 -2.93
CA GLY A 1 -8.03 -13.12 -3.33
C GLY A 1 -7.07 -13.93 -4.18
N SER A 2 -6.07 -13.25 -4.73
CA SER A 2 -4.93 -13.85 -5.37
C SER A 2 -3.91 -14.31 -4.31
N GLU A 3 -2.82 -14.89 -4.81
CA GLU A 3 -1.68 -15.38 -4.07
C GLU A 3 -1.06 -14.36 -3.11
N ASN A 4 -1.12 -13.06 -3.45
CA ASN A 4 -0.43 -12.01 -2.70
C ASN A 4 -1.02 -11.91 -1.30
N PHE A 5 -2.33 -12.12 -1.19
CA PHE A 5 -3.12 -11.99 0.02
C PHE A 5 -2.43 -12.64 1.22
N GLN A 6 -2.05 -13.92 1.11
CA GLN A 6 -1.52 -14.64 2.26
C GLN A 6 -0.14 -14.15 2.65
N THR A 7 0.72 -13.86 1.68
CA THR A 7 2.06 -13.34 1.93
C THR A 7 1.99 -11.94 2.55
N LEU A 8 1.00 -11.13 2.18
CA LEU A 8 0.75 -9.86 2.84
C LEU A 8 0.34 -10.09 4.29
N LEU A 9 -0.60 -11.01 4.52
CA LEU A 9 -1.10 -11.35 5.86
C LEU A 9 0.01 -11.87 6.77
N ASP A 10 1.12 -12.37 6.20
CA ASP A 10 2.28 -12.85 6.98
C ASP A 10 3.17 -11.69 7.39
N ALA A 11 3.20 -10.60 6.62
CA ALA A 11 4.17 -9.53 6.71
C ALA A 11 3.88 -8.59 7.88
N GLY A 12 2.98 -8.96 8.78
CA GLY A 12 2.56 -8.16 9.91
C GLY A 12 1.22 -7.47 9.67
N LEU A 13 0.56 -7.75 8.54
CA LEU A 13 -0.55 -6.94 8.08
C LEU A 13 -1.90 -7.56 8.49
N PRO A 14 -2.93 -6.74 8.80
CA PRO A 14 -4.25 -7.19 9.27
C PRO A 14 -5.05 -7.92 8.18
N GLN A 15 -6.27 -8.38 8.48
CA GLN A 15 -7.16 -8.93 7.45
C GLN A 15 -7.68 -7.78 6.57
N LYS A 16 -8.28 -6.77 7.19
CA LYS A 16 -9.16 -5.84 6.48
C LYS A 16 -8.43 -5.01 5.42
N VAL A 17 -7.16 -4.68 5.65
CA VAL A 17 -6.36 -3.94 4.70
C VAL A 17 -5.98 -4.89 3.57
N ALA A 18 -5.37 -6.06 3.88
CA ALA A 18 -4.91 -7.05 2.91
C ALA A 18 -5.99 -7.43 1.89
N GLU A 19 -7.25 -7.48 2.34
CA GLU A 19 -8.40 -7.77 1.50
C GLU A 19 -8.51 -6.79 0.31
N LYS A 20 -8.18 -5.51 0.49
CA LYS A 20 -8.09 -4.55 -0.62
C LYS A 20 -6.68 -4.56 -1.22
N LEU A 21 -5.65 -4.76 -0.40
CA LEU A 21 -4.26 -4.56 -0.76
C LEU A 21 -3.72 -5.65 -1.69
N ASP A 22 -4.31 -6.85 -1.66
CA ASP A 22 -3.96 -7.95 -2.57
C ASP A 22 -4.10 -7.53 -4.02
N GLU A 23 -5.24 -6.89 -4.36
CA GLU A 23 -5.64 -6.50 -5.70
C GLU A 23 -4.60 -5.60 -6.38
N ILE A 24 -3.88 -4.82 -5.57
CA ILE A 24 -2.89 -3.86 -6.05
C ILE A 24 -1.74 -4.62 -6.73
N TYR A 25 -1.43 -5.83 -6.27
CA TYR A 25 -0.39 -6.67 -6.87
C TYR A 25 -0.90 -7.50 -8.04
N VAL A 26 -2.21 -7.74 -8.12
CA VAL A 26 -2.80 -8.57 -9.17
C VAL A 26 -2.61 -7.91 -10.54
N ALA A 27 -3.01 -6.64 -10.67
CA ALA A 27 -3.26 -6.00 -11.96
C ALA A 27 -1.98 -5.65 -12.72
N GLY A 28 -0.82 -5.81 -12.09
CA GLY A 28 0.45 -5.34 -12.60
C GLY A 28 0.67 -3.86 -12.34
N LEU A 29 0.11 -3.33 -11.24
CA LEU A 29 0.36 -1.96 -10.82
C LEU A 29 1.73 -1.88 -10.16
N VAL A 30 2.07 -2.84 -9.28
CA VAL A 30 3.34 -2.82 -8.57
C VAL A 30 3.87 -4.25 -8.35
N ALA A 31 5.19 -4.41 -8.31
CA ALA A 31 5.78 -5.60 -7.71
C ALA A 31 5.71 -5.47 -6.19
N HIS A 32 5.56 -6.59 -5.48
CA HIS A 32 5.67 -6.60 -4.02
C HIS A 32 7.09 -6.18 -3.60
N SER A 33 8.11 -6.71 -4.27
CA SER A 33 9.50 -6.29 -4.09
C SER A 33 9.85 -4.99 -4.84
N ASP A 34 8.87 -4.16 -5.23
CA ASP A 34 9.19 -2.75 -5.48
C ASP A 34 9.34 -2.05 -4.14
N LEU A 35 8.44 -2.34 -3.19
CA LEU A 35 8.34 -1.64 -1.93
C LEU A 35 9.62 -1.81 -1.13
N ASP A 36 10.13 -0.69 -0.65
CA ASP A 36 11.21 -0.62 0.32
C ASP A 36 10.64 -0.63 1.73
N GLU A 37 11.54 -0.78 2.69
CA GLU A 37 11.24 -0.94 4.11
C GLU A 37 10.40 0.22 4.65
N ARG A 38 10.55 1.43 4.09
CA ARG A 38 9.82 2.61 4.51
C ARG A 38 8.31 2.40 4.36
N ALA A 39 7.90 1.70 3.29
CA ALA A 39 6.51 1.38 3.03
C ALA A 39 6.03 0.23 3.92
N ILE A 40 6.84 -0.82 4.06
CA ILE A 40 6.51 -2.00 4.86
C ILE A 40 6.24 -1.58 6.32
N GLU A 41 7.15 -0.78 6.87
CA GLU A 41 7.07 -0.24 8.22
C GLU A 41 5.76 0.52 8.39
N ALA A 42 5.53 1.52 7.52
CA ALA A 42 4.39 2.40 7.61
C ALA A 42 3.07 1.65 7.54
N LEU A 43 2.99 0.58 6.74
CA LEU A 43 1.78 -0.19 6.56
C LEU A 43 1.25 -0.76 7.87
N LYS A 44 2.11 -1.21 8.78
CA LYS A 44 1.69 -1.66 10.11
C LYS A 44 1.09 -0.52 10.92
N GLU A 45 1.58 0.72 10.75
CA GLU A 45 1.22 1.84 11.60
C GLU A 45 -0.19 2.36 11.33
N PHE A 46 -0.82 2.00 10.22
CA PHE A 46 -2.12 2.50 9.85
C PHE A 46 -3.21 1.61 10.42
N ASN A 47 -4.21 2.27 11.01
CA ASN A 47 -5.49 1.69 11.39
C ASN A 47 -6.30 1.26 10.16
N GLU A 48 -7.44 0.63 10.44
CA GLU A 48 -8.36 0.07 9.48
C GLU A 48 -8.67 1.04 8.34
N ASP A 49 -9.32 2.17 8.68
CA ASP A 49 -9.75 3.15 7.68
C ASP A 49 -8.58 3.98 7.18
N GLY A 50 -7.62 4.31 8.05
CA GLY A 50 -6.50 5.15 7.66
C GLY A 50 -5.64 4.46 6.60
N ALA A 51 -5.50 3.13 6.70
CA ALA A 51 -4.80 2.32 5.70
C ALA A 51 -5.58 2.32 4.40
N LEU A 52 -6.89 2.02 4.44
CA LEU A 52 -7.71 1.94 3.24
C LEU A 52 -7.67 3.27 2.47
N ALA A 53 -7.68 4.40 3.18
CA ALA A 53 -7.57 5.72 2.58
C ALA A 53 -6.26 5.88 1.79
N VAL A 54 -5.12 5.41 2.33
CA VAL A 54 -3.85 5.37 1.60
C VAL A 54 -4.05 4.62 0.29
N LEU A 55 -4.74 3.47 0.31
CA LEU A 55 -4.82 2.55 -0.81
C LEU A 55 -5.64 3.19 -1.90
N GLN A 56 -6.78 3.75 -1.50
CA GLN A 56 -7.72 4.43 -2.36
C GLN A 56 -7.04 5.57 -3.09
N GLN A 57 -6.40 6.50 -2.37
CA GLN A 57 -5.83 7.69 -3.03
C GLN A 57 -4.73 7.25 -4.00
N PHE A 58 -3.93 6.28 -3.55
CA PHE A 58 -2.84 5.69 -4.29
C PHE A 58 -3.34 5.02 -5.56
N LYS A 59 -4.37 4.18 -5.48
CA LYS A 59 -4.92 3.47 -6.61
C LYS A 59 -5.69 4.37 -7.57
N ASP A 60 -6.28 5.44 -7.07
CA ASP A 60 -6.83 6.50 -7.90
C ASP A 60 -5.72 7.39 -8.49
N SER A 61 -4.43 7.16 -8.20
CA SER A 61 -3.33 7.82 -8.90
C SER A 61 -3.02 7.05 -10.20
N ASP A 62 -2.15 7.60 -11.05
CA ASP A 62 -1.88 7.11 -12.40
C ASP A 62 -0.43 6.66 -12.52
N LEU A 63 -0.17 5.39 -12.25
CA LEU A 63 1.16 4.85 -12.04
C LEU A 63 1.91 4.57 -13.35
N SER A 64 1.29 4.79 -14.52
CA SER A 64 1.86 4.58 -15.84
C SER A 64 3.25 5.22 -15.94
N HIS A 65 3.33 6.54 -15.75
CA HIS A 65 4.54 7.33 -15.95
C HIS A 65 5.41 7.38 -14.69
N VAL A 66 5.40 6.33 -13.87
CA VAL A 66 6.16 6.24 -12.62
C VAL A 66 7.03 4.99 -12.73
N GLN A 67 8.35 5.17 -12.62
CA GLN A 67 9.33 4.09 -12.61
C GLN A 67 9.26 3.37 -11.25
N ASN A 68 9.33 4.16 -10.18
CA ASN A 68 9.68 3.77 -8.82
C ASN A 68 8.41 3.78 -7.99
N LYS A 69 7.65 2.69 -8.12
CA LYS A 69 6.35 2.49 -7.49
C LYS A 69 6.42 2.77 -5.98
N SER A 70 7.51 2.39 -5.31
CA SER A 70 7.64 2.47 -3.86
C SER A 70 7.58 3.91 -3.42
N ALA A 71 8.47 4.75 -3.96
CA ALA A 71 8.57 6.16 -3.59
C ALA A 71 7.25 6.88 -3.82
N PHE A 72 6.52 6.50 -4.89
CA PHE A 72 5.24 7.13 -5.14
C PHE A 72 4.28 6.82 -3.99
N LEU A 73 4.12 5.53 -3.71
CA LEU A 73 3.19 4.99 -2.71
C LEU A 73 3.55 5.54 -1.33
N CYS A 74 4.80 5.37 -0.96
CA CYS A 74 5.31 5.74 0.34
C CYS A 74 5.18 7.25 0.56
N GLY A 75 5.26 8.05 -0.50
CA GLY A 75 4.93 9.47 -0.48
C GLY A 75 3.50 9.70 0.01
N VAL A 76 2.51 8.98 -0.55
CA VAL A 76 1.11 9.04 -0.12
C VAL A 76 1.00 8.65 1.35
N MET A 77 1.65 7.56 1.76
CA MET A 77 1.63 7.11 3.17
C MET A 77 2.07 8.24 4.08
N LYS A 78 3.17 8.91 3.74
CA LYS A 78 3.74 9.93 4.59
C LYS A 78 2.72 11.04 4.83
N THR A 79 2.02 11.51 3.79
CA THR A 79 0.94 12.47 3.96
C THR A 79 -0.14 11.91 4.89
N TYR A 80 -0.58 10.67 4.67
CA TYR A 80 -1.65 10.09 5.47
C TYR A 80 -1.31 10.02 6.95
N ARG A 81 -0.09 9.61 7.31
CA ARG A 81 0.33 9.58 8.71
C ARG A 81 0.49 11.00 9.26
N GLN A 82 0.46 12.05 8.43
CA GLN A 82 0.67 13.42 8.80
C GLN A 82 -0.38 14.31 8.16
N ARG A 83 -1.61 14.25 8.69
CA ARG A 83 -2.65 15.25 8.42
C ARG A 83 -3.00 15.93 9.72
N GLU A 84 -2.31 17.04 10.02
CA GLU A 84 -2.63 17.93 11.11
C GLU A 84 -2.83 19.34 10.54
N LYS A 85 -3.58 20.17 11.26
CA LYS A 85 -3.90 21.55 10.90
C LYS A 85 -2.63 22.39 10.92
N GLY A 1 -8.44 -13.07 -5.03
CA GLY A 1 -7.24 -12.23 -5.14
C GLY A 1 -6.15 -12.90 -5.95
N SER A 2 -4.93 -12.40 -5.80
CA SER A 2 -3.68 -13.03 -6.20
C SER A 2 -3.20 -13.95 -5.05
N GLU A 3 -2.00 -14.53 -5.17
CA GLU A 3 -1.45 -15.39 -4.14
C GLU A 3 -0.87 -14.61 -2.94
N ASN A 4 -0.45 -13.34 -3.14
CA ASN A 4 0.21 -12.53 -2.09
C ASN A 4 -0.68 -12.34 -0.85
N PHE A 5 -1.99 -12.51 -0.95
CA PHE A 5 -2.94 -12.28 0.13
C PHE A 5 -2.51 -12.95 1.44
N GLN A 6 -2.10 -14.22 1.37
CA GLN A 6 -1.58 -14.94 2.53
C GLN A 6 -0.25 -14.35 3.02
N THR A 7 0.63 -13.95 2.11
CA THR A 7 1.91 -13.32 2.43
C THR A 7 1.68 -12.02 3.22
N LEU A 8 0.64 -11.26 2.87
CA LEU A 8 0.28 -10.01 3.54
C LEU A 8 -0.31 -10.27 4.91
N LEU A 9 -1.21 -11.26 5.03
CA LEU A 9 -1.81 -11.66 6.31
C LEU A 9 -0.73 -12.04 7.33
N ASP A 10 0.43 -12.47 6.86
CA ASP A 10 1.54 -12.89 7.71
C ASP A 10 2.40 -11.71 8.19
N ALA A 11 2.29 -10.56 7.52
CA ALA A 11 3.26 -9.48 7.54
C ALA A 11 2.99 -8.43 8.64
N GLY A 12 2.21 -8.78 9.66
CA GLY A 12 1.77 -7.84 10.69
C GLY A 12 0.70 -6.89 10.18
N LEU A 13 -0.05 -7.30 9.14
CA LEU A 13 -1.14 -6.53 8.56
C LEU A 13 -2.46 -7.25 8.83
N PRO A 14 -3.56 -6.52 9.02
CA PRO A 14 -4.88 -7.11 9.23
C PRO A 14 -5.44 -7.68 7.92
N GLN A 15 -6.49 -8.50 8.04
CA GLN A 15 -7.21 -9.06 6.92
C GLN A 15 -7.80 -7.91 6.09
N LYS A 16 -8.32 -6.91 6.81
CA LYS A 16 -9.08 -5.82 6.20
C LYS A 16 -8.25 -5.08 5.15
N VAL A 17 -7.00 -4.79 5.48
CA VAL A 17 -6.08 -4.12 4.58
C VAL A 17 -5.71 -5.10 3.48
N ALA A 18 -5.33 -6.34 3.82
CA ALA A 18 -4.88 -7.34 2.85
C ALA A 18 -5.88 -7.57 1.72
N GLU A 19 -7.18 -7.63 2.01
CA GLU A 19 -8.27 -7.70 1.03
C GLU A 19 -8.19 -6.64 -0.06
N LYS A 20 -7.84 -5.40 0.29
CA LYS A 20 -7.68 -4.32 -0.69
C LYS A 20 -6.25 -4.22 -1.21
N LEU A 21 -5.25 -4.69 -0.46
CA LEU A 21 -3.85 -4.59 -0.83
C LEU A 21 -3.47 -5.66 -1.86
N ASP A 22 -4.06 -6.84 -1.77
CA ASP A 22 -3.84 -7.91 -2.76
C ASP A 22 -4.19 -7.44 -4.17
N GLU A 23 -5.30 -6.71 -4.26
CA GLU A 23 -5.87 -6.09 -5.46
C GLU A 23 -4.87 -5.18 -6.17
N ILE A 24 -3.94 -4.62 -5.41
CA ILE A 24 -2.96 -3.68 -5.90
C ILE A 24 -1.96 -4.47 -6.77
N TYR A 25 -1.63 -5.70 -6.37
CA TYR A 25 -0.64 -6.54 -7.04
C TYR A 25 -1.22 -7.28 -8.24
N VAL A 26 -2.54 -7.28 -8.42
CA VAL A 26 -3.18 -7.81 -9.61
C VAL A 26 -2.97 -6.85 -10.79
N ALA A 27 -3.09 -5.54 -10.58
CA ALA A 27 -3.66 -4.61 -11.56
C ALA A 27 -2.59 -3.69 -12.16
N GLY A 28 -1.40 -4.23 -12.38
CA GLY A 28 -0.29 -3.58 -13.06
C GLY A 28 0.23 -2.32 -12.37
N LEU A 29 -0.07 -2.13 -11.08
CA LEU A 29 0.34 -0.96 -10.31
C LEU A 29 1.75 -1.19 -9.78
N VAL A 30 1.88 -2.17 -8.88
CA VAL A 30 3.13 -2.57 -8.25
C VAL A 30 3.21 -4.10 -8.15
N ALA A 31 4.40 -4.63 -7.87
CA ALA A 31 4.60 -5.94 -7.25
C ALA A 31 4.89 -5.75 -5.77
N HIS A 32 4.78 -6.80 -4.94
CA HIS A 32 5.07 -6.68 -3.51
C HIS A 32 6.52 -6.22 -3.29
N SER A 33 7.41 -6.67 -4.17
CA SER A 33 8.85 -6.43 -4.08
C SER A 33 9.25 -5.06 -4.62
N ASP A 34 8.33 -4.29 -5.19
CA ASP A 34 8.64 -3.06 -5.92
C ASP A 34 8.82 -1.86 -4.98
N LEU A 35 8.34 -1.99 -3.74
CA LEU A 35 8.34 -0.96 -2.72
C LEU A 35 9.62 -1.04 -1.88
N ASP A 36 9.70 -0.21 -0.83
CA ASP A 36 10.88 -0.10 0.05
C ASP A 36 10.51 -0.58 1.45
N GLU A 37 11.51 -0.72 2.32
CA GLU A 37 11.35 -0.85 3.77
C GLU A 37 10.37 0.21 4.31
N ARG A 38 10.52 1.46 3.84
CA ARG A 38 9.69 2.58 4.28
C ARG A 38 8.22 2.42 3.91
N ALA A 39 7.89 1.61 2.90
CA ALA A 39 6.51 1.26 2.60
C ALA A 39 5.97 0.31 3.66
N ILE A 40 6.72 -0.77 3.89
CA ILE A 40 6.36 -1.86 4.79
C ILE A 40 6.00 -1.29 6.16
N GLU A 41 6.90 -0.50 6.74
CA GLU A 41 6.71 0.03 8.08
C GLU A 41 5.52 0.97 8.13
N ALA A 42 5.37 1.87 7.15
CA ALA A 42 4.30 2.86 7.18
C ALA A 42 2.94 2.16 7.16
N LEU A 43 2.81 1.07 6.39
CA LEU A 43 1.63 0.23 6.39
C LEU A 43 1.24 -0.22 7.79
N LYS A 44 2.21 -0.60 8.63
CA LYS A 44 1.95 -1.04 10.00
C LYS A 44 1.25 0.08 10.78
N GLU A 45 1.81 1.29 10.85
CA GLU A 45 1.48 2.29 11.81
C GLU A 45 0.13 3.01 11.60
N PHE A 46 -0.62 2.69 10.55
CA PHE A 46 -2.00 3.11 10.38
C PHE A 46 -2.93 2.21 11.19
N ASN A 47 -4.12 2.71 11.47
CA ASN A 47 -5.29 1.92 11.83
C ASN A 47 -5.85 1.24 10.60
N GLU A 48 -6.93 0.49 10.81
CA GLU A 48 -7.77 -0.13 9.81
C GLU A 48 -8.08 0.86 8.68
N ASP A 49 -8.90 1.88 8.97
CA ASP A 49 -9.49 2.69 7.91
C ASP A 49 -8.48 3.67 7.32
N GLY A 50 -7.49 4.11 8.10
CA GLY A 50 -6.42 4.96 7.59
C GLY A 50 -5.56 4.18 6.60
N ALA A 51 -5.27 2.92 6.88
CA ALA A 51 -4.62 2.04 5.92
C ALA A 51 -5.48 1.88 4.67
N LEU A 52 -6.77 1.56 4.80
CA LEU A 52 -7.68 1.43 3.64
C LEU A 52 -7.70 2.69 2.80
N ALA A 53 -7.67 3.87 3.45
CA ALA A 53 -7.66 5.17 2.80
C ALA A 53 -6.43 5.32 1.89
N VAL A 54 -5.23 5.01 2.39
CA VAL A 54 -3.99 5.03 1.59
C VAL A 54 -4.17 4.17 0.34
N LEU A 55 -4.80 3.00 0.48
CA LEU A 55 -4.83 2.01 -0.58
C LEU A 55 -5.72 2.47 -1.72
N GLN A 56 -6.90 2.97 -1.36
CA GLN A 56 -7.84 3.59 -2.26
C GLN A 56 -7.12 4.71 -3.03
N GLN A 57 -6.54 5.67 -2.32
CA GLN A 57 -6.04 6.90 -2.95
C GLN A 57 -4.79 6.66 -3.81
N PHE A 58 -4.24 5.45 -3.78
CA PHE A 58 -3.14 5.00 -4.61
C PHE A 58 -3.64 4.29 -5.89
N LYS A 59 -4.71 3.48 -5.81
CA LYS A 59 -5.41 3.03 -7.03
C LYS A 59 -5.95 4.24 -7.78
N ASP A 60 -6.38 5.27 -7.06
CA ASP A 60 -6.86 6.55 -7.58
C ASP A 60 -5.64 7.42 -7.97
N SER A 61 -4.65 6.88 -8.68
CA SER A 61 -3.49 7.61 -9.21
C SER A 61 -2.90 6.93 -10.45
N ASP A 62 -2.02 7.63 -11.18
CA ASP A 62 -1.28 7.16 -12.32
C ASP A 62 0.10 6.80 -11.83
N LEU A 63 0.38 5.51 -11.96
CA LEU A 63 1.62 4.86 -11.60
C LEU A 63 2.31 4.33 -12.86
N SER A 64 1.80 4.69 -14.05
CA SER A 64 2.24 4.24 -15.36
C SER A 64 3.55 4.96 -15.70
N HIS A 65 3.52 6.29 -15.73
CA HIS A 65 4.70 7.09 -16.08
C HIS A 65 5.71 7.21 -14.94
N VAL A 66 5.44 6.60 -13.79
CA VAL A 66 6.35 6.67 -12.67
C VAL A 66 7.46 5.61 -12.83
N GLN A 67 8.68 6.00 -12.44
CA GLN A 67 9.87 5.17 -12.46
C GLN A 67 9.86 4.19 -11.28
N ASN A 68 10.02 4.74 -10.07
CA ASN A 68 10.37 4.06 -8.83
C ASN A 68 9.15 4.11 -7.92
N LYS A 69 8.44 2.99 -7.87
CA LYS A 69 7.10 2.90 -7.31
C LYS A 69 7.04 3.29 -5.84
N SER A 70 8.10 3.01 -5.11
CA SER A 70 8.28 3.34 -3.71
C SER A 70 8.11 4.84 -3.54
N ALA A 71 8.79 5.63 -4.37
CA ALA A 71 8.82 7.07 -4.28
C ALA A 71 7.52 7.73 -4.70
N PHE A 72 6.55 6.97 -5.20
CA PHE A 72 5.18 7.47 -5.28
C PHE A 72 4.44 7.10 -4.01
N LEU A 73 4.41 5.80 -3.72
CA LEU A 73 3.54 5.15 -2.75
C LEU A 73 3.81 5.70 -1.36
N CYS A 74 5.10 5.68 -1.03
CA CYS A 74 5.59 6.11 0.27
C CYS A 74 5.11 7.54 0.54
N GLY A 75 5.05 8.39 -0.49
CA GLY A 75 4.57 9.77 -0.38
C GLY A 75 3.09 9.85 0.00
N VAL A 76 2.23 9.00 -0.57
CA VAL A 76 0.80 8.96 -0.20
C VAL A 76 0.69 8.60 1.28
N MET A 77 1.44 7.58 1.73
CA MET A 77 1.45 7.22 3.14
C MET A 77 1.91 8.40 3.99
N LYS A 78 2.92 9.15 3.51
CA LYS A 78 3.50 10.26 4.27
C LYS A 78 2.44 11.30 4.60
N THR A 79 1.70 11.79 3.61
CA THR A 79 0.63 12.75 3.85
C THR A 79 -0.45 12.12 4.71
N TYR A 80 -0.87 10.86 4.47
CA TYR A 80 -1.93 10.27 5.28
C TYR A 80 -1.55 10.19 6.76
N ARG A 81 -0.29 9.89 7.07
CA ARG A 81 0.21 9.83 8.43
C ARG A 81 0.39 11.24 9.01
N GLN A 82 0.51 12.28 8.19
CA GLN A 82 0.73 13.67 8.57
C GLN A 82 -0.20 14.63 7.80
N ARG A 83 -1.51 14.44 7.97
CA ARG A 83 -2.56 15.27 7.37
C ARG A 83 -3.19 16.22 8.38
N GLU A 84 -2.72 16.14 9.61
CA GLU A 84 -2.95 17.15 10.61
C GLU A 84 -2.30 18.45 10.12
N LYS A 85 -3.11 19.40 9.72
CA LYS A 85 -2.76 20.80 9.49
C LYS A 85 -4.06 21.56 9.57
N GLY A 1 -8.49 -13.69 -2.69
CA GLY A 1 -7.21 -13.08 -3.10
C GLY A 1 -6.47 -13.96 -4.10
N SER A 2 -5.39 -13.44 -4.68
CA SER A 2 -4.40 -14.20 -5.43
C SER A 2 -3.21 -14.54 -4.53
N GLU A 3 -2.11 -15.02 -5.13
CA GLU A 3 -0.90 -15.48 -4.44
C GLU A 3 -0.33 -14.46 -3.46
N ASN A 4 -0.48 -13.17 -3.79
CA ASN A 4 0.01 -12.04 -3.01
C ASN A 4 -0.65 -12.04 -1.63
N PHE A 5 -1.96 -12.31 -1.57
CA PHE A 5 -2.81 -12.18 -0.40
C PHE A 5 -2.19 -12.76 0.86
N GLN A 6 -1.89 -14.06 0.86
CA GLN A 6 -1.39 -14.74 2.05
C GLN A 6 -0.02 -14.18 2.47
N THR A 7 0.81 -13.77 1.50
CA THR A 7 2.10 -13.18 1.80
C THR A 7 1.90 -11.83 2.50
N LEU A 8 0.92 -11.00 2.08
CA LEU A 8 0.61 -9.75 2.78
C LEU A 8 0.21 -10.05 4.23
N LEU A 9 -0.63 -11.07 4.44
CA LEU A 9 -1.08 -11.49 5.78
C LEU A 9 0.06 -12.00 6.66
N ASP A 10 1.21 -12.33 6.08
CA ASP A 10 2.40 -12.84 6.74
C ASP A 10 3.49 -11.77 6.83
N ALA A 11 3.38 -10.71 6.02
CA ALA A 11 4.28 -9.57 5.92
C ALA A 11 3.93 -8.50 6.95
N GLY A 12 3.39 -8.92 8.09
CA GLY A 12 3.11 -8.07 9.20
C GLY A 12 1.79 -7.30 9.10
N LEU A 13 0.99 -7.50 8.05
CA LEU A 13 -0.20 -6.68 7.81
C LEU A 13 -1.52 -7.41 8.17
N PRO A 14 -2.61 -6.66 8.44
CA PRO A 14 -3.95 -7.22 8.70
C PRO A 14 -4.66 -7.70 7.42
N GLN A 15 -5.80 -8.40 7.61
CA GLN A 15 -6.65 -8.91 6.54
C GLN A 15 -7.27 -7.76 5.79
N LYS A 16 -7.83 -6.78 6.50
CA LYS A 16 -8.68 -5.80 5.87
C LYS A 16 -7.97 -5.04 4.76
N VAL A 17 -6.71 -4.69 5.05
CA VAL A 17 -5.75 -4.08 4.15
C VAL A 17 -5.50 -5.08 3.02
N ALA A 18 -5.07 -6.31 3.35
CA ALA A 18 -4.64 -7.33 2.38
C ALA A 18 -5.67 -7.57 1.30
N GLU A 19 -6.95 -7.64 1.67
CA GLU A 19 -8.04 -7.89 0.76
C GLU A 19 -8.02 -6.88 -0.40
N LYS A 20 -7.82 -5.60 -0.09
CA LYS A 20 -7.75 -4.54 -1.10
C LYS A 20 -6.37 -4.49 -1.73
N LEU A 21 -5.29 -4.70 -0.96
CA LEU A 21 -3.91 -4.57 -1.40
C LEU A 21 -3.57 -5.62 -2.46
N ASP A 22 -4.04 -6.85 -2.25
CA ASP A 22 -3.79 -7.99 -3.14
C ASP A 22 -4.22 -7.67 -4.56
N GLU A 23 -5.40 -7.05 -4.72
CA GLU A 23 -5.96 -6.65 -6.00
C GLU A 23 -5.05 -5.73 -6.80
N ILE A 24 -4.29 -4.87 -6.10
CA ILE A 24 -3.37 -3.92 -6.72
C ILE A 24 -2.21 -4.67 -7.40
N TYR A 25 -1.91 -5.89 -6.94
CA TYR A 25 -0.85 -6.73 -7.47
C TYR A 25 -1.36 -7.69 -8.53
N VAL A 26 -2.61 -8.16 -8.43
CA VAL A 26 -3.23 -9.03 -9.42
C VAL A 26 -3.13 -8.43 -10.82
N ALA A 27 -3.59 -7.19 -11.00
CA ALA A 27 -3.61 -6.53 -12.29
C ALA A 27 -2.22 -6.01 -12.72
N GLY A 28 -1.17 -6.25 -11.92
CA GLY A 28 0.20 -5.92 -12.28
C GLY A 28 0.43 -4.41 -12.40
N LEU A 29 -0.35 -3.57 -11.71
CA LEU A 29 -0.02 -2.14 -11.59
C LEU A 29 1.34 -2.02 -10.92
N VAL A 30 1.50 -2.83 -9.88
CA VAL A 30 2.75 -3.13 -9.21
C VAL A 30 2.86 -4.64 -9.04
N ALA A 31 4.04 -5.15 -8.66
CA ALA A 31 4.22 -6.51 -8.17
C ALA A 31 4.22 -6.47 -6.65
N HIS A 32 4.00 -7.60 -5.99
CA HIS A 32 3.81 -7.69 -4.54
C HIS A 32 4.99 -7.18 -3.69
N SER A 33 6.15 -6.90 -4.30
CA SER A 33 7.37 -6.42 -3.66
C SER A 33 7.86 -5.15 -4.37
N ASP A 34 6.94 -4.25 -4.69
CA ASP A 34 7.15 -2.91 -5.23
C ASP A 34 7.66 -1.90 -4.20
N LEU A 35 7.66 -2.28 -2.92
CA LEU A 35 7.87 -1.34 -1.83
C LEU A 35 9.28 -1.41 -1.28
N ASP A 36 9.70 -0.33 -0.62
CA ASP A 36 10.90 -0.28 0.19
C ASP A 36 10.55 -0.63 1.63
N GLU A 37 11.59 -0.96 2.38
CA GLU A 37 11.57 -1.37 3.78
C GLU A 37 10.68 -0.46 4.64
N ARG A 38 10.92 0.84 4.55
CA ARG A 38 10.25 1.80 5.42
C ARG A 38 8.82 2.04 4.98
N ALA A 39 8.39 1.55 3.82
CA ALA A 39 6.98 1.47 3.50
C ALA A 39 6.35 0.34 4.30
N ILE A 40 6.93 -0.87 4.35
CA ILE A 40 6.40 -1.93 5.22
C ILE A 40 6.33 -1.44 6.67
N GLU A 41 7.43 -0.90 7.20
CA GLU A 41 7.41 -0.42 8.57
C GLU A 41 6.38 0.70 8.81
N ALA A 42 6.20 1.64 7.88
CA ALA A 42 5.25 2.74 8.04
C ALA A 42 3.79 2.28 7.82
N LEU A 43 3.55 1.20 7.07
CA LEU A 43 2.24 0.58 6.92
C LEU A 43 1.78 -0.03 8.24
N LYS A 44 2.73 -0.50 9.04
CA LYS A 44 2.52 -1.01 10.39
C LYS A 44 1.97 0.06 11.35
N GLU A 45 2.01 1.33 10.97
CA GLU A 45 1.68 2.46 11.85
C GLU A 45 0.30 3.08 11.56
N PHE A 46 -0.49 2.53 10.62
CA PHE A 46 -1.85 2.95 10.36
C PHE A 46 -2.84 2.04 11.08
N ASN A 47 -4.05 2.53 11.26
CA ASN A 47 -5.23 1.75 11.62
C ASN A 47 -5.90 1.21 10.36
N GLU A 48 -6.97 0.46 10.58
CA GLU A 48 -7.82 -0.18 9.60
C GLU A 48 -8.28 0.85 8.56
N ASP A 49 -9.12 1.81 8.96
CA ASP A 49 -9.75 2.74 8.01
C ASP A 49 -8.71 3.67 7.37
N GLY A 50 -7.66 4.03 8.13
CA GLY A 50 -6.60 4.86 7.61
C GLY A 50 -5.91 4.15 6.45
N ALA A 51 -5.36 2.97 6.72
CA ALA A 51 -4.72 2.13 5.71
C ALA A 51 -5.64 1.90 4.51
N LEU A 52 -6.92 1.59 4.72
CA LEU A 52 -7.87 1.34 3.63
C LEU A 52 -8.02 2.57 2.73
N ALA A 53 -8.02 3.78 3.29
CA ALA A 53 -8.04 5.00 2.49
C ALA A 53 -6.74 5.13 1.69
N VAL A 54 -5.57 4.92 2.31
CA VAL A 54 -4.28 5.02 1.62
C VAL A 54 -4.22 4.04 0.44
N LEU A 55 -4.74 2.83 0.60
CA LEU A 55 -4.72 1.78 -0.42
C LEU A 55 -5.50 2.22 -1.64
N GLN A 56 -6.70 2.72 -1.40
CA GLN A 56 -7.54 3.27 -2.44
C GLN A 56 -6.80 4.39 -3.14
N GLN A 57 -6.27 5.37 -2.41
CA GLN A 57 -5.72 6.57 -3.01
C GLN A 57 -4.42 6.27 -3.77
N PHE A 58 -3.70 5.22 -3.35
CA PHE A 58 -2.59 4.65 -4.10
C PHE A 58 -3.13 4.15 -5.44
N LYS A 59 -3.97 3.09 -5.45
CA LYS A 59 -4.56 2.52 -6.66
C LYS A 59 -5.16 3.60 -7.57
N ASP A 60 -5.77 4.62 -6.98
CA ASP A 60 -6.44 5.71 -7.69
C ASP A 60 -5.46 6.68 -8.36
N SER A 61 -4.27 6.22 -8.75
CA SER A 61 -3.26 7.00 -9.44
C SER A 61 -2.57 6.10 -10.48
N ASP A 62 -1.96 6.73 -11.49
CA ASP A 62 -1.71 6.18 -12.81
C ASP A 62 -0.20 6.08 -13.02
N LEU A 63 0.32 5.01 -12.42
CA LEU A 63 1.73 4.75 -12.16
C LEU A 63 2.57 4.41 -13.40
N SER A 64 1.99 4.35 -14.60
CA SER A 64 2.62 3.70 -15.75
C SER A 64 4.01 4.29 -16.03
N HIS A 65 4.14 5.62 -16.03
CA HIS A 65 5.41 6.32 -16.16
C HIS A 65 5.81 6.90 -14.80
N VAL A 66 6.04 6.02 -13.80
CA VAL A 66 6.61 6.36 -12.50
C VAL A 66 7.72 5.35 -12.24
N GLN A 67 8.94 5.82 -11.98
CA GLN A 67 10.10 4.98 -11.67
C GLN A 67 9.84 4.24 -10.34
N ASN A 68 9.54 5.01 -9.30
CA ASN A 68 9.71 4.65 -7.89
C ASN A 68 8.37 4.55 -7.19
N LYS A 69 7.64 3.48 -7.53
CA LYS A 69 6.33 3.11 -7.01
C LYS A 69 6.25 3.18 -5.49
N SER A 70 7.33 2.82 -4.83
CA SER A 70 7.47 2.79 -3.38
C SER A 70 7.37 4.22 -2.81
N ALA A 71 8.15 5.15 -3.37
CA ALA A 71 8.17 6.53 -2.93
C ALA A 71 6.81 7.19 -3.19
N PHE A 72 6.10 6.76 -4.23
CA PHE A 72 4.74 7.21 -4.50
C PHE A 72 3.88 6.91 -3.28
N LEU A 73 3.85 5.64 -2.85
CA LEU A 73 3.05 5.20 -1.72
C LEU A 73 3.44 5.96 -0.46
N CYS A 74 4.73 6.05 -0.20
CA CYS A 74 5.29 6.78 0.93
C CYS A 74 4.77 8.22 0.95
N GLY A 75 4.69 8.88 -0.21
CA GLY A 75 4.14 10.21 -0.34
C GLY A 75 2.71 10.27 0.18
N VAL A 76 1.85 9.37 -0.32
CA VAL A 76 0.46 9.27 0.12
C VAL A 76 0.41 9.03 1.64
N MET A 77 1.24 8.12 2.18
CA MET A 77 1.30 7.86 3.62
C MET A 77 1.59 9.13 4.41
N LYS A 78 2.55 9.96 3.97
CA LYS A 78 2.90 11.19 4.68
C LYS A 78 1.67 12.06 4.83
N THR A 79 0.99 12.36 3.73
CA THR A 79 -0.18 13.22 3.75
C THR A 79 -1.27 12.65 4.67
N TYR A 80 -1.53 11.34 4.63
CA TYR A 80 -2.50 10.75 5.54
C TYR A 80 -2.11 10.90 7.01
N ARG A 81 -0.82 10.78 7.36
CA ARG A 81 -0.37 10.96 8.74
C ARG A 81 -0.23 12.45 9.10
N GLN A 82 -0.28 13.38 8.15
CA GLN A 82 -0.09 14.81 8.38
C GLN A 82 -1.00 15.60 7.44
N ARG A 83 -2.21 15.90 7.91
CA ARG A 83 -3.24 16.63 7.17
C ARG A 83 -3.68 17.85 7.96
N GLU A 84 -2.70 18.65 8.40
CA GLU A 84 -2.84 19.85 9.21
C GLU A 84 -1.71 20.82 8.81
N LYS A 85 -1.66 22.00 9.42
CA LYS A 85 -0.61 23.00 9.24
C LYS A 85 -0.73 23.63 7.86
N GLY A 1 -8.96 -13.00 -4.13
CA GLY A 1 -7.88 -12.12 -4.58
C GLY A 1 -7.03 -12.85 -5.60
N SER A 2 -5.74 -12.56 -5.62
CA SER A 2 -4.71 -13.40 -6.22
C SER A 2 -3.91 -14.05 -5.10
N GLU A 3 -2.78 -14.65 -5.45
CA GLU A 3 -1.86 -15.31 -4.54
C GLU A 3 -1.25 -14.34 -3.52
N ASN A 4 -1.09 -13.06 -3.85
CA ASN A 4 -0.36 -12.09 -3.01
C ASN A 4 -1.01 -11.99 -1.64
N PHE A 5 -2.35 -12.06 -1.60
CA PHE A 5 -3.18 -11.95 -0.42
C PHE A 5 -2.64 -12.75 0.77
N GLN A 6 -2.37 -14.05 0.57
CA GLN A 6 -1.95 -14.92 1.65
C GLN A 6 -0.62 -14.45 2.24
N THR A 7 0.31 -14.05 1.39
CA THR A 7 1.63 -13.61 1.83
C THR A 7 1.49 -12.30 2.62
N LEU A 8 0.59 -11.39 2.22
CA LEU A 8 0.35 -10.15 2.97
C LEU A 8 -0.17 -10.45 4.38
N LEU A 9 -1.00 -11.48 4.55
CA LEU A 9 -1.48 -11.90 5.86
C LEU A 9 -0.33 -12.41 6.73
N ASP A 10 0.78 -12.86 6.15
CA ASP A 10 1.98 -13.26 6.88
C ASP A 10 2.93 -12.08 7.13
N ALA A 11 2.84 -11.05 6.28
CA ALA A 11 3.81 -9.97 6.12
C ALA A 11 3.75 -8.94 7.24
N GLY A 12 3.05 -9.26 8.32
CA GLY A 12 2.88 -8.41 9.47
C GLY A 12 1.62 -7.56 9.43
N LEU A 13 0.65 -7.89 8.56
CA LEU A 13 -0.50 -7.03 8.31
C LEU A 13 -1.85 -7.70 8.65
N PRO A 14 -2.92 -6.93 8.92
CA PRO A 14 -4.28 -7.43 9.12
C PRO A 14 -5.00 -7.81 7.80
N GLN A 15 -6.18 -8.42 7.90
CA GLN A 15 -6.99 -8.87 6.77
C GLN A 15 -7.62 -7.68 6.07
N LYS A 16 -8.16 -6.74 6.83
CA LYS A 16 -8.94 -5.65 6.24
C LYS A 16 -8.14 -4.87 5.20
N VAL A 17 -6.86 -4.69 5.50
CA VAL A 17 -5.85 -4.07 4.68
C VAL A 17 -5.56 -5.04 3.52
N ALA A 18 -5.25 -6.31 3.82
CA ALA A 18 -4.81 -7.32 2.86
C ALA A 18 -5.75 -7.43 1.67
N GLU A 19 -7.05 -7.39 1.95
CA GLU A 19 -8.10 -7.49 0.95
C GLU A 19 -7.87 -6.45 -0.16
N LYS A 20 -7.76 -5.17 0.23
CA LYS A 20 -7.54 -4.10 -0.76
C LYS A 20 -6.09 -4.10 -1.27
N LEU A 21 -5.13 -4.58 -0.47
CA LEU A 21 -3.71 -4.48 -0.77
C LEU A 21 -3.32 -5.48 -1.85
N ASP A 22 -3.85 -6.71 -1.79
CA ASP A 22 -3.61 -7.75 -2.78
C ASP A 22 -3.98 -7.24 -4.16
N GLU A 23 -5.13 -6.60 -4.28
CA GLU A 23 -5.67 -5.96 -5.47
C GLU A 23 -4.66 -5.05 -6.15
N ILE A 24 -3.86 -4.35 -5.35
CA ILE A 24 -2.91 -3.39 -5.89
C ILE A 24 -1.88 -4.16 -6.73
N TYR A 25 -1.49 -5.35 -6.27
CA TYR A 25 -0.51 -6.21 -6.91
C TYR A 25 -1.12 -7.03 -8.05
N VAL A 26 -2.42 -6.97 -8.30
CA VAL A 26 -3.05 -7.64 -9.44
C VAL A 26 -2.97 -6.79 -10.71
N ALA A 27 -3.25 -5.48 -10.59
CA ALA A 27 -3.57 -4.63 -11.75
C ALA A 27 -2.33 -4.24 -12.57
N GLY A 28 -1.14 -4.62 -12.11
CA GLY A 28 0.13 -4.28 -12.72
C GLY A 28 0.79 -3.05 -12.08
N LEU A 29 0.01 -2.28 -11.30
CA LEU A 29 0.40 -0.99 -10.74
C LEU A 29 1.69 -1.09 -9.96
N VAL A 30 1.77 -2.06 -9.05
CA VAL A 30 3.05 -2.43 -8.42
C VAL A 30 3.23 -3.93 -8.33
N ALA A 31 4.48 -4.38 -8.17
CA ALA A 31 4.80 -5.69 -7.58
C ALA A 31 4.80 -5.53 -6.06
N HIS A 32 4.66 -6.64 -5.34
CA HIS A 32 4.75 -6.65 -3.87
C HIS A 32 6.10 -6.15 -3.38
N SER A 33 7.19 -6.38 -4.12
CA SER A 33 8.52 -5.94 -3.74
C SER A 33 8.89 -4.59 -4.37
N ASP A 34 8.01 -3.94 -5.14
CA ASP A 34 8.34 -2.66 -5.82
C ASP A 34 8.33 -1.47 -4.87
N LEU A 35 8.33 -1.75 -3.57
CA LEU A 35 8.23 -0.85 -2.45
C LEU A 35 9.52 -0.98 -1.65
N ASP A 36 9.61 -0.39 -0.45
CA ASP A 36 10.80 -0.47 0.41
C ASP A 36 10.32 -0.82 1.81
N GLU A 37 11.24 -1.09 2.74
CA GLU A 37 10.95 -1.25 4.16
C GLU A 37 10.17 -0.05 4.69
N ARG A 38 10.46 1.16 4.22
CA ARG A 38 9.75 2.38 4.60
C ARG A 38 8.24 2.25 4.37
N ALA A 39 7.81 1.51 3.35
CA ALA A 39 6.41 1.26 3.07
C ALA A 39 5.84 0.20 4.01
N ILE A 40 6.56 -0.90 4.22
CA ILE A 40 6.17 -1.98 5.13
C ILE A 40 5.94 -1.37 6.51
N GLU A 41 6.93 -0.63 7.01
CA GLU A 41 6.95 -0.04 8.33
C GLU A 41 5.79 0.94 8.48
N ALA A 42 5.59 1.80 7.47
CA ALA A 42 4.50 2.77 7.47
C ALA A 42 3.13 2.10 7.45
N LEU A 43 2.96 0.97 6.75
CA LEU A 43 1.71 0.23 6.71
C LEU A 43 1.28 -0.23 8.11
N LYS A 44 2.24 -0.65 8.95
CA LYS A 44 1.93 -1.08 10.32
C LYS A 44 1.32 0.09 11.10
N GLU A 45 1.89 1.28 10.99
CA GLU A 45 1.70 2.48 11.82
C GLU A 45 0.33 3.17 11.70
N PHE A 46 -0.67 2.55 11.08
CA PHE A 46 -1.98 3.13 10.83
C PHE A 46 -3.04 2.29 11.53
N ASN A 47 -4.17 2.92 11.86
CA ASN A 47 -5.43 2.27 12.06
C ASN A 47 -5.87 1.47 10.84
N GLU A 48 -7.00 0.82 11.03
CA GLU A 48 -7.84 0.22 10.05
C GLU A 48 -8.20 1.23 8.95
N ASP A 49 -8.95 2.31 9.26
CA ASP A 49 -9.39 3.23 8.21
C ASP A 49 -8.26 4.08 7.67
N GLY A 50 -7.30 4.42 8.54
CA GLY A 50 -6.03 5.02 8.16
C GLY A 50 -5.36 4.22 7.04
N ALA A 51 -5.13 2.93 7.28
CA ALA A 51 -4.47 2.07 6.32
C ALA A 51 -5.25 1.99 5.02
N LEU A 52 -6.59 1.86 5.06
CA LEU A 52 -7.42 1.75 3.86
C LEU A 52 -7.33 3.02 3.03
N ALA A 53 -7.53 4.21 3.62
CA ALA A 53 -7.54 5.47 2.88
C ALA A 53 -6.28 5.63 2.03
N VAL A 54 -5.12 5.36 2.61
CA VAL A 54 -3.83 5.37 1.93
C VAL A 54 -3.83 4.48 0.69
N LEU A 55 -4.42 3.29 0.78
CA LEU A 55 -4.41 2.31 -0.31
C LEU A 55 -5.33 2.77 -1.42
N GLN A 56 -6.50 3.28 -1.06
CA GLN A 56 -7.51 3.64 -2.03
C GLN A 56 -7.11 4.89 -2.81
N GLN A 57 -6.53 5.88 -2.13
CA GLN A 57 -5.98 7.03 -2.83
C GLN A 57 -4.75 6.65 -3.65
N PHE A 58 -4.14 5.50 -3.34
CA PHE A 58 -2.94 5.04 -4.05
C PHE A 58 -3.32 4.30 -5.32
N LYS A 59 -4.36 3.45 -5.28
CA LYS A 59 -4.90 2.82 -6.47
C LYS A 59 -5.65 3.84 -7.36
N ASP A 60 -6.07 4.98 -6.81
CA ASP A 60 -6.57 6.15 -7.56
C ASP A 60 -5.39 6.90 -8.20
N SER A 61 -4.46 6.22 -8.89
CA SER A 61 -3.34 6.87 -9.59
C SER A 61 -2.90 6.08 -10.83
N ASP A 62 -2.34 6.79 -11.82
CA ASP A 62 -1.84 6.25 -13.08
C ASP A 62 -0.35 5.97 -12.89
N LEU A 63 -0.07 4.86 -12.23
CA LEU A 63 1.28 4.55 -11.74
C LEU A 63 2.16 4.00 -12.86
N SER A 64 1.57 3.65 -14.01
CA SER A 64 2.22 3.13 -15.20
C SER A 64 3.37 4.03 -15.67
N HIS A 65 3.27 5.33 -15.44
CA HIS A 65 4.22 6.33 -15.90
C HIS A 65 5.21 6.79 -14.82
N VAL A 66 5.30 6.07 -13.71
CA VAL A 66 6.15 6.45 -12.60
C VAL A 66 7.39 5.57 -12.57
N GLN A 67 8.54 6.22 -12.36
CA GLN A 67 9.85 5.63 -12.21
C GLN A 67 9.89 4.73 -10.97
N ASN A 68 9.80 5.33 -9.77
CA ASN A 68 10.11 4.70 -8.49
C ASN A 68 8.83 4.53 -7.68
N LYS A 69 8.16 3.39 -7.90
CA LYS A 69 6.84 3.07 -7.36
C LYS A 69 6.72 3.23 -5.85
N SER A 70 7.83 2.99 -5.16
CA SER A 70 8.03 3.04 -3.73
C SER A 70 7.78 4.45 -3.23
N ALA A 71 8.50 5.42 -3.81
CA ALA A 71 8.45 6.81 -3.39
C ALA A 71 7.05 7.36 -3.58
N PHE A 72 6.39 6.98 -4.66
CA PHE A 72 5.04 7.46 -4.93
C PHE A 72 4.12 7.00 -3.80
N LEU A 73 4.15 5.69 -3.52
CA LEU A 73 3.29 5.04 -2.55
C LEU A 73 3.55 5.64 -1.19
N CYS A 74 4.80 5.57 -0.76
CA CYS A 74 5.20 5.97 0.58
C CYS A 74 4.92 7.46 0.80
N GLY A 75 4.93 8.28 -0.26
CA GLY A 75 4.45 9.65 -0.23
C GLY A 75 3.01 9.74 0.26
N VAL A 76 2.08 8.99 -0.35
CA VAL A 76 0.67 8.98 0.04
C VAL A 76 0.59 8.63 1.54
N MET A 77 1.29 7.58 1.98
CA MET A 77 1.34 7.17 3.38
C MET A 77 1.72 8.36 4.28
N LYS A 78 2.83 9.02 3.95
CA LYS A 78 3.39 10.07 4.79
C LYS A 78 2.41 11.22 4.90
N THR A 79 1.82 11.60 3.78
CA THR A 79 0.84 12.67 3.71
C THR A 79 -0.33 12.35 4.63
N TYR A 80 -0.87 11.13 4.56
CA TYR A 80 -2.00 10.73 5.39
C TYR A 80 -1.65 10.74 6.87
N ARG A 81 -0.47 10.21 7.24
CA ARG A 81 -0.05 10.15 8.62
C ARG A 81 0.09 11.58 9.15
N GLN A 82 0.81 12.43 8.43
CA GLN A 82 0.88 13.85 8.76
C GLN A 82 -0.32 14.59 8.15
N ARG A 83 -1.50 14.28 8.66
CA ARG A 83 -2.70 15.11 8.53
C ARG A 83 -2.94 15.80 9.85
N GLU A 84 -2.13 16.82 10.10
CA GLU A 84 -2.36 17.85 11.10
C GLU A 84 -2.32 19.13 10.28
N LYS A 85 -3.51 19.47 9.76
CA LYS A 85 -3.80 20.50 8.78
C LYS A 85 -4.67 21.54 9.44
N GLY A 1 -9.22 -13.11 -3.17
CA GLY A 1 -8.18 -12.46 -3.96
C GLY A 1 -7.20 -13.49 -4.44
N SER A 2 -5.96 -13.05 -4.56
CA SER A 2 -4.89 -13.76 -5.23
C SER A 2 -3.87 -14.25 -4.19
N GLU A 3 -2.79 -14.87 -4.65
CA GLU A 3 -1.72 -15.40 -3.80
C GLU A 3 -1.21 -14.37 -2.79
N ASN A 4 -1.13 -13.10 -3.21
CA ASN A 4 -0.43 -12.05 -2.49
C ASN A 4 -1.10 -11.89 -1.13
N PHE A 5 -2.43 -12.06 -1.07
CA PHE A 5 -3.23 -12.03 0.14
C PHE A 5 -2.57 -12.80 1.27
N GLN A 6 -2.22 -14.07 1.04
CA GLN A 6 -1.67 -14.90 2.10
C GLN A 6 -0.31 -14.38 2.56
N THR A 7 0.56 -14.00 1.62
CA THR A 7 1.88 -13.47 1.90
C THR A 7 1.75 -12.16 2.71
N LEU A 8 0.76 -11.32 2.40
CA LEU A 8 0.46 -10.06 3.07
C LEU A 8 -0.08 -10.30 4.48
N LEU A 9 -0.91 -11.33 4.70
CA LEU A 9 -1.35 -11.68 6.06
C LEU A 9 -0.14 -12.02 6.94
N ASP A 10 0.98 -12.46 6.37
CA ASP A 10 2.20 -12.76 7.14
C ASP A 10 3.18 -11.59 7.14
N ALA A 11 2.95 -10.58 6.30
CA ALA A 11 3.73 -9.35 6.25
C ALA A 11 3.50 -8.45 7.48
N GLY A 12 2.62 -8.85 8.39
CA GLY A 12 2.31 -8.12 9.61
C GLY A 12 0.95 -7.43 9.58
N LEU A 13 0.22 -7.61 8.47
CA LEU A 13 -0.88 -6.74 8.09
C LEU A 13 -2.19 -7.40 8.49
N PRO A 14 -3.20 -6.61 8.90
CA PRO A 14 -4.50 -7.16 9.22
C PRO A 14 -5.21 -7.64 7.95
N GLN A 15 -6.25 -8.46 8.13
CA GLN A 15 -7.00 -9.03 7.03
C GLN A 15 -7.63 -7.91 6.24
N LYS A 16 -8.25 -6.96 6.94
CA LYS A 16 -8.99 -5.89 6.29
C LYS A 16 -8.17 -5.07 5.30
N VAL A 17 -6.90 -4.83 5.61
CA VAL A 17 -5.98 -4.16 4.73
C VAL A 17 -5.60 -5.15 3.63
N ALA A 18 -5.16 -6.37 4.00
CA ALA A 18 -4.67 -7.38 3.07
C ALA A 18 -5.64 -7.66 1.93
N GLU A 19 -6.94 -7.63 2.21
CA GLU A 19 -7.98 -7.80 1.20
C GLU A 19 -7.74 -6.84 0.02
N LYS A 20 -7.67 -5.55 0.33
CA LYS A 20 -7.51 -4.50 -0.68
C LYS A 20 -6.06 -4.47 -1.18
N LEU A 21 -5.08 -4.77 -0.30
CA LEU A 21 -3.66 -4.66 -0.60
C LEU A 21 -3.21 -5.74 -1.57
N ASP A 22 -3.82 -6.92 -1.52
CA ASP A 22 -3.60 -8.01 -2.47
C ASP A 22 -3.87 -7.59 -3.90
N GLU A 23 -4.99 -6.88 -4.12
CA GLU A 23 -5.41 -6.39 -5.44
C GLU A 23 -4.40 -5.45 -6.08
N ILE A 24 -3.60 -4.76 -5.26
CA ILE A 24 -2.64 -3.78 -5.74
C ILE A 24 -1.53 -4.49 -6.52
N TYR A 25 -1.39 -5.81 -6.34
CA TYR A 25 -0.45 -6.65 -7.06
C TYR A 25 -1.09 -7.40 -8.24
N VAL A 26 -2.39 -7.23 -8.47
CA VAL A 26 -3.07 -7.82 -9.62
C VAL A 26 -2.89 -6.90 -10.83
N ALA A 27 -3.26 -5.63 -10.72
CA ALA A 27 -3.72 -4.78 -11.82
C ALA A 27 -2.58 -3.95 -12.40
N GLY A 28 -1.38 -4.54 -12.45
CA GLY A 28 -0.20 -3.99 -13.08
C GLY A 28 0.28 -2.64 -12.52
N LEU A 29 -0.02 -2.38 -11.24
CA LEU A 29 0.41 -1.17 -10.54
C LEU A 29 1.82 -1.39 -9.99
N VAL A 30 1.95 -2.31 -9.03
CA VAL A 30 3.24 -2.65 -8.44
C VAL A 30 3.37 -4.16 -8.26
N ALA A 31 4.61 -4.62 -8.10
CA ALA A 31 5.01 -5.88 -7.51
C ALA A 31 5.32 -5.68 -6.02
N HIS A 32 5.29 -6.74 -5.22
CA HIS A 32 5.54 -6.63 -3.78
C HIS A 32 6.92 -6.03 -3.50
N SER A 33 7.90 -6.29 -4.36
CA SER A 33 9.28 -5.84 -4.19
C SER A 33 9.55 -4.52 -4.94
N ASP A 34 8.52 -3.84 -5.46
CA ASP A 34 8.69 -2.48 -5.98
C ASP A 34 8.62 -1.44 -4.85
N LEU A 35 8.18 -1.85 -3.66
CA LEU A 35 8.13 -1.07 -2.43
C LEU A 35 9.44 -1.25 -1.65
N ASP A 36 9.61 -0.61 -0.49
CA ASP A 36 10.79 -0.74 0.38
C ASP A 36 10.36 -0.80 1.85
N GLU A 37 11.31 -0.84 2.79
CA GLU A 37 11.03 -0.95 4.23
C GLU A 37 10.11 0.17 4.71
N ARG A 38 10.24 1.39 4.17
CA ARG A 38 9.41 2.52 4.58
C ARG A 38 7.96 2.31 4.19
N ALA A 39 7.65 1.42 3.24
CA ALA A 39 6.29 0.99 2.96
C ALA A 39 5.80 0.04 4.05
N ILE A 40 6.58 -1.01 4.34
CA ILE A 40 6.23 -2.10 5.24
C ILE A 40 6.01 -1.55 6.66
N GLU A 41 6.94 -0.76 7.17
CA GLU A 41 6.91 -0.27 8.52
C GLU A 41 5.75 0.73 8.68
N ALA A 42 5.58 1.64 7.71
CA ALA A 42 4.48 2.60 7.73
C ALA A 42 3.12 1.92 7.64
N LEU A 43 3.01 0.82 6.88
CA LEU A 43 1.76 0.09 6.75
C LEU A 43 1.23 -0.36 8.10
N LYS A 44 2.09 -0.91 8.97
CA LYS A 44 1.63 -1.31 10.30
C LYS A 44 1.23 -0.09 11.15
N GLU A 45 1.69 1.12 10.85
CA GLU A 45 1.31 2.34 11.56
C GLU A 45 0.00 2.94 11.02
N PHE A 46 -1.03 2.14 10.75
CA PHE A 46 -2.36 2.65 10.45
C PHE A 46 -3.43 1.79 11.13
N ASN A 47 -4.61 2.35 11.36
CA ASN A 47 -5.82 1.58 11.72
C ASN A 47 -6.50 1.09 10.45
N GLU A 48 -7.59 0.36 10.65
CA GLU A 48 -8.41 -0.24 9.62
C GLU A 48 -8.80 0.77 8.53
N ASP A 49 -9.43 1.88 8.91
CA ASP A 49 -9.97 2.81 7.92
C ASP A 49 -8.89 3.74 7.37
N GLY A 50 -7.91 4.13 8.20
CA GLY A 50 -6.83 5.00 7.78
C GLY A 50 -5.90 4.32 6.78
N ALA A 51 -5.63 3.03 7.00
CA ALA A 51 -4.96 2.14 6.07
C ALA A 51 -5.73 2.15 4.74
N LEU A 52 -7.05 1.95 4.77
CA LEU A 52 -7.85 1.89 3.54
C LEU A 52 -7.81 3.22 2.80
N ALA A 53 -7.77 4.37 3.48
CA ALA A 53 -7.63 5.67 2.83
C ALA A 53 -6.34 5.73 2.00
N VAL A 54 -5.21 5.28 2.56
CA VAL A 54 -3.95 5.16 1.81
C VAL A 54 -4.15 4.30 0.55
N LEU A 55 -4.91 3.20 0.65
CA LEU A 55 -5.04 2.23 -0.43
C LEU A 55 -6.00 2.74 -1.49
N GLN A 56 -7.03 3.49 -1.10
CA GLN A 56 -7.85 4.23 -2.03
C GLN A 56 -6.91 5.13 -2.82
N GLN A 57 -6.22 6.05 -2.16
CA GLN A 57 -5.56 7.17 -2.85
C GLN A 57 -4.30 6.74 -3.62
N PHE A 58 -3.83 5.50 -3.43
CA PHE A 58 -2.74 4.92 -4.19
C PHE A 58 -3.28 4.31 -5.52
N LYS A 59 -4.18 3.32 -5.46
CA LYS A 59 -4.75 2.69 -6.67
C LYS A 59 -5.57 3.71 -7.46
N ASP A 60 -6.16 4.70 -6.81
CA ASP A 60 -6.79 5.86 -7.45
C ASP A 60 -5.72 6.90 -7.79
N SER A 61 -4.73 6.49 -8.58
CA SER A 61 -3.82 7.33 -9.35
C SER A 61 -3.32 6.50 -10.54
N ASP A 62 -2.51 7.11 -11.40
CA ASP A 62 -2.05 6.60 -12.68
C ASP A 62 -0.54 6.43 -12.57
N LEU A 63 -0.11 5.18 -12.45
CA LEU A 63 1.29 4.82 -12.28
C LEU A 63 1.97 4.49 -13.61
N SER A 64 1.30 4.72 -14.73
CA SER A 64 1.89 4.74 -16.05
C SER A 64 3.06 5.73 -16.04
N HIS A 65 4.24 5.27 -16.46
CA HIS A 65 5.46 6.06 -16.64
C HIS A 65 5.98 6.77 -15.37
N VAL A 66 5.43 6.48 -14.18
CA VAL A 66 5.99 6.95 -12.91
C VAL A 66 7.30 6.19 -12.69
N GLN A 67 8.35 6.91 -12.27
CA GLN A 67 9.68 6.40 -11.97
C GLN A 67 9.62 5.25 -10.95
N ASN A 68 9.60 5.59 -9.66
CA ASN A 68 9.90 4.69 -8.56
C ASN A 68 8.66 4.60 -7.69
N LYS A 69 7.90 3.53 -7.88
CA LYS A 69 6.57 3.37 -7.32
C LYS A 69 6.61 3.35 -5.79
N SER A 70 7.72 2.92 -5.21
CA SER A 70 8.00 2.92 -3.78
C SER A 70 7.85 4.32 -3.23
N ALA A 71 8.50 5.29 -3.88
CA ALA A 71 8.51 6.67 -3.42
C ALA A 71 7.17 7.36 -3.68
N PHE A 72 6.38 6.90 -4.67
CA PHE A 72 5.02 7.41 -4.84
C PHE A 72 4.21 6.95 -3.63
N LEU A 73 4.18 5.63 -3.40
CA LEU A 73 3.38 4.96 -2.39
C LEU A 73 3.66 5.54 -1.02
N CYS A 74 4.95 5.59 -0.68
CA CYS A 74 5.37 6.06 0.62
C CYS A 74 4.95 7.54 0.80
N GLY A 75 4.85 8.31 -0.28
CA GLY A 75 4.33 9.68 -0.25
C GLY A 75 2.88 9.71 0.24
N VAL A 76 2.04 8.84 -0.31
CA VAL A 76 0.63 8.71 0.08
C VAL A 76 0.56 8.46 1.59
N MET A 77 1.27 7.45 2.08
CA MET A 77 1.26 7.08 3.50
C MET A 77 1.65 8.26 4.37
N LYS A 78 2.77 8.91 4.03
CA LYS A 78 3.30 10.03 4.80
C LYS A 78 2.23 11.09 4.99
N THR A 79 1.60 11.48 3.87
CA THR A 79 0.55 12.49 3.85
C THR A 79 -0.57 12.09 4.82
N TYR A 80 -1.05 10.84 4.78
CA TYR A 80 -2.13 10.43 5.68
C TYR A 80 -1.70 10.46 7.15
N ARG A 81 -0.51 9.96 7.50
CA ARG A 81 -0.04 10.00 8.89
C ARG A 81 0.29 11.43 9.33
N GLN A 82 0.52 12.35 8.41
CA GLN A 82 0.87 13.74 8.68
C GLN A 82 -0.05 14.65 7.87
N ARG A 83 -1.33 14.59 8.20
CA ARG A 83 -2.38 15.38 7.55
C ARG A 83 -2.76 16.62 8.35
N GLU A 84 -2.06 16.92 9.45
CA GLU A 84 -2.24 18.11 10.28
C GLU A 84 -1.49 19.34 9.73
N LYS A 85 -1.33 19.41 8.40
CA LYS A 85 -0.43 20.31 7.68
C LYS A 85 0.99 19.83 7.92
N GLY A 1 -8.91 -13.16 -5.62
CA GLY A 1 -7.54 -12.71 -5.38
C GLY A 1 -6.55 -13.68 -5.96
N SER A 2 -5.27 -13.39 -5.80
CA SER A 2 -4.20 -14.16 -6.43
C SER A 2 -3.08 -14.39 -5.42
N GLU A 3 -1.91 -14.86 -5.87
CA GLU A 3 -0.82 -15.28 -4.99
C GLU A 3 -0.07 -14.12 -4.33
N ASN A 4 -0.72 -12.97 -4.22
CA ASN A 4 -0.28 -11.76 -3.55
C ASN A 4 -0.97 -11.61 -2.20
N PHE A 5 -2.23 -12.06 -2.06
CA PHE A 5 -3.06 -11.85 -0.87
C PHE A 5 -2.38 -12.33 0.42
N GLN A 6 -2.03 -13.61 0.49
CA GLN A 6 -1.47 -14.25 1.68
C GLN A 6 -0.16 -13.59 2.11
N THR A 7 0.59 -13.01 1.17
CA THR A 7 1.84 -12.32 1.43
C THR A 7 1.57 -11.16 2.40
N LEU A 8 0.47 -10.41 2.23
CA LEU A 8 0.14 -9.33 3.14
C LEU A 8 -0.20 -9.86 4.53
N LEU A 9 -0.90 -10.98 4.61
CA LEU A 9 -1.25 -11.57 5.91
C LEU A 9 0.02 -12.01 6.65
N ASP A 10 1.13 -12.23 5.95
CA ASP A 10 2.43 -12.58 6.54
C ASP A 10 3.31 -11.32 6.74
N ALA A 11 2.87 -10.16 6.26
CA ALA A 11 3.62 -8.90 6.29
C ALA A 11 3.42 -8.14 7.60
N GLY A 12 2.90 -8.77 8.66
CA GLY A 12 2.63 -8.06 9.90
C GLY A 12 1.23 -7.43 9.96
N LEU A 13 0.34 -7.76 9.02
CA LEU A 13 -0.85 -6.96 8.75
C LEU A 13 -2.17 -7.69 9.05
N PRO A 14 -3.27 -6.93 9.22
CA PRO A 14 -4.61 -7.47 9.36
C PRO A 14 -5.12 -8.06 8.04
N GLN A 15 -6.28 -8.73 8.09
CA GLN A 15 -6.97 -9.13 6.88
C GLN A 15 -7.54 -7.92 6.17
N LYS A 16 -8.24 -7.03 6.88
CA LYS A 16 -9.11 -6.04 6.23
C LYS A 16 -8.39 -5.21 5.16
N VAL A 17 -7.12 -4.90 5.41
CA VAL A 17 -6.20 -4.18 4.55
C VAL A 17 -5.85 -5.09 3.37
N ALA A 18 -5.35 -6.31 3.65
CA ALA A 18 -4.96 -7.31 2.63
C ALA A 18 -6.04 -7.48 1.57
N GLU A 19 -7.31 -7.50 1.97
CA GLU A 19 -8.44 -7.75 1.09
C GLU A 19 -8.62 -6.74 -0.03
N LYS A 20 -8.07 -5.53 0.11
CA LYS A 20 -8.02 -4.57 -1.01
C LYS A 20 -6.59 -4.31 -1.48
N LEU A 21 -5.58 -4.58 -0.66
CA LEU A 21 -4.16 -4.45 -1.00
C LEU A 21 -3.74 -5.53 -2.01
N ASP A 22 -4.39 -6.69 -2.01
CA ASP A 22 -4.14 -7.80 -2.95
C ASP A 22 -4.19 -7.33 -4.40
N GLU A 23 -5.19 -6.53 -4.78
CA GLU A 23 -5.43 -5.98 -6.09
C GLU A 23 -4.36 -5.01 -6.56
N ILE A 24 -3.70 -4.33 -5.63
CA ILE A 24 -2.60 -3.41 -5.94
C ILE A 24 -1.50 -4.17 -6.71
N TYR A 25 -1.32 -5.45 -6.40
CA TYR A 25 -0.38 -6.34 -7.07
C TYR A 25 -0.99 -6.87 -8.37
N VAL A 26 -2.22 -7.41 -8.33
CA VAL A 26 -2.91 -7.95 -9.50
C VAL A 26 -2.93 -6.97 -10.68
N ALA A 27 -3.18 -5.69 -10.41
CA ALA A 27 -3.40 -4.67 -11.41
C ALA A 27 -2.10 -4.24 -12.11
N GLY A 28 -0.99 -4.93 -11.85
CA GLY A 28 0.28 -4.68 -12.49
C GLY A 28 1.00 -3.46 -11.95
N LEU A 29 0.39 -2.73 -11.01
CA LEU A 29 0.86 -1.47 -10.50
C LEU A 29 2.16 -1.68 -9.74
N VAL A 30 2.16 -2.62 -8.79
CA VAL A 30 3.38 -2.90 -8.01
C VAL A 30 3.71 -4.39 -7.88
N ALA A 31 4.95 -4.72 -7.51
CA ALA A 31 5.40 -6.05 -7.09
C ALA A 31 5.44 -6.11 -5.56
N HIS A 32 5.34 -7.31 -4.97
CA HIS A 32 5.21 -7.44 -3.51
C HIS A 32 6.51 -7.08 -2.77
N SER A 33 7.64 -6.96 -3.46
CA SER A 33 8.91 -6.49 -2.90
C SER A 33 9.39 -5.20 -3.59
N ASP A 34 8.51 -4.47 -4.29
CA ASP A 34 8.86 -3.13 -4.78
C ASP A 34 9.01 -2.17 -3.61
N LEU A 35 8.25 -2.41 -2.53
CA LEU A 35 8.16 -1.55 -1.36
C LEU A 35 9.41 -1.76 -0.51
N ASP A 36 10.08 -0.65 -0.17
CA ASP A 36 11.27 -0.66 0.67
C ASP A 36 10.80 -0.67 2.12
N GLU A 37 11.70 -0.99 3.06
CA GLU A 37 11.48 -1.06 4.51
C GLU A 37 10.70 0.13 5.06
N ARG A 38 11.03 1.36 4.62
CA ARG A 38 10.34 2.61 4.98
C ARG A 38 8.82 2.54 4.78
N ALA A 39 8.37 1.87 3.71
CA ALA A 39 6.97 1.72 3.38
C ALA A 39 6.34 0.55 4.13
N ILE A 40 7.13 -0.47 4.47
CA ILE A 40 6.65 -1.62 5.25
C ILE A 40 6.33 -1.16 6.67
N GLU A 41 7.21 -0.36 7.28
CA GLU A 41 6.96 0.27 8.56
C GLU A 41 5.70 1.14 8.47
N ALA A 42 5.62 1.97 7.43
CA ALA A 42 4.47 2.87 7.25
C ALA A 42 3.17 2.08 7.13
N LEU A 43 3.13 0.92 6.49
CA LEU A 43 1.93 0.08 6.46
C LEU A 43 1.45 -0.28 7.87
N LYS A 44 2.33 -0.82 8.73
CA LYS A 44 1.98 -1.14 10.11
C LYS A 44 1.44 0.05 10.92
N GLU A 45 1.65 1.30 10.50
CA GLU A 45 1.35 2.46 11.32
C GLU A 45 -0.13 2.83 11.40
N PHE A 46 -0.95 2.40 10.44
CA PHE A 46 -2.30 2.88 10.27
C PHE A 46 -3.30 1.97 10.98
N ASN A 47 -4.48 2.53 11.20
CA ASN A 47 -5.68 1.80 11.62
C ASN A 47 -6.42 1.24 10.40
N GLU A 48 -7.53 0.53 10.65
CA GLU A 48 -8.30 -0.21 9.68
C GLU A 48 -8.78 0.63 8.49
N ASP A 49 -9.13 1.88 8.75
CA ASP A 49 -9.63 2.83 7.76
C ASP A 49 -8.50 3.74 7.29
N GLY A 50 -7.57 4.07 8.17
CA GLY A 50 -6.41 4.88 7.84
C GLY A 50 -5.59 4.24 6.73
N ALA A 51 -5.37 2.93 6.84
CA ALA A 51 -4.72 2.11 5.84
C ALA A 51 -5.53 2.14 4.54
N LEU A 52 -6.84 1.93 4.64
CA LEU A 52 -7.74 1.88 3.50
C LEU A 52 -7.76 3.20 2.74
N ALA A 53 -7.57 4.34 3.40
CA ALA A 53 -7.45 5.59 2.69
C ALA A 53 -6.18 5.65 1.84
N VAL A 54 -5.03 5.20 2.37
CA VAL A 54 -3.80 5.10 1.60
C VAL A 54 -4.04 4.25 0.34
N LEU A 55 -4.80 3.15 0.46
CA LEU A 55 -5.08 2.25 -0.66
C LEU A 55 -6.00 2.91 -1.66
N GLN A 56 -7.12 3.47 -1.22
CA GLN A 56 -8.14 4.03 -2.10
C GLN A 56 -7.62 5.24 -2.89
N GLN A 57 -6.55 5.88 -2.42
CA GLN A 57 -5.87 6.92 -3.17
C GLN A 57 -4.80 6.32 -4.09
N PHE A 58 -4.05 5.31 -3.63
CA PHE A 58 -2.90 4.76 -4.37
C PHE A 58 -3.31 3.84 -5.52
N LYS A 59 -4.39 3.04 -5.39
CA LYS A 59 -4.97 2.30 -6.52
C LYS A 59 -5.38 3.28 -7.61
N ASP A 60 -5.89 4.44 -7.19
CA ASP A 60 -6.47 5.50 -8.00
C ASP A 60 -5.40 6.44 -8.59
N SER A 61 -4.11 6.18 -8.34
CA SER A 61 -2.99 6.91 -8.93
C SER A 61 -2.66 6.41 -10.33
N ASP A 62 -2.11 7.33 -11.12
CA ASP A 62 -1.76 7.18 -12.53
C ASP A 62 -0.38 6.52 -12.64
N LEU A 63 -0.20 5.35 -12.01
CA LEU A 63 1.13 4.80 -11.74
C LEU A 63 1.87 4.25 -12.96
N SER A 64 1.29 4.30 -14.17
CA SER A 64 1.92 3.82 -15.39
C SER A 64 3.25 4.55 -15.62
N HIS A 65 3.24 5.89 -15.76
CA HIS A 65 4.42 6.71 -15.94
C HIS A 65 5.06 7.05 -14.59
N VAL A 66 5.33 6.04 -13.77
CA VAL A 66 6.10 6.17 -12.54
C VAL A 66 7.11 5.03 -12.54
N GLN A 67 8.42 5.32 -12.48
CA GLN A 67 9.40 4.26 -12.25
C GLN A 67 9.41 3.90 -10.77
N ASN A 68 9.66 4.87 -9.88
CA ASN A 68 9.87 4.68 -8.45
C ASN A 68 8.55 4.45 -7.73
N LYS A 69 7.95 3.27 -7.93
CA LYS A 69 6.64 2.95 -7.38
C LYS A 69 6.61 3.10 -5.86
N SER A 70 7.71 2.68 -5.22
CA SER A 70 7.91 2.54 -3.79
C SER A 70 7.86 3.93 -3.17
N ALA A 71 8.66 4.84 -3.71
CA ALA A 71 8.71 6.22 -3.25
C ALA A 71 7.35 6.90 -3.38
N PHE A 72 6.61 6.59 -4.44
CA PHE A 72 5.28 7.15 -4.64
C PHE A 72 4.36 6.70 -3.51
N LEU A 73 4.33 5.39 -3.23
CA LEU A 73 3.48 4.80 -2.21
C LEU A 73 3.80 5.39 -0.86
N CYS A 74 5.09 5.35 -0.52
CA CYS A 74 5.57 5.83 0.75
C CYS A 74 5.19 7.32 0.93
N GLY A 75 5.24 8.11 -0.15
CA GLY A 75 4.75 9.47 -0.19
C GLY A 75 3.25 9.59 0.14
N VAL A 76 2.39 8.74 -0.42
CA VAL A 76 0.97 8.73 -0.06
C VAL A 76 0.81 8.46 1.44
N MET A 77 1.62 7.56 2.04
CA MET A 77 1.55 7.32 3.48
C MET A 77 1.92 8.58 4.27
N LYS A 78 2.88 9.38 3.77
CA LYS A 78 3.29 10.60 4.44
C LYS A 78 2.16 11.60 4.54
N THR A 79 1.40 11.85 3.48
CA THR A 79 0.24 12.74 3.60
C THR A 79 -0.73 12.12 4.61
N TYR A 80 -1.08 10.84 4.51
CA TYR A 80 -2.16 10.34 5.35
C TYR A 80 -1.90 10.38 6.86
N ARG A 81 -0.65 10.21 7.32
CA ARG A 81 -0.32 10.48 8.73
C ARG A 81 -0.18 11.97 9.02
N GLN A 82 0.24 12.78 8.04
CA GLN A 82 0.59 14.18 8.23
C GLN A 82 -0.15 15.01 7.18
N ARG A 83 -1.41 15.32 7.50
CA ARG A 83 -2.37 16.06 6.69
C ARG A 83 -3.02 17.15 7.51
N GLU A 84 -2.33 17.65 8.54
CA GLU A 84 -2.83 18.63 9.50
C GLU A 84 -1.70 19.57 9.91
N LYS A 85 -2.01 20.54 10.77
CA LYS A 85 -1.03 21.28 11.56
C LYS A 85 -0.34 20.36 12.56
N GLY A 1 -9.26 -13.19 -4.07
CA GLY A 1 -7.90 -12.69 -3.89
C GLY A 1 -6.93 -13.75 -4.35
N SER A 2 -5.78 -13.34 -4.87
CA SER A 2 -4.76 -14.22 -5.41
C SER A 2 -3.67 -14.48 -4.36
N GLU A 3 -2.57 -15.11 -4.77
CA GLU A 3 -1.49 -15.51 -3.89
C GLU A 3 -0.78 -14.36 -3.18
N ASN A 4 -1.03 -13.09 -3.54
CA ASN A 4 -0.49 -11.96 -2.78
C ASN A 4 -1.19 -11.90 -1.43
N PHE A 5 -2.51 -12.06 -1.40
CA PHE A 5 -3.37 -11.88 -0.23
C PHE A 5 -2.81 -12.58 1.02
N GLN A 6 -2.58 -13.88 0.93
CA GLN A 6 -2.05 -14.66 2.04
C GLN A 6 -0.69 -14.13 2.49
N THR A 7 0.18 -13.81 1.55
CA THR A 7 1.53 -13.39 1.87
C THR A 7 1.49 -12.00 2.53
N LEU A 8 0.60 -11.10 2.11
CA LEU A 8 0.41 -9.77 2.72
C LEU A 8 -0.04 -9.90 4.18
N LEU A 9 -0.92 -10.86 4.44
CA LEU A 9 -1.41 -11.15 5.79
C LEU A 9 -0.26 -11.61 6.70
N ASP A 10 0.78 -12.22 6.12
CA ASP A 10 1.96 -12.66 6.87
C ASP A 10 3.03 -11.56 6.91
N ALA A 11 3.07 -10.73 5.87
CA ALA A 11 3.96 -9.58 5.72
C ALA A 11 3.72 -8.54 6.80
N GLY A 12 2.60 -8.63 7.52
CA GLY A 12 2.36 -7.88 8.74
C GLY A 12 1.05 -7.09 8.75
N LEU A 13 0.21 -7.22 7.71
CA LEU A 13 -0.94 -6.35 7.52
C LEU A 13 -2.23 -7.01 8.02
N PRO A 14 -3.25 -6.23 8.41
CA PRO A 14 -4.57 -6.73 8.73
C PRO A 14 -5.28 -7.23 7.47
N GLN A 15 -6.37 -7.99 7.69
CA GLN A 15 -7.20 -8.55 6.63
C GLN A 15 -7.80 -7.46 5.79
N LYS A 16 -8.23 -6.38 6.46
CA LYS A 16 -8.96 -5.33 5.77
C LYS A 16 -8.11 -4.76 4.64
N VAL A 17 -6.89 -4.38 5.00
CA VAL A 17 -5.91 -3.81 4.09
C VAL A 17 -5.58 -4.85 3.03
N ALA A 18 -5.26 -6.09 3.43
CA ALA A 18 -4.87 -7.15 2.49
C ALA A 18 -5.93 -7.40 1.41
N GLU A 19 -7.22 -7.41 1.78
CA GLU A 19 -8.34 -7.62 0.85
C GLU A 19 -8.31 -6.58 -0.27
N LYS A 20 -8.00 -5.31 0.06
CA LYS A 20 -7.98 -4.22 -0.91
C LYS A 20 -6.66 -4.25 -1.68
N LEU A 21 -5.55 -4.62 -1.04
CA LEU A 21 -4.23 -4.48 -1.63
C LEU A 21 -3.94 -5.57 -2.64
N ASP A 22 -4.40 -6.80 -2.41
CA ASP A 22 -4.03 -7.94 -3.27
C ASP A 22 -4.33 -7.65 -4.74
N GLU A 23 -5.48 -7.02 -4.99
CA GLU A 23 -6.02 -6.62 -6.26
C GLU A 23 -5.07 -5.67 -7.01
N ILE A 24 -4.33 -4.82 -6.29
CA ILE A 24 -3.35 -3.87 -6.84
C ILE A 24 -2.29 -4.64 -7.62
N TYR A 25 -1.86 -5.78 -7.11
CA TYR A 25 -0.84 -6.61 -7.74
C TYR A 25 -1.46 -7.43 -8.86
N VAL A 26 -2.62 -8.08 -8.59
CA VAL A 26 -3.31 -8.93 -9.57
C VAL A 26 -3.56 -8.17 -10.87
N ALA A 27 -4.06 -6.93 -10.80
CA ALA A 27 -4.41 -6.15 -11.98
C ALA A 27 -3.20 -5.66 -12.77
N GLY A 28 -1.98 -5.96 -12.30
CA GLY A 28 -0.75 -5.73 -13.02
C GLY A 28 -0.31 -4.28 -12.97
N LEU A 29 -0.58 -3.56 -11.87
CA LEU A 29 -0.02 -2.23 -11.67
C LEU A 29 1.43 -2.42 -11.22
N VAL A 30 1.62 -2.62 -9.92
CA VAL A 30 2.93 -2.82 -9.30
C VAL A 30 3.15 -4.30 -8.98
N ALA A 31 4.34 -4.67 -8.48
CA ALA A 31 4.64 -6.02 -8.06
C ALA A 31 4.56 -6.17 -6.53
N HIS A 32 4.38 -7.40 -6.07
CA HIS A 32 4.29 -7.75 -4.64
C HIS A 32 5.60 -7.47 -3.86
N SER A 33 6.70 -7.15 -4.54
CA SER A 33 8.05 -7.03 -4.01
C SER A 33 8.62 -5.64 -4.32
N ASP A 34 7.78 -4.72 -4.83
CA ASP A 34 8.26 -3.48 -5.41
C ASP A 34 8.82 -2.49 -4.38
N LEU A 35 8.55 -2.71 -3.09
CA LEU A 35 8.63 -1.68 -2.06
C LEU A 35 9.90 -1.80 -1.24
N ASP A 36 10.39 -0.67 -0.72
CA ASP A 36 11.57 -0.61 0.11
C ASP A 36 11.15 -0.97 1.53
N GLU A 37 12.10 -1.39 2.36
CA GLU A 37 11.82 -1.88 3.71
C GLU A 37 11.18 -0.80 4.60
N ARG A 38 11.48 0.49 4.34
CA ARG A 38 10.86 1.60 5.07
C ARG A 38 9.37 1.75 4.75
N ALA A 39 8.97 1.38 3.53
CA ALA A 39 7.59 1.43 3.12
C ALA A 39 6.81 0.28 3.75
N ILE A 40 7.46 -0.85 4.01
CA ILE A 40 6.83 -1.93 4.79
C ILE A 40 6.60 -1.44 6.23
N GLU A 41 7.66 -0.92 6.86
CA GLU A 41 7.66 -0.54 8.25
C GLU A 41 6.65 0.60 8.51
N ALA A 42 6.65 1.63 7.68
CA ALA A 42 5.80 2.80 7.91
C ALA A 42 4.33 2.44 7.76
N LEU A 43 3.98 1.45 6.94
CA LEU A 43 2.62 0.92 6.86
C LEU A 43 2.12 0.42 8.21
N LYS A 44 2.97 -0.31 8.93
CA LYS A 44 2.71 -0.77 10.30
C LYS A 44 2.37 0.38 11.27
N GLU A 45 2.70 1.64 10.97
CA GLU A 45 2.47 2.75 11.90
C GLU A 45 1.02 3.23 11.90
N PHE A 46 0.22 2.85 10.89
CA PHE A 46 -1.19 3.18 10.76
C PHE A 46 -2.04 2.12 11.47
N ASN A 47 -3.31 2.43 11.64
CA ASN A 47 -4.39 1.50 12.01
C ASN A 47 -5.11 1.01 10.75
N GLU A 48 -6.20 0.27 10.96
CA GLU A 48 -7.12 -0.22 9.96
C GLU A 48 -7.59 0.90 9.04
N ASP A 49 -8.37 1.86 9.56
CA ASP A 49 -8.93 2.96 8.76
C ASP A 49 -7.83 3.81 8.15
N GLY A 50 -6.73 4.00 8.90
CA GLY A 50 -5.52 4.65 8.44
C GLY A 50 -5.05 4.04 7.14
N ALA A 51 -4.48 2.83 7.21
CA ALA A 51 -3.86 2.13 6.09
C ALA A 51 -4.85 1.90 4.94
N LEU A 52 -6.08 1.48 5.26
CA LEU A 52 -7.13 1.21 4.27
C LEU A 52 -7.46 2.49 3.51
N ALA A 53 -7.47 3.65 4.16
CA ALA A 53 -7.60 4.92 3.45
C ALA A 53 -6.38 5.18 2.56
N VAL A 54 -5.16 4.97 3.06
CA VAL A 54 -3.94 5.17 2.26
C VAL A 54 -3.94 4.26 1.01
N LEU A 55 -4.69 3.14 1.00
CA LEU A 55 -4.84 2.27 -0.16
C LEU A 55 -5.77 2.91 -1.18
N GLN A 56 -6.91 3.43 -0.72
CA GLN A 56 -7.96 3.99 -1.58
C GLN A 56 -7.40 5.06 -2.52
N GLN A 57 -6.42 5.83 -2.06
CA GLN A 57 -5.83 6.92 -2.84
C GLN A 57 -4.70 6.42 -3.73
N PHE A 58 -4.04 5.33 -3.36
CA PHE A 58 -2.95 4.73 -4.13
C PHE A 58 -3.41 4.17 -5.47
N LYS A 59 -4.67 3.70 -5.56
CA LYS A 59 -5.28 3.39 -6.85
C LYS A 59 -5.75 4.65 -7.57
N ASP A 60 -6.05 5.73 -6.85
CA ASP A 60 -6.55 7.00 -7.40
C ASP A 60 -5.40 7.84 -7.97
N SER A 61 -4.49 7.26 -8.75
CA SER A 61 -3.42 7.93 -9.46
C SER A 61 -2.86 7.05 -10.59
N ASP A 62 -1.90 7.60 -11.31
CA ASP A 62 -1.59 7.44 -12.72
C ASP A 62 -0.11 7.07 -12.80
N LEU A 63 0.21 5.88 -12.28
CA LEU A 63 1.55 5.39 -11.99
C LEU A 63 2.37 5.09 -13.26
N SER A 64 1.83 5.44 -14.43
CA SER A 64 2.39 5.30 -15.76
C SER A 64 3.58 6.25 -15.97
N HIS A 65 3.88 7.13 -15.01
CA HIS A 65 5.09 7.93 -14.97
C HIS A 65 5.73 7.83 -13.59
N VAL A 66 5.70 6.66 -12.96
CA VAL A 66 6.52 6.41 -11.80
C VAL A 66 7.33 5.14 -11.99
N GLN A 67 8.64 5.29 -11.89
CA GLN A 67 9.56 4.17 -11.80
C GLN A 67 9.57 3.65 -10.37
N ASN A 68 9.97 4.51 -9.43
CA ASN A 68 10.21 4.13 -8.05
C ASN A 68 8.89 4.03 -7.32
N LYS A 69 8.43 2.80 -7.13
CA LYS A 69 7.13 2.53 -6.54
C LYS A 69 7.15 2.80 -5.03
N SER A 70 8.30 2.65 -4.38
CA SER A 70 8.45 2.73 -2.94
C SER A 70 8.16 4.15 -2.46
N ALA A 71 8.90 5.12 -3.01
CA ALA A 71 8.81 6.52 -2.69
C ALA A 71 7.40 7.04 -2.98
N PHE A 72 6.76 6.55 -4.04
CA PHE A 72 5.39 6.95 -4.35
C PHE A 72 4.44 6.50 -3.24
N LEU A 73 4.54 5.24 -2.84
CA LEU A 73 3.67 4.64 -1.83
C LEU A 73 3.82 5.37 -0.51
N CYS A 74 5.08 5.57 -0.10
CA CYS A 74 5.48 6.40 1.03
C CYS A 74 4.95 7.84 0.90
N GLY A 75 4.85 8.39 -0.30
CA GLY A 75 4.30 9.71 -0.56
C GLY A 75 2.85 9.80 -0.11
N VAL A 76 2.02 8.82 -0.49
CA VAL A 76 0.63 8.77 -0.06
C VAL A 76 0.58 8.65 1.48
N MET A 77 1.41 7.81 2.10
CA MET A 77 1.47 7.73 3.56
C MET A 77 1.71 9.11 4.14
N LYS A 78 2.66 9.85 3.58
CA LYS A 78 3.16 11.08 4.20
C LYS A 78 2.11 12.18 4.24
N THR A 79 1.17 12.25 3.29
CA THR A 79 0.04 13.16 3.45
C THR A 79 -0.90 12.59 4.52
N TYR A 80 -1.28 11.30 4.46
CA TYR A 80 -2.26 10.73 5.39
C TYR A 80 -1.80 10.78 6.86
N ARG A 81 -0.49 10.64 7.14
CA ARG A 81 0.07 10.70 8.49
C ARG A 81 0.28 12.14 8.98
N GLN A 82 0.09 13.13 8.11
CA GLN A 82 0.20 14.55 8.42
C GLN A 82 -0.96 15.30 7.76
N ARG A 83 -2.15 15.17 8.33
CA ARG A 83 -3.31 16.02 8.05
C ARG A 83 -3.55 16.84 9.31
N GLU A 84 -2.91 17.99 9.40
CA GLU A 84 -3.28 19.02 10.37
C GLU A 84 -4.35 19.83 9.66
N LYS A 85 -5.59 19.36 9.77
CA LYS A 85 -6.71 19.89 9.00
C LYS A 85 -7.86 19.97 9.99
N GLY A 1 -8.05 -12.79 -2.80
CA GLY A 1 -6.98 -12.32 -3.68
C GLY A 1 -6.36 -13.49 -4.41
N SER A 2 -5.04 -13.55 -4.43
CA SER A 2 -4.19 -14.33 -5.29
C SER A 2 -3.03 -14.85 -4.45
N GLU A 3 -1.89 -15.14 -5.08
CA GLU A 3 -0.69 -15.60 -4.40
C GLU A 3 -0.20 -14.57 -3.37
N ASN A 4 -0.50 -13.28 -3.56
CA ASN A 4 -0.01 -12.25 -2.66
C ASN A 4 -0.74 -12.32 -1.32
N PHE A 5 -2.03 -12.63 -1.36
CA PHE A 5 -2.96 -12.48 -0.25
C PHE A 5 -2.43 -13.09 1.05
N GLN A 6 -2.10 -14.38 1.08
CA GLN A 6 -1.66 -15.01 2.31
C GLN A 6 -0.33 -14.44 2.81
N THR A 7 0.58 -14.07 1.90
CA THR A 7 1.87 -13.54 2.28
C THR A 7 1.70 -12.14 2.89
N LEU A 8 0.77 -11.33 2.35
CA LEU A 8 0.37 -10.03 2.90
C LEU A 8 -0.23 -10.22 4.29
N LEU A 9 -1.09 -11.24 4.48
CA LEU A 9 -1.71 -11.52 5.77
C LEU A 9 -0.68 -11.91 6.84
N ASP A 10 0.55 -12.25 6.46
CA ASP A 10 1.66 -12.56 7.36
C ASP A 10 2.68 -11.43 7.45
N ALA A 11 2.52 -10.38 6.62
CA ALA A 11 3.50 -9.32 6.38
C ALA A 11 3.46 -8.23 7.46
N GLY A 12 2.81 -8.52 8.58
CA GLY A 12 2.51 -7.58 9.64
C GLY A 12 1.11 -7.00 9.54
N LEU A 13 0.29 -7.45 8.58
CA LEU A 13 -0.89 -6.73 8.15
C LEU A 13 -2.16 -7.36 8.75
N PRO A 14 -3.27 -6.60 8.85
CA PRO A 14 -4.61 -7.07 9.25
C PRO A 14 -5.19 -8.12 8.28
N GLN A 15 -6.50 -8.40 8.33
CA GLN A 15 -7.19 -9.05 7.21
C GLN A 15 -7.64 -8.01 6.20
N LYS A 16 -8.40 -6.99 6.65
CA LYS A 16 -9.17 -6.10 5.78
C LYS A 16 -8.38 -5.50 4.63
N VAL A 17 -7.21 -4.96 4.94
CA VAL A 17 -6.37 -4.22 4.01
C VAL A 17 -5.93 -5.17 2.91
N ALA A 18 -5.47 -6.39 3.27
CA ALA A 18 -5.02 -7.36 2.27
C ALA A 18 -6.10 -7.62 1.22
N GLU A 19 -7.38 -7.69 1.64
CA GLU A 19 -8.47 -7.99 0.72
C GLU A 19 -8.67 -6.94 -0.38
N LYS A 20 -8.12 -5.72 -0.25
CA LYS A 20 -8.11 -4.74 -1.35
C LYS A 20 -6.69 -4.45 -1.89
N LEU A 21 -5.68 -5.12 -1.36
CA LEU A 21 -4.28 -4.88 -1.67
C LEU A 21 -3.73 -5.93 -2.62
N ASP A 22 -4.18 -7.17 -2.50
CA ASP A 22 -3.77 -8.24 -3.41
C ASP A 22 -4.04 -7.86 -4.87
N GLU A 23 -5.21 -7.25 -5.11
CA GLU A 23 -5.70 -6.68 -6.35
C GLU A 23 -4.63 -5.86 -7.08
N ILE A 24 -3.93 -5.03 -6.33
CA ILE A 24 -2.95 -4.09 -6.82
C ILE A 24 -1.73 -4.83 -7.42
N TYR A 25 -1.52 -6.11 -7.07
CA TYR A 25 -0.47 -6.96 -7.62
C TYR A 25 -0.98 -7.91 -8.71
N VAL A 26 -2.30 -8.07 -8.83
CA VAL A 26 -2.94 -8.89 -9.87
C VAL A 26 -3.20 -8.07 -11.13
N ALA A 27 -3.44 -6.76 -11.03
CA ALA A 27 -3.97 -5.93 -12.11
C ALA A 27 -2.87 -5.42 -13.06
N GLY A 28 -1.64 -5.93 -12.93
CA GLY A 28 -0.53 -5.60 -13.81
C GLY A 28 -0.01 -4.18 -13.64
N LEU A 29 -0.24 -3.61 -12.45
CA LEU A 29 0.33 -2.38 -11.93
C LEU A 29 1.73 -2.72 -11.43
N VAL A 30 1.84 -3.22 -10.20
CA VAL A 30 3.12 -3.42 -9.51
C VAL A 30 3.37 -4.86 -9.11
N ALA A 31 4.63 -5.13 -8.75
CA ALA A 31 5.06 -6.33 -8.04
C ALA A 31 4.82 -6.13 -6.54
N HIS A 32 4.66 -7.25 -5.83
CA HIS A 32 4.33 -7.23 -4.41
C HIS A 32 5.52 -6.86 -3.52
N SER A 33 6.76 -6.87 -4.05
CA SER A 33 8.00 -6.53 -3.36
C SER A 33 8.75 -5.42 -4.12
N ASP A 34 8.00 -4.49 -4.71
CA ASP A 34 8.56 -3.28 -5.33
C ASP A 34 8.88 -2.18 -4.30
N LEU A 35 8.92 -2.49 -3.01
CA LEU A 35 8.84 -1.54 -1.93
C LEU A 35 10.15 -1.50 -1.15
N ASP A 36 10.20 -0.60 -0.17
CA ASP A 36 11.34 -0.41 0.72
C ASP A 36 10.97 -0.84 2.12
N GLU A 37 11.98 -1.11 2.95
CA GLU A 37 11.81 -1.42 4.38
C GLU A 37 11.03 -0.28 5.05
N ARG A 38 11.41 0.96 4.72
CA ARG A 38 10.79 2.17 5.26
C ARG A 38 9.29 2.23 4.93
N ALA A 39 8.84 1.57 3.85
CA ALA A 39 7.43 1.51 3.51
C ALA A 39 6.73 0.49 4.42
N ILE A 40 7.32 -0.69 4.63
CA ILE A 40 6.76 -1.76 5.47
C ILE A 40 6.55 -1.22 6.88
N GLU A 41 7.48 -0.43 7.41
CA GLU A 41 7.34 0.06 8.79
C GLU A 41 6.09 0.94 8.92
N ALA A 42 5.83 1.76 7.88
CA ALA A 42 4.77 2.75 7.87
C ALA A 42 3.39 2.10 7.75
N LEU A 43 3.26 0.98 7.03
CA LEU A 43 1.98 0.27 6.90
C LEU A 43 1.38 -0.12 8.26
N LYS A 44 2.21 -0.68 9.14
CA LYS A 44 1.79 -1.09 10.47
C LYS A 44 1.44 0.10 11.37
N GLU A 45 1.96 1.29 11.06
CA GLU A 45 1.70 2.49 11.86
C GLU A 45 0.31 3.08 11.60
N PHE A 46 -0.42 2.65 10.58
CA PHE A 46 -1.80 3.05 10.37
C PHE A 46 -2.73 2.10 11.11
N ASN A 47 -3.98 2.52 11.26
CA ASN A 47 -5.10 1.72 11.73
C ASN A 47 -5.95 1.31 10.55
N GLU A 48 -7.07 0.64 10.84
CA GLU A 48 -8.03 0.17 9.88
C GLU A 48 -8.40 1.25 8.85
N ASP A 49 -8.91 2.38 9.33
CA ASP A 49 -9.34 3.50 8.50
C ASP A 49 -8.13 4.05 7.79
N GLY A 50 -7.02 4.26 8.51
CA GLY A 50 -5.85 4.88 7.94
C GLY A 50 -5.34 4.11 6.73
N ALA A 51 -5.11 2.82 6.91
CA ALA A 51 -4.62 1.94 5.86
C ALA A 51 -5.59 1.91 4.68
N LEU A 52 -6.90 1.76 4.93
CA LEU A 52 -7.90 1.72 3.87
C LEU A 52 -7.93 3.02 3.08
N ALA A 53 -7.79 4.17 3.76
CA ALA A 53 -7.76 5.47 3.10
C ALA A 53 -6.52 5.62 2.22
N VAL A 54 -5.37 5.15 2.71
CA VAL A 54 -4.12 5.14 1.95
C VAL A 54 -4.31 4.30 0.67
N LEU A 55 -4.98 3.16 0.76
CA LEU A 55 -5.13 2.22 -0.35
C LEU A 55 -6.07 2.78 -1.40
N GLN A 56 -7.18 3.37 -0.95
CA GLN A 56 -8.13 4.04 -1.83
C GLN A 56 -7.38 5.07 -2.66
N GLN A 57 -6.63 5.95 -2.00
CA GLN A 57 -6.02 7.05 -2.73
C GLN A 57 -4.94 6.53 -3.69
N PHE A 58 -4.24 5.47 -3.31
CA PHE A 58 -3.22 4.85 -4.16
C PHE A 58 -3.87 4.24 -5.40
N LYS A 59 -4.88 3.38 -5.24
CA LYS A 59 -5.52 2.76 -6.40
C LYS A 59 -6.06 3.85 -7.33
N ASP A 60 -6.65 4.91 -6.79
CA ASP A 60 -7.27 5.96 -7.59
C ASP A 60 -6.28 7.07 -7.98
N SER A 61 -4.97 6.87 -7.89
CA SER A 61 -3.99 7.90 -8.24
C SER A 61 -3.41 7.70 -9.64
N ASP A 62 -2.76 8.77 -10.10
CA ASP A 62 -2.15 8.83 -11.42
C ASP A 62 -0.72 8.31 -11.37
N LEU A 63 -0.56 7.02 -11.65
CA LEU A 63 0.72 6.32 -11.70
C LEU A 63 1.34 6.44 -13.09
N SER A 64 1.46 7.67 -13.57
CA SER A 64 2.03 8.08 -14.86
C SER A 64 3.49 7.69 -15.01
N HIS A 65 3.79 6.44 -15.41
CA HIS A 65 5.14 5.93 -15.68
C HIS A 65 6.11 6.19 -14.51
N VAL A 66 5.58 6.15 -13.29
CA VAL A 66 6.26 6.34 -12.03
C VAL A 66 7.49 5.41 -11.93
N GLN A 67 8.71 5.97 -11.97
CA GLN A 67 9.94 5.20 -11.89
C GLN A 67 10.00 4.32 -10.63
N ASN A 68 9.86 4.92 -9.45
CA ASN A 68 10.14 4.35 -8.15
C ASN A 68 8.84 4.19 -7.36
N LYS A 69 8.14 3.09 -7.62
CA LYS A 69 6.80 2.82 -7.10
C LYS A 69 6.69 2.88 -5.58
N SER A 70 7.80 2.63 -4.90
CA SER A 70 8.00 2.61 -3.46
C SER A 70 7.87 4.03 -2.91
N ALA A 71 8.59 4.96 -3.55
CA ALA A 71 8.67 6.35 -3.15
C ALA A 71 7.32 7.03 -3.30
N PHE A 72 6.58 6.69 -4.35
CA PHE A 72 5.23 7.19 -4.58
C PHE A 72 4.33 6.76 -3.44
N LEU A 73 4.39 5.48 -3.08
CA LEU A 73 3.56 4.90 -2.03
C LEU A 73 3.81 5.66 -0.72
N CYS A 74 5.08 5.77 -0.33
CA CYS A 74 5.51 6.56 0.83
C CYS A 74 4.90 7.97 0.79
N GLY A 75 4.85 8.59 -0.38
CA GLY A 75 4.33 9.94 -0.57
C GLY A 75 2.89 10.07 -0.08
N VAL A 76 2.05 9.10 -0.43
CA VAL A 76 0.65 9.04 0.01
C VAL A 76 0.60 8.85 1.54
N MET A 77 1.43 7.97 2.11
CA MET A 77 1.46 7.78 3.56
C MET A 77 1.77 9.09 4.29
N LYS A 78 2.71 9.87 3.73
CA LYS A 78 3.12 11.16 4.29
C LYS A 78 1.89 12.02 4.54
N THR A 79 1.09 12.33 3.51
CA THR A 79 -0.08 13.19 3.69
C THR A 79 -1.11 12.56 4.65
N TYR A 80 -1.27 11.23 4.67
CA TYR A 80 -2.25 10.62 5.56
C TYR A 80 -1.88 10.75 7.03
N ARG A 81 -0.60 10.64 7.40
CA ARG A 81 -0.13 11.03 8.73
C ARG A 81 -0.30 12.55 8.88
N GLN A 82 0.12 13.30 7.87
CA GLN A 82 0.40 14.71 7.96
C GLN A 82 -0.69 15.52 7.26
N ARG A 83 -1.89 15.54 7.85
CA ARG A 83 -3.02 16.30 7.35
C ARG A 83 -3.60 17.27 8.38
N GLU A 84 -3.06 17.26 9.60
CA GLU A 84 -3.17 18.43 10.45
C GLU A 84 -2.17 19.46 9.89
N LYS A 85 -2.73 20.53 9.36
CA LYS A 85 -2.09 21.81 9.10
C LYS A 85 -3.03 22.88 9.62
N GLY A 1 -8.61 -12.69 -4.71
CA GLY A 1 -7.23 -12.39 -4.29
C GLY A 1 -6.24 -13.16 -5.13
N SER A 2 -5.02 -12.64 -5.30
CA SER A 2 -3.89 -13.38 -5.84
C SER A 2 -3.35 -14.33 -4.76
N GLU A 3 -2.19 -14.93 -5.02
CA GLU A 3 -1.39 -15.66 -4.05
C GLU A 3 -0.78 -14.73 -2.99
N ASN A 4 -0.40 -13.51 -3.39
CA ASN A 4 0.37 -12.58 -2.55
C ASN A 4 -0.32 -12.25 -1.23
N PHE A 5 -1.65 -12.31 -1.20
CA PHE A 5 -2.50 -12.12 -0.04
C PHE A 5 -2.00 -12.88 1.19
N GLN A 6 -1.54 -14.11 0.97
CA GLN A 6 -1.12 -14.96 2.08
C GLN A 6 0.18 -14.45 2.73
N THR A 7 1.13 -13.94 1.94
CA THR A 7 2.30 -13.28 2.51
C THR A 7 1.86 -12.03 3.25
N LEU A 8 0.90 -11.28 2.71
CA LEU A 8 0.46 -10.04 3.33
C LEU A 8 -0.08 -10.27 4.73
N LEU A 9 -0.96 -11.27 4.87
CA LEU A 9 -1.49 -11.71 6.17
C LEU A 9 -0.35 -11.98 7.15
N ASP A 10 0.74 -12.57 6.65
CA ASP A 10 1.86 -13.02 7.49
C ASP A 10 2.94 -11.95 7.63
N ALA A 11 2.82 -10.84 6.89
CA ALA A 11 3.76 -9.72 6.92
C ALA A 11 3.41 -8.73 8.04
N GLY A 12 2.37 -9.00 8.84
CA GLY A 12 1.92 -8.13 9.91
C GLY A 12 0.48 -7.69 9.72
N LEU A 13 -0.03 -7.73 8.49
CA LEU A 13 -1.19 -6.95 8.13
C LEU A 13 -2.47 -7.61 8.63
N PRO A 14 -3.47 -6.81 9.04
CA PRO A 14 -4.82 -7.32 9.23
C PRO A 14 -5.39 -7.77 7.88
N GLN A 15 -6.37 -8.67 7.93
CA GLN A 15 -7.02 -9.23 6.74
C GLN A 15 -7.64 -8.10 5.97
N LYS A 16 -8.24 -7.14 6.67
CA LYS A 16 -8.92 -6.03 6.05
C LYS A 16 -8.00 -5.26 5.10
N VAL A 17 -6.78 -4.96 5.53
CA VAL A 17 -5.78 -4.30 4.71
C VAL A 17 -5.33 -5.27 3.63
N ALA A 18 -4.96 -6.50 4.00
CA ALA A 18 -4.40 -7.49 3.09
C ALA A 18 -5.31 -7.70 1.87
N GLU A 19 -6.63 -7.78 2.04
CA GLU A 19 -7.56 -7.97 0.93
C GLU A 19 -7.44 -6.84 -0.09
N LYS A 20 -7.59 -5.59 0.38
CA LYS A 20 -7.59 -4.43 -0.50
C LYS A 20 -6.22 -4.19 -1.10
N LEU A 21 -5.14 -4.56 -0.40
CA LEU A 21 -3.76 -4.37 -0.83
C LEU A 21 -3.38 -5.41 -1.88
N ASP A 22 -3.87 -6.63 -1.74
CA ASP A 22 -3.58 -7.73 -2.67
C ASP A 22 -3.95 -7.35 -4.10
N GLU A 23 -5.08 -6.64 -4.26
CA GLU A 23 -5.60 -6.15 -5.54
C GLU A 23 -4.64 -5.20 -6.24
N ILE A 24 -3.83 -4.48 -5.46
CA ILE A 24 -2.93 -3.47 -6.00
C ILE A 24 -1.89 -4.21 -6.87
N TYR A 25 -1.53 -5.44 -6.45
CA TYR A 25 -0.56 -6.31 -7.10
C TYR A 25 -1.19 -7.24 -8.14
N VAL A 26 -2.48 -7.05 -8.46
CA VAL A 26 -3.17 -7.78 -9.54
C VAL A 26 -3.22 -6.90 -10.79
N ALA A 27 -3.43 -5.59 -10.65
CA ALA A 27 -3.80 -4.73 -11.76
C ALA A 27 -2.64 -4.39 -12.70
N GLY A 28 -1.40 -4.59 -12.25
CA GLY A 28 -0.22 -4.18 -13.00
C GLY A 28 0.30 -2.82 -12.55
N LEU A 29 -0.20 -2.31 -11.41
CA LEU A 29 0.17 -1.00 -10.89
C LEU A 29 1.53 -1.12 -10.21
N VAL A 30 1.67 -2.04 -9.27
CA VAL A 30 2.94 -2.36 -8.62
C VAL A 30 3.06 -3.87 -8.41
N ALA A 31 4.28 -4.39 -8.28
CA ALA A 31 4.52 -5.74 -7.76
C ALA A 31 4.45 -5.70 -6.24
N HIS A 32 4.21 -6.85 -5.59
CA HIS A 32 4.26 -6.93 -4.13
C HIS A 32 5.64 -6.61 -3.57
N SER A 33 6.71 -6.79 -4.36
CA SER A 33 8.07 -6.49 -3.96
C SER A 33 8.63 -5.24 -4.67
N ASP A 34 7.77 -4.39 -5.27
CA ASP A 34 8.19 -3.08 -5.81
C ASP A 34 8.59 -2.12 -4.68
N LEU A 35 8.06 -2.35 -3.47
CA LEU A 35 8.20 -1.50 -2.29
C LEU A 35 9.49 -1.84 -1.53
N ASP A 36 9.82 -1.06 -0.50
CA ASP A 36 10.95 -1.35 0.41
C ASP A 36 10.45 -1.22 1.85
N GLU A 37 11.30 -1.54 2.83
CA GLU A 37 11.02 -1.68 4.25
C GLU A 37 10.14 -0.55 4.84
N ARG A 38 10.42 0.71 4.52
CA ARG A 38 9.64 1.84 5.07
C ARG A 38 8.15 1.75 4.69
N ALA A 39 7.81 1.04 3.61
CA ALA A 39 6.44 0.75 3.23
C ALA A 39 5.79 -0.17 4.28
N ILE A 40 6.35 -1.36 4.50
CA ILE A 40 5.85 -2.35 5.47
C ILE A 40 5.75 -1.74 6.87
N GLU A 41 6.77 -1.01 7.30
CA GLU A 41 6.82 -0.31 8.58
C GLU A 41 5.62 0.64 8.73
N ALA A 42 5.35 1.44 7.70
CA ALA A 42 4.28 2.43 7.73
C ALA A 42 2.92 1.75 7.76
N LEU A 43 2.74 0.66 7.01
CA LEU A 43 1.48 -0.07 6.98
C LEU A 43 1.02 -0.43 8.40
N LYS A 44 1.93 -0.80 9.31
CA LYS A 44 1.59 -1.05 10.71
C LYS A 44 1.18 0.23 11.47
N GLU A 45 1.69 1.41 11.10
CA GLU A 45 1.37 2.63 11.84
C GLU A 45 -0.10 3.02 11.67
N PHE A 46 -0.77 2.54 10.63
CA PHE A 46 -2.17 2.81 10.37
C PHE A 46 -3.07 1.80 11.08
N ASN A 47 -4.20 2.31 11.54
CA ASN A 47 -5.39 1.56 11.94
C ASN A 47 -6.09 0.94 10.74
N GLU A 48 -7.17 0.22 11.01
CA GLU A 48 -8.03 -0.45 10.06
C GLU A 48 -8.47 0.51 8.95
N ASP A 49 -9.25 1.53 9.32
CA ASP A 49 -9.89 2.44 8.38
C ASP A 49 -8.86 3.34 7.71
N GLY A 50 -7.84 3.77 8.44
CA GLY A 50 -6.85 4.70 7.93
C GLY A 50 -5.95 4.03 6.89
N ALA A 51 -5.61 2.76 7.10
CA ALA A 51 -4.86 1.98 6.11
C ALA A 51 -5.68 1.85 4.84
N LEU A 52 -6.98 1.52 4.95
CA LEU A 52 -7.84 1.36 3.79
C LEU A 52 -7.84 2.63 2.93
N ALA A 53 -7.81 3.82 3.55
CA ALA A 53 -7.72 5.07 2.81
C ALA A 53 -6.39 5.18 2.03
N VAL A 54 -5.24 4.89 2.66
CA VAL A 54 -3.95 4.83 1.97
C VAL A 54 -4.04 3.94 0.72
N LEU A 55 -4.78 2.83 0.81
CA LEU A 55 -4.89 1.85 -0.26
C LEU A 55 -5.74 2.41 -1.38
N GLN A 56 -6.96 2.86 -1.05
CA GLN A 56 -7.93 3.34 -2.03
C GLN A 56 -7.30 4.46 -2.87
N GLN A 57 -6.57 5.37 -2.21
CA GLN A 57 -6.03 6.54 -2.89
C GLN A 57 -4.93 6.14 -3.86
N PHE A 58 -4.19 5.07 -3.55
CA PHE A 58 -3.08 4.58 -4.35
C PHE A 58 -3.58 3.89 -5.62
N LYS A 59 -4.54 2.97 -5.55
CA LYS A 59 -5.08 2.38 -6.78
C LYS A 59 -5.72 3.48 -7.63
N ASP A 60 -6.39 4.45 -7.01
CA ASP A 60 -6.99 5.56 -7.74
C ASP A 60 -5.99 6.68 -8.06
N SER A 61 -4.69 6.52 -7.77
CA SER A 61 -3.71 7.57 -8.04
C SER A 61 -3.39 7.66 -9.53
N ASP A 62 -2.66 8.70 -9.91
CA ASP A 62 -2.14 8.87 -11.24
C ASP A 62 -0.71 8.36 -11.26
N LEU A 63 -0.53 7.14 -11.73
CA LEU A 63 0.77 6.49 -11.87
C LEU A 63 1.25 6.59 -13.32
N SER A 64 0.79 7.59 -14.08
CA SER A 64 1.14 7.74 -15.48
C SER A 64 2.64 8.05 -15.64
N HIS A 65 3.22 8.88 -14.79
CA HIS A 65 4.58 9.42 -14.94
C HIS A 65 5.44 9.26 -13.68
N VAL A 66 5.10 8.30 -12.82
CA VAL A 66 5.95 7.81 -11.75
C VAL A 66 7.21 7.16 -12.34
N GLN A 67 8.22 6.94 -11.49
CA GLN A 67 9.44 6.20 -11.82
C GLN A 67 9.53 5.04 -10.83
N ASN A 68 10.11 5.29 -9.65
CA ASN A 68 10.20 4.30 -8.58
C ASN A 68 8.82 4.14 -7.96
N LYS A 69 8.23 2.96 -8.05
CA LYS A 69 6.89 2.74 -7.49
C LYS A 69 6.88 2.89 -5.97
N SER A 70 7.96 2.47 -5.31
CA SER A 70 8.15 2.47 -3.87
C SER A 70 7.98 3.88 -3.36
N ALA A 71 8.73 4.80 -3.98
CA ALA A 71 8.78 6.18 -3.57
C ALA A 71 7.43 6.89 -3.71
N PHE A 72 6.56 6.40 -4.60
CA PHE A 72 5.23 6.98 -4.71
C PHE A 72 4.39 6.54 -3.50
N LEU A 73 4.34 5.23 -3.29
CA LEU A 73 3.49 4.59 -2.29
C LEU A 73 3.88 5.09 -0.91
N CYS A 74 5.18 4.97 -0.63
CA CYS A 74 5.75 5.32 0.65
C CYS A 74 5.57 6.82 0.93
N GLY A 75 5.35 7.66 -0.10
CA GLY A 75 5.00 9.07 0.04
C GLY A 75 3.55 9.23 0.45
N VAL A 76 2.59 8.64 -0.27
CA VAL A 76 1.15 8.71 0.05
C VAL A 76 0.96 8.39 1.53
N MET A 77 1.53 7.29 2.01
CA MET A 77 1.44 6.91 3.41
C MET A 77 1.90 8.06 4.31
N LYS A 78 3.08 8.65 4.06
CA LYS A 78 3.58 9.70 4.92
C LYS A 78 2.62 10.88 4.95
N THR A 79 2.14 11.33 3.79
CA THR A 79 1.22 12.44 3.77
C THR A 79 -0.06 12.11 4.54
N TYR A 80 -0.59 10.87 4.47
CA TYR A 80 -1.77 10.47 5.23
C TYR A 80 -1.57 10.69 6.74
N ARG A 81 -0.54 10.06 7.32
CA ARG A 81 -0.26 10.21 8.75
C ARG A 81 -0.04 11.69 9.11
N GLN A 82 0.59 12.48 8.22
CA GLN A 82 1.02 13.85 8.43
C GLN A 82 0.17 14.92 7.70
N ARG A 83 -1.14 14.70 7.62
CA ARG A 83 -2.11 15.65 7.07
C ARG A 83 -2.37 16.79 8.05
N GLU A 84 -1.39 17.67 8.15
CA GLU A 84 -1.47 18.98 8.75
C GLU A 84 -1.75 19.93 7.59
N LYS A 85 -3.04 20.14 7.27
CA LYS A 85 -3.55 20.37 5.91
C LYS A 85 -3.13 19.19 5.04
N GLY A 1 -9.08 -12.32 -4.96
CA GLY A 1 -7.75 -11.73 -4.82
C GLY A 1 -6.71 -12.68 -5.36
N SER A 2 -5.52 -12.70 -4.75
CA SER A 2 -4.35 -13.41 -5.23
C SER A 2 -3.78 -14.32 -4.14
N GLU A 3 -2.68 -14.96 -4.52
CA GLU A 3 -1.79 -15.67 -3.64
C GLU A 3 -1.03 -14.73 -2.68
N ASN A 4 -0.91 -13.43 -2.99
CA ASN A 4 -0.19 -12.51 -2.11
C ASN A 4 -1.01 -12.18 -0.87
N PHE A 5 -2.36 -12.23 -0.94
CA PHE A 5 -3.28 -11.96 0.16
C PHE A 5 -2.83 -12.61 1.46
N GLN A 6 -2.58 -13.93 1.45
CA GLN A 6 -2.14 -14.68 2.61
C GLN A 6 -0.76 -14.23 3.11
N THR A 7 0.17 -13.90 2.20
CA THR A 7 1.49 -13.43 2.57
C THR A 7 1.35 -12.10 3.32
N LEU A 8 0.59 -11.15 2.76
CA LEU A 8 0.33 -9.84 3.36
C LEU A 8 -0.32 -10.00 4.73
N LEU A 9 -1.29 -10.91 4.86
CA LEU A 9 -1.97 -11.21 6.12
C LEU A 9 -0.96 -11.62 7.20
N ASP A 10 0.18 -12.19 6.82
CA ASP A 10 1.22 -12.62 7.76
C ASP A 10 2.39 -11.63 7.86
N ALA A 11 2.37 -10.56 7.06
CA ALA A 11 3.49 -9.65 6.86
C ALA A 11 3.49 -8.48 7.86
N GLY A 12 2.64 -8.55 8.89
CA GLY A 12 2.46 -7.52 9.89
C GLY A 12 1.16 -6.74 9.72
N LEU A 13 0.32 -7.11 8.74
CA LEU A 13 -0.74 -6.23 8.25
C LEU A 13 -2.13 -6.78 8.63
N PRO A 14 -3.17 -5.93 8.68
CA PRO A 14 -4.54 -6.36 8.92
C PRO A 14 -5.20 -6.92 7.64
N GLN A 15 -6.35 -7.56 7.80
CA GLN A 15 -7.13 -8.14 6.71
C GLN A 15 -7.66 -7.03 5.84
N LYS A 16 -8.22 -5.98 6.44
CA LYS A 16 -8.90 -4.95 5.65
C LYS A 16 -7.94 -4.33 4.63
N VAL A 17 -6.70 -4.04 5.05
CA VAL A 17 -5.64 -3.56 4.18
C VAL A 17 -5.34 -4.65 3.16
N ALA A 18 -5.05 -5.88 3.61
CA ALA A 18 -4.63 -7.00 2.78
C ALA A 18 -5.58 -7.19 1.60
N GLU A 19 -6.89 -7.27 1.83
CA GLU A 19 -7.86 -7.50 0.77
C GLU A 19 -7.74 -6.45 -0.35
N LYS A 20 -7.62 -5.18 0.05
CA LYS A 20 -7.62 -4.06 -0.88
C LYS A 20 -6.27 -3.94 -1.60
N LEU A 21 -5.16 -4.16 -0.89
CA LEU A 21 -3.79 -4.08 -1.37
C LEU A 21 -3.47 -5.23 -2.33
N ASP A 22 -3.97 -6.43 -2.02
CA ASP A 22 -3.73 -7.65 -2.78
C ASP A 22 -4.15 -7.50 -4.23
N GLU A 23 -5.30 -6.88 -4.44
CA GLU A 23 -5.89 -6.62 -5.75
C GLU A 23 -5.04 -5.66 -6.61
N ILE A 24 -4.19 -4.84 -6.00
CA ILE A 24 -3.29 -3.93 -6.72
C ILE A 24 -2.20 -4.78 -7.40
N TYR A 25 -1.95 -5.99 -6.90
CA TYR A 25 -0.93 -6.94 -7.36
C TYR A 25 -1.55 -8.07 -8.20
N VAL A 26 -2.72 -7.83 -8.80
CA VAL A 26 -3.37 -8.77 -9.72
C VAL A 26 -3.45 -8.16 -11.13
N ALA A 27 -3.72 -6.86 -11.24
CA ALA A 27 -4.01 -6.22 -12.52
C ALA A 27 -2.73 -5.89 -13.32
N GLY A 28 -1.57 -6.32 -12.85
CA GLY A 28 -0.25 -6.19 -13.45
C GLY A 28 0.50 -4.94 -13.02
N LEU A 29 -0.17 -4.04 -12.29
CA LEU A 29 0.23 -2.66 -12.01
C LEU A 29 1.54 -2.65 -11.24
N VAL A 30 1.51 -3.25 -10.06
CA VAL A 30 2.67 -3.45 -9.21
C VAL A 30 2.75 -4.91 -8.76
N ALA A 31 3.78 -5.26 -7.98
CA ALA A 31 3.92 -6.54 -7.33
C ALA A 31 4.06 -6.33 -5.82
N HIS A 32 3.88 -7.42 -5.06
CA HIS A 32 3.84 -7.39 -3.60
C HIS A 32 5.13 -6.87 -2.95
N SER A 33 6.22 -6.71 -3.71
CA SER A 33 7.52 -6.27 -3.22
C SER A 33 8.13 -5.17 -4.09
N ASP A 34 7.32 -4.40 -4.84
CA ASP A 34 7.79 -3.18 -5.53
C ASP A 34 8.04 -2.03 -4.54
N LEU A 35 8.42 -2.34 -3.29
CA LEU A 35 8.40 -1.48 -2.11
C LEU A 35 9.79 -1.41 -1.47
N ASP A 36 9.91 -0.70 -0.35
CA ASP A 36 11.10 -0.64 0.49
C ASP A 36 10.65 -0.73 1.93
N GLU A 37 11.58 -1.03 2.83
CA GLU A 37 11.35 -1.27 4.25
C GLU A 37 10.67 -0.06 4.91
N ARG A 38 11.03 1.16 4.51
CA ARG A 38 10.37 2.39 4.96
C ARG A 38 8.86 2.41 4.73
N ALA A 39 8.41 1.85 3.62
CA ALA A 39 7.01 1.79 3.28
C ALA A 39 6.34 0.67 4.07
N ILE A 40 7.01 -0.47 4.23
CA ILE A 40 6.49 -1.60 5.00
C ILE A 40 6.26 -1.19 6.45
N GLU A 41 7.21 -0.48 7.03
CA GLU A 41 7.13 0.01 8.40
C GLU A 41 5.98 1.00 8.53
N ALA A 42 5.93 2.01 7.65
CA ALA A 42 4.88 3.01 7.68
C ALA A 42 3.49 2.42 7.43
N LEU A 43 3.35 1.33 6.66
CA LEU A 43 2.09 0.60 6.53
C LEU A 43 1.63 0.07 7.88
N LYS A 44 2.53 -0.54 8.65
CA LYS A 44 2.19 -1.05 9.98
C LYS A 44 1.78 0.10 10.90
N GLU A 45 2.47 1.23 10.83
CA GLU A 45 2.15 2.45 11.60
C GLU A 45 0.95 3.21 10.99
N PHE A 46 -0.11 2.51 10.59
CA PHE A 46 -1.42 3.10 10.35
C PHE A 46 -2.48 2.17 10.92
N ASN A 47 -3.60 2.75 11.37
CA ASN A 47 -4.84 2.06 11.70
C ASN A 47 -5.49 1.51 10.45
N GLU A 48 -6.43 0.59 10.65
CA GLU A 48 -7.20 -0.11 9.65
C GLU A 48 -7.76 0.86 8.61
N ASP A 49 -8.75 1.66 9.02
CA ASP A 49 -9.47 2.52 8.08
C ASP A 49 -8.59 3.67 7.59
N GLY A 50 -7.55 4.03 8.36
CA GLY A 50 -6.58 5.04 7.99
C GLY A 50 -5.77 4.57 6.79
N ALA A 51 -5.05 3.44 6.97
CA ALA A 51 -4.29 2.72 5.95
C ALA A 51 -5.12 2.51 4.68
N LEU A 52 -6.41 2.17 4.80
CA LEU A 52 -7.32 1.93 3.69
C LEU A 52 -7.40 3.13 2.77
N ALA A 53 -7.58 4.34 3.33
CA ALA A 53 -7.63 5.56 2.54
C ALA A 53 -6.36 5.70 1.70
N VAL A 54 -5.21 5.46 2.33
CA VAL A 54 -3.91 5.50 1.66
C VAL A 54 -3.87 4.49 0.49
N LEU A 55 -4.49 3.31 0.64
CA LEU A 55 -4.51 2.29 -0.40
C LEU A 55 -5.34 2.77 -1.58
N GLN A 56 -6.51 3.34 -1.31
CA GLN A 56 -7.36 3.92 -2.32
C GLN A 56 -6.56 4.97 -3.10
N GLN A 57 -5.90 5.90 -2.39
CA GLN A 57 -5.21 6.99 -3.05
C GLN A 57 -4.04 6.51 -3.91
N PHE A 58 -3.45 5.37 -3.54
CA PHE A 58 -2.41 4.71 -4.33
C PHE A 58 -2.97 3.91 -5.53
N LYS A 59 -4.17 3.33 -5.40
CA LYS A 59 -4.90 2.76 -6.55
C LYS A 59 -5.25 3.86 -7.55
N ASP A 60 -5.59 5.04 -7.02
CA ASP A 60 -6.06 6.22 -7.73
C ASP A 60 -4.85 7.02 -8.24
N SER A 61 -3.94 6.36 -8.96
CA SER A 61 -2.84 6.99 -9.68
C SER A 61 -2.46 6.18 -10.90
N ASP A 62 -1.60 6.76 -11.72
CA ASP A 62 -1.24 6.30 -13.04
C ASP A 62 0.17 5.75 -12.99
N LEU A 63 0.31 4.54 -12.45
CA LEU A 63 1.59 3.86 -12.22
C LEU A 63 2.16 3.29 -13.53
N SER A 64 2.20 4.11 -14.58
CA SER A 64 2.61 3.77 -15.92
C SER A 64 3.95 4.42 -16.31
N HIS A 65 4.36 5.52 -15.65
CA HIS A 65 5.65 6.19 -15.87
C HIS A 65 6.40 6.43 -14.55
N VAL A 66 6.00 5.77 -13.47
CA VAL A 66 6.57 5.91 -12.15
C VAL A 66 7.71 4.91 -12.01
N GLN A 67 8.95 5.39 -12.08
CA GLN A 67 10.13 4.56 -11.87
C GLN A 67 10.14 3.88 -10.50
N ASN A 68 9.65 4.55 -9.46
CA ASN A 68 9.78 4.12 -8.08
C ASN A 68 8.43 4.10 -7.36
N LYS A 69 7.66 3.04 -7.65
CA LYS A 69 6.36 2.77 -7.04
C LYS A 69 6.43 2.91 -5.52
N SER A 70 7.52 2.42 -4.95
CA SER A 70 7.91 2.45 -3.56
C SER A 70 7.92 3.88 -3.02
N ALA A 71 8.74 4.75 -3.59
CA ALA A 71 8.88 6.12 -3.14
C ALA A 71 7.58 6.91 -3.36
N PHE A 72 6.82 6.55 -4.39
CA PHE A 72 5.49 7.12 -4.64
C PHE A 72 4.58 6.77 -3.47
N LEU A 73 4.50 5.48 -3.12
CA LEU A 73 3.71 4.95 -2.00
C LEU A 73 4.12 5.64 -0.70
N CYS A 74 5.42 5.74 -0.46
CA CYS A 74 5.99 6.38 0.71
C CYS A 74 5.63 7.88 0.78
N GLY A 75 5.40 8.52 -0.37
CA GLY A 75 4.98 9.91 -0.48
C GLY A 75 3.54 10.04 -0.04
N VAL A 76 2.63 9.26 -0.65
CA VAL A 76 1.22 9.24 -0.30
C VAL A 76 1.06 9.00 1.21
N MET A 77 1.75 8.03 1.80
CA MET A 77 1.73 7.81 3.25
C MET A 77 2.02 9.09 4.01
N LYS A 78 3.11 9.76 3.66
CA LYS A 78 3.59 10.90 4.41
C LYS A 78 2.58 12.04 4.41
N THR A 79 1.87 12.30 3.30
CA THR A 79 0.87 13.35 3.30
C THR A 79 -0.32 12.99 4.21
N TYR A 80 -0.66 11.71 4.41
CA TYR A 80 -1.62 11.32 5.44
C TYR A 80 -1.03 11.50 6.85
N ARG A 81 0.22 11.05 7.10
CA ARG A 81 0.90 11.17 8.39
C ARG A 81 1.35 12.61 8.71
N GLN A 82 0.68 13.60 8.11
CA GLN A 82 0.85 15.02 8.34
C GLN A 82 -0.51 15.73 8.52
N ARG A 83 -1.59 14.99 8.76
CA ARG A 83 -2.95 15.54 8.81
C ARG A 83 -3.72 15.01 10.02
N GLU A 84 -3.06 14.87 11.15
CA GLU A 84 -3.71 14.49 12.38
C GLU A 84 -4.35 15.73 13.00
N LYS A 85 -5.61 15.59 13.37
CA LYS A 85 -6.51 16.63 13.85
C LYS A 85 -7.25 16.03 15.05
N GLY A 1 -9.03 -13.41 -2.48
CA GLY A 1 -8.27 -12.61 -3.43
C GLY A 1 -7.46 -13.50 -4.35
N SER A 2 -6.54 -12.91 -5.11
CA SER A 2 -5.41 -13.66 -5.66
C SER A 2 -4.47 -14.08 -4.52
N GLU A 3 -3.39 -14.78 -4.87
CA GLU A 3 -2.36 -15.25 -3.96
C GLU A 3 -1.83 -14.16 -3.03
N ASN A 4 -1.74 -12.93 -3.55
CA ASN A 4 -1.00 -11.84 -2.94
C ASN A 4 -1.59 -11.53 -1.57
N PHE A 5 -2.91 -11.69 -1.45
CA PHE A 5 -3.65 -11.52 -0.22
C PHE A 5 -2.93 -12.22 0.94
N GLN A 6 -2.63 -13.51 0.79
CA GLN A 6 -2.01 -14.29 1.85
C GLN A 6 -0.58 -13.80 2.16
N THR A 7 0.16 -13.29 1.18
CA THR A 7 1.46 -12.67 1.42
C THR A 7 1.29 -11.47 2.36
N LEU A 8 0.30 -10.60 2.11
CA LEU A 8 0.07 -9.45 2.98
C LEU A 8 -0.35 -9.91 4.38
N LEU A 9 -1.21 -10.92 4.50
CA LEU A 9 -1.63 -11.47 5.80
C LEU A 9 -0.44 -12.06 6.58
N ASP A 10 0.66 -12.41 5.92
CA ASP A 10 1.89 -12.91 6.55
C ASP A 10 2.76 -11.71 6.94
N ALA A 11 2.78 -10.66 6.12
CA ALA A 11 3.73 -9.55 6.15
C ALA A 11 3.65 -8.71 7.42
N GLY A 12 2.54 -8.83 8.15
CA GLY A 12 2.32 -8.13 9.39
C GLY A 12 1.04 -7.32 9.42
N LEU A 13 0.11 -7.59 8.50
CA LEU A 13 -0.89 -6.60 8.11
C LEU A 13 -2.30 -7.02 8.54
N PRO A 14 -3.18 -6.05 8.87
CA PRO A 14 -4.57 -6.32 9.17
C PRO A 14 -5.29 -6.77 7.91
N GLN A 15 -6.36 -7.54 8.08
CA GLN A 15 -7.00 -8.24 7.00
C GLN A 15 -7.65 -7.22 6.09
N LYS A 16 -8.27 -6.20 6.70
CA LYS A 16 -9.01 -5.22 5.94
C LYS A 16 -8.13 -4.61 4.87
N VAL A 17 -7.00 -4.06 5.29
CA VAL A 17 -6.06 -3.41 4.43
C VAL A 17 -5.59 -4.42 3.38
N ALA A 18 -5.27 -5.66 3.80
CA ALA A 18 -4.77 -6.67 2.87
C ALA A 18 -5.76 -6.98 1.74
N GLU A 19 -7.07 -7.04 2.02
CA GLU A 19 -8.11 -7.30 1.01
C GLU A 19 -8.01 -6.30 -0.15
N LYS A 20 -7.66 -5.06 0.19
CA LYS A 20 -7.63 -3.91 -0.71
C LYS A 20 -6.26 -3.74 -1.37
N LEU A 21 -5.21 -4.39 -0.83
CA LEU A 21 -3.89 -4.46 -1.43
C LEU A 21 -3.83 -5.50 -2.53
N ASP A 22 -4.49 -6.64 -2.34
CA ASP A 22 -4.38 -7.80 -3.23
C ASP A 22 -4.63 -7.38 -4.67
N GLU A 23 -5.71 -6.62 -4.86
CA GLU A 23 -6.17 -6.07 -6.13
C GLU A 23 -5.25 -5.03 -6.78
N ILE A 24 -4.17 -4.64 -6.11
CA ILE A 24 -3.13 -3.76 -6.64
C ILE A 24 -2.03 -4.62 -7.31
N TYR A 25 -2.05 -5.93 -7.12
CA TYR A 25 -1.06 -6.88 -7.65
C TYR A 25 -1.60 -7.80 -8.76
N VAL A 26 -2.83 -7.58 -9.22
CA VAL A 26 -3.53 -8.45 -10.18
C VAL A 26 -3.90 -7.69 -11.47
N ALA A 27 -3.68 -6.37 -11.54
CA ALA A 27 -4.13 -5.53 -12.65
C ALA A 27 -2.97 -5.05 -13.53
N GLY A 28 -1.75 -5.54 -13.27
CA GLY A 28 -0.53 -5.10 -13.94
C GLY A 28 -0.01 -3.75 -13.46
N LEU A 29 -0.54 -3.23 -12.34
CA LEU A 29 -0.21 -1.96 -11.73
C LEU A 29 1.15 -2.06 -11.03
N VAL A 30 1.26 -2.89 -9.98
CA VAL A 30 2.59 -3.19 -9.38
C VAL A 30 2.84 -4.69 -9.19
N ALA A 31 4.13 -5.06 -9.12
CA ALA A 31 4.62 -6.33 -8.58
C ALA A 31 4.53 -6.32 -7.06
N HIS A 32 4.33 -7.50 -6.47
CA HIS A 32 4.32 -7.69 -5.03
C HIS A 32 5.62 -7.19 -4.40
N SER A 33 6.76 -7.57 -4.96
CA SER A 33 8.07 -7.29 -4.37
C SER A 33 8.59 -5.88 -4.73
N ASP A 34 7.82 -5.06 -5.44
CA ASP A 34 8.34 -3.77 -5.90
C ASP A 34 8.59 -2.82 -4.73
N LEU A 35 7.84 -2.97 -3.65
CA LEU A 35 7.91 -2.12 -2.48
C LEU A 35 9.24 -2.36 -1.76
N ASP A 36 9.70 -1.37 -1.01
CA ASP A 36 10.97 -1.44 -0.28
C ASP A 36 10.66 -1.45 1.20
N GLU A 37 11.65 -1.78 2.03
CA GLU A 37 11.48 -1.93 3.47
C GLU A 37 10.83 -0.71 4.11
N ARG A 38 11.18 0.51 3.65
CA ARG A 38 10.57 1.74 4.16
C ARG A 38 9.05 1.71 4.06
N ALA A 39 8.52 1.17 2.96
CA ALA A 39 7.08 1.03 2.76
C ALA A 39 6.50 -0.07 3.65
N ILE A 40 7.21 -1.19 3.83
CA ILE A 40 6.74 -2.29 4.67
C ILE A 40 6.62 -1.80 6.12
N GLU A 41 7.64 -1.09 6.60
CA GLU A 41 7.69 -0.44 7.90
C GLU A 41 6.57 0.58 8.02
N ALA A 42 6.49 1.54 7.09
CA ALA A 42 5.50 2.60 7.13
C ALA A 42 4.08 2.04 7.17
N LEU A 43 3.80 0.98 6.40
CA LEU A 43 2.54 0.25 6.44
C LEU A 43 2.25 -0.28 7.83
N LYS A 44 3.20 -1.01 8.45
CA LYS A 44 3.12 -1.41 9.85
C LYS A 44 2.88 -0.24 10.82
N GLU A 45 3.12 1.03 10.47
CA GLU A 45 2.89 2.14 11.40
C GLU A 45 1.46 2.70 11.41
N PHE A 46 0.56 2.27 10.52
CA PHE A 46 -0.78 2.85 10.41
C PHE A 46 -1.78 2.12 11.32
N ASN A 47 -3.04 2.52 11.25
CA ASN A 47 -4.19 1.77 11.71
C ASN A 47 -4.93 1.21 10.52
N GLU A 48 -5.94 0.39 10.81
CA GLU A 48 -6.75 -0.32 9.85
C GLU A 48 -7.36 0.64 8.83
N ASP A 49 -8.31 1.46 9.27
CA ASP A 49 -9.02 2.46 8.48
C ASP A 49 -8.08 3.62 8.06
N GLY A 50 -6.87 3.67 8.63
CA GLY A 50 -5.82 4.59 8.24
C GLY A 50 -5.23 4.10 6.92
N ALA A 51 -4.46 3.02 6.98
CA ALA A 51 -3.87 2.38 5.82
C ALA A 51 -4.89 2.08 4.72
N LEU A 52 -6.12 1.70 5.07
CA LEU A 52 -7.20 1.43 4.12
C LEU A 52 -7.56 2.70 3.34
N ALA A 53 -7.70 3.84 4.01
CA ALA A 53 -7.86 5.10 3.29
C ALA A 53 -6.63 5.42 2.43
N VAL A 54 -5.42 5.27 2.98
CA VAL A 54 -4.14 5.55 2.32
C VAL A 54 -4.02 4.75 1.01
N LEU A 55 -4.61 3.55 0.94
CA LEU A 55 -4.60 2.66 -0.21
C LEU A 55 -5.39 3.25 -1.36
N GLN A 56 -6.58 3.76 -1.08
CA GLN A 56 -7.45 4.36 -2.08
C GLN A 56 -6.68 5.45 -2.82
N GLN A 57 -5.92 6.27 -2.08
CA GLN A 57 -5.21 7.41 -2.65
C GLN A 57 -3.93 7.03 -3.42
N PHE A 58 -3.65 5.73 -3.51
CA PHE A 58 -2.59 5.15 -4.34
C PHE A 58 -3.18 4.33 -5.50
N LYS A 59 -4.25 3.55 -5.26
CA LYS A 59 -4.92 2.83 -6.35
C LYS A 59 -5.44 3.79 -7.41
N ASP A 60 -5.78 5.02 -7.04
CA ASP A 60 -6.26 6.01 -7.99
C ASP A 60 -5.10 6.73 -8.72
N SER A 61 -3.83 6.39 -8.48
CA SER A 61 -2.66 7.00 -9.12
C SER A 61 -2.24 6.22 -10.37
N ASP A 62 -1.12 6.60 -11.03
CA ASP A 62 -0.68 6.12 -12.32
C ASP A 62 0.77 5.66 -12.21
N LEU A 63 0.99 4.45 -11.68
CA LEU A 63 2.31 4.07 -11.20
C LEU A 63 3.21 3.52 -12.30
N SER A 64 2.74 3.28 -13.52
CA SER A 64 3.46 2.67 -14.63
C SER A 64 4.84 3.30 -14.82
N HIS A 65 4.89 4.59 -15.13
CA HIS A 65 6.11 5.28 -15.52
C HIS A 65 6.90 5.80 -14.31
N VAL A 66 6.44 5.54 -13.08
CA VAL A 66 7.12 6.01 -11.87
C VAL A 66 8.50 5.35 -11.77
N GLN A 67 9.42 6.07 -11.12
CA GLN A 67 10.77 5.64 -10.79
C GLN A 67 10.69 4.50 -9.76
N ASN A 68 10.55 4.81 -8.46
CA ASN A 68 10.33 3.83 -7.40
C ASN A 68 8.84 3.80 -7.11
N LYS A 69 8.15 2.67 -7.31
CA LYS A 69 6.74 2.54 -6.94
C LYS A 69 6.54 2.82 -5.44
N SER A 70 7.49 2.36 -4.64
CA SER A 70 7.45 2.42 -3.19
C SER A 70 7.52 3.87 -2.72
N ALA A 71 8.45 4.66 -3.26
CA ALA A 71 8.56 6.06 -2.85
C ALA A 71 7.32 6.86 -3.27
N PHE A 72 6.57 6.42 -4.28
CA PHE A 72 5.31 7.05 -4.64
C PHE A 72 4.36 6.87 -3.47
N LEU A 73 4.16 5.61 -3.09
CA LEU A 73 3.31 5.15 -2.00
C LEU A 73 3.65 5.88 -0.71
N CYS A 74 4.93 5.90 -0.37
CA CYS A 74 5.43 6.50 0.86
C CYS A 74 5.22 8.02 0.86
N GLY A 75 5.08 8.65 -0.32
CA GLY A 75 4.73 10.05 -0.42
C GLY A 75 3.33 10.29 0.13
N VAL A 76 2.35 9.52 -0.37
CA VAL A 76 0.96 9.57 0.09
C VAL A 76 0.93 9.34 1.61
N MET A 77 1.66 8.34 2.12
CA MET A 77 1.78 8.08 3.56
C MET A 77 2.28 9.30 4.34
N LYS A 78 3.27 10.04 3.82
CA LYS A 78 3.80 11.21 4.52
C LYS A 78 2.68 12.21 4.75
N THR A 79 1.87 12.48 3.72
CA THR A 79 0.74 13.40 3.81
C THR A 79 -0.22 12.93 4.90
N TYR A 80 -0.73 11.68 4.84
CA TYR A 80 -1.67 11.18 5.84
C TYR A 80 -1.11 11.29 7.26
N ARG A 81 0.17 10.94 7.48
CA ARG A 81 0.75 10.99 8.82
C ARG A 81 1.11 12.41 9.30
N GLN A 82 0.93 13.43 8.45
CA GLN A 82 1.06 14.84 8.78
C GLN A 82 -0.19 15.56 8.26
N ARG A 83 -1.28 15.44 9.00
CA ARG A 83 -2.59 15.99 8.75
C ARG A 83 -3.16 16.42 10.09
N GLU A 84 -3.20 17.72 10.34
CA GLU A 84 -3.98 18.34 11.35
C GLU A 84 -5.18 18.96 10.65
N LYS A 85 -6.38 18.69 11.15
CA LYS A 85 -7.65 19.33 10.82
C LYS A 85 -8.49 19.10 12.06
N GLY A 1 -8.97 -13.14 -5.38
CA GLY A 1 -7.73 -12.44 -5.66
C GLY A 1 -6.67 -13.43 -6.05
N SER A 2 -5.43 -13.19 -5.64
CA SER A 2 -4.26 -13.83 -6.20
C SER A 2 -3.28 -14.22 -5.09
N GLU A 3 -2.07 -14.62 -5.45
CA GLU A 3 -1.04 -15.09 -4.52
C GLU A 3 -0.72 -14.06 -3.43
N ASN A 4 -0.88 -12.78 -3.75
CA ASN A 4 -0.34 -11.67 -2.97
C ASN A 4 -1.05 -11.62 -1.62
N PHE A 5 -2.36 -11.90 -1.61
CA PHE A 5 -3.16 -11.95 -0.41
C PHE A 5 -2.46 -12.75 0.69
N GLN A 6 -2.17 -14.02 0.44
CA GLN A 6 -1.57 -14.89 1.45
C GLN A 6 -0.21 -14.38 1.93
N THR A 7 0.69 -13.97 1.03
CA THR A 7 2.01 -13.49 1.44
C THR A 7 1.90 -12.15 2.19
N LEU A 8 0.87 -11.32 1.96
CA LEU A 8 0.63 -10.14 2.78
C LEU A 8 0.20 -10.54 4.19
N LEU A 9 -0.57 -11.63 4.36
CA LEU A 9 -0.93 -12.14 5.68
C LEU A 9 0.29 -12.62 6.46
N ASP A 10 1.40 -12.90 5.77
CA ASP A 10 2.67 -13.27 6.41
C ASP A 10 3.61 -12.06 6.59
N ALA A 11 3.37 -10.96 5.86
CA ALA A 11 4.16 -9.72 5.91
C ALA A 11 3.90 -8.91 7.20
N GLY A 12 3.17 -9.50 8.16
CA GLY A 12 2.88 -8.89 9.45
C GLY A 12 1.71 -7.91 9.39
N LEU A 13 0.88 -7.97 8.34
CA LEU A 13 -0.20 -7.03 8.07
C LEU A 13 -1.56 -7.65 8.43
N PRO A 14 -2.61 -6.84 8.72
CA PRO A 14 -3.97 -7.32 9.00
C PRO A 14 -4.69 -7.82 7.74
N GLN A 15 -5.74 -8.65 7.92
CA GLN A 15 -6.53 -9.20 6.82
C GLN A 15 -7.22 -8.07 6.09
N LYS A 16 -7.84 -7.13 6.82
CA LYS A 16 -8.72 -6.19 6.14
C LYS A 16 -7.97 -5.25 5.21
N VAL A 17 -6.67 -5.02 5.44
CA VAL A 17 -5.80 -4.34 4.50
C VAL A 17 -5.59 -5.30 3.33
N ALA A 18 -5.09 -6.52 3.56
CA ALA A 18 -4.76 -7.48 2.50
C ALA A 18 -5.90 -7.71 1.50
N GLU A 19 -7.13 -7.78 2.00
CA GLU A 19 -8.35 -7.99 1.21
C GLU A 19 -8.65 -6.85 0.24
N LYS A 20 -7.99 -5.72 0.42
CA LYS A 20 -8.03 -4.56 -0.47
C LYS A 20 -6.67 -4.32 -1.17
N LEU A 21 -5.57 -4.88 -0.65
CA LEU A 21 -4.20 -4.65 -1.10
C LEU A 21 -3.78 -5.68 -2.13
N ASP A 22 -4.31 -6.89 -2.08
CA ASP A 22 -3.98 -7.97 -3.00
C ASP A 22 -4.23 -7.53 -4.44
N GLU A 23 -5.37 -6.87 -4.70
CA GLU A 23 -5.78 -6.33 -5.98
C GLU A 23 -4.77 -5.33 -6.58
N ILE A 24 -4.10 -4.57 -5.73
CA ILE A 24 -3.08 -3.60 -6.15
C ILE A 24 -1.97 -4.33 -6.93
N TYR A 25 -1.84 -5.64 -6.74
CA TYR A 25 -0.87 -6.49 -7.41
C TYR A 25 -1.51 -7.35 -8.51
N VAL A 26 -2.76 -7.14 -8.89
CA VAL A 26 -3.52 -7.95 -9.86
C VAL A 26 -3.89 -7.15 -11.10
N ALA A 27 -4.12 -5.84 -10.97
CA ALA A 27 -4.55 -4.96 -12.06
C ALA A 27 -3.35 -4.48 -12.89
N GLY A 28 -2.25 -5.23 -12.86
CA GLY A 28 -1.03 -4.99 -13.62
C GLY A 28 -0.19 -3.83 -13.09
N LEU A 29 -0.49 -3.31 -11.88
CA LEU A 29 0.10 -2.07 -11.39
C LEU A 29 1.56 -2.28 -10.99
N VAL A 30 1.81 -3.12 -9.99
CA VAL A 30 3.12 -3.27 -9.33
C VAL A 30 3.59 -4.72 -9.22
N ALA A 31 4.90 -4.89 -9.07
CA ALA A 31 5.65 -6.15 -9.10
C ALA A 31 5.49 -7.03 -7.86
N HIS A 32 4.51 -6.74 -7.00
CA HIS A 32 4.38 -7.17 -5.61
C HIS A 32 5.56 -6.84 -4.67
N SER A 33 6.77 -6.60 -5.18
CA SER A 33 7.97 -6.32 -4.39
C SER A 33 8.69 -5.05 -4.89
N ASP A 34 7.96 -4.14 -5.55
CA ASP A 34 8.47 -2.91 -6.19
C ASP A 34 8.95 -1.83 -5.18
N LEU A 35 9.23 -2.23 -3.93
CA LEU A 35 9.14 -1.39 -2.74
C LEU A 35 10.44 -1.47 -1.93
N ASP A 36 10.42 -0.89 -0.74
CA ASP A 36 11.49 -0.88 0.26
C ASP A 36 10.84 -0.90 1.63
N GLU A 37 11.66 -1.12 2.67
CA GLU A 37 11.26 -1.38 4.05
C GLU A 37 10.19 -0.40 4.54
N ARG A 38 10.39 0.90 4.29
CA ARG A 38 9.46 1.95 4.71
C ARG A 38 8.04 1.70 4.22
N ALA A 39 7.87 1.03 3.09
CA ALA A 39 6.55 0.70 2.58
C ALA A 39 5.88 -0.34 3.48
N ILE A 40 6.58 -1.42 3.85
CA ILE A 40 5.98 -2.46 4.71
C ILE A 40 5.82 -1.92 6.12
N GLU A 41 6.83 -1.24 6.64
CA GLU A 41 6.85 -0.80 8.02
C GLU A 41 5.78 0.26 8.26
N ALA A 42 5.68 1.29 7.40
CA ALA A 42 4.71 2.35 7.62
C ALA A 42 3.27 1.86 7.42
N LEU A 43 3.04 0.77 6.68
CA LEU A 43 1.75 0.07 6.65
C LEU A 43 1.35 -0.43 8.04
N LYS A 44 2.31 -0.90 8.85
CA LYS A 44 2.04 -1.35 10.23
C LYS A 44 1.60 -0.19 11.12
N GLU A 45 1.99 1.04 10.79
CA GLU A 45 1.87 2.20 11.67
C GLU A 45 0.50 2.89 11.54
N PHE A 46 -0.53 2.20 11.04
CA PHE A 46 -1.88 2.73 10.95
C PHE A 46 -2.85 1.78 11.64
N ASN A 47 -4.00 2.33 12.05
CA ASN A 47 -5.22 1.56 12.25
C ASN A 47 -5.73 1.07 10.91
N GLU A 48 -6.72 0.18 10.97
CA GLU A 48 -7.44 -0.34 9.84
C GLU A 48 -7.92 0.81 8.97
N ASP A 49 -8.72 1.69 9.55
CA ASP A 49 -9.37 2.79 8.86
C ASP A 49 -8.39 3.93 8.49
N GLY A 50 -7.13 3.83 8.92
CA GLY A 50 -6.04 4.63 8.38
C GLY A 50 -5.49 3.95 7.14
N ALA A 51 -5.04 2.70 7.28
CA ALA A 51 -4.40 1.92 6.25
C ALA A 51 -5.28 1.74 5.01
N LEU A 52 -6.55 1.39 5.17
CA LEU A 52 -7.48 1.26 4.04
C LEU A 52 -7.60 2.57 3.27
N ALA A 53 -7.72 3.70 3.98
CA ALA A 53 -7.77 4.99 3.32
C ALA A 53 -6.48 5.24 2.52
N VAL A 54 -5.30 4.93 3.08
CA VAL A 54 -4.02 5.04 2.36
C VAL A 54 -4.08 4.23 1.06
N LEU A 55 -4.67 3.03 1.07
CA LEU A 55 -4.75 2.16 -0.09
C LEU A 55 -5.60 2.83 -1.17
N GLN A 56 -6.80 3.27 -0.79
CA GLN A 56 -7.75 3.82 -1.74
C GLN A 56 -7.14 5.03 -2.45
N GLN A 57 -6.29 5.80 -1.78
CA GLN A 57 -5.80 7.07 -2.33
C GLN A 57 -4.49 6.88 -3.09
N PHE A 58 -3.70 5.88 -2.71
CA PHE A 58 -2.61 5.39 -3.55
C PHE A 58 -3.13 4.84 -4.88
N LYS A 59 -4.41 4.48 -4.93
CA LYS A 59 -5.09 4.02 -6.13
C LYS A 59 -5.98 5.08 -6.78
N ASP A 60 -6.36 6.11 -6.04
CA ASP A 60 -6.82 7.41 -6.54
C ASP A 60 -5.56 8.22 -6.89
N SER A 61 -4.75 7.71 -7.80
CA SER A 61 -3.64 8.40 -8.41
C SER A 61 -3.33 7.72 -9.74
N ASP A 62 -2.57 8.39 -10.59
CA ASP A 62 -2.03 7.86 -11.83
C ASP A 62 -0.55 7.64 -11.55
N LEU A 63 -0.12 6.43 -11.86
CA LEU A 63 1.19 5.87 -11.59
C LEU A 63 1.90 5.58 -12.92
N SER A 64 1.85 6.51 -13.88
CA SER A 64 2.48 6.37 -15.18
C SER A 64 3.99 6.16 -15.04
N HIS A 65 4.41 4.90 -15.06
CA HIS A 65 5.76 4.38 -14.99
C HIS A 65 6.59 4.98 -13.85
N VAL A 66 5.95 5.27 -12.72
CA VAL A 66 6.64 5.63 -11.49
C VAL A 66 7.55 4.47 -11.10
N GLN A 67 8.86 4.64 -11.17
CA GLN A 67 9.77 3.67 -10.57
C GLN A 67 9.63 3.70 -9.04
N ASN A 68 9.49 4.89 -8.45
CA ASN A 68 9.56 5.13 -7.01
C ASN A 68 8.26 4.74 -6.29
N LYS A 69 7.75 3.53 -6.52
CA LYS A 69 6.50 3.05 -5.95
C LYS A 69 6.46 3.20 -4.43
N SER A 70 7.58 2.92 -3.77
CA SER A 70 7.73 3.00 -2.32
C SER A 70 7.57 4.44 -1.85
N ALA A 71 8.36 5.36 -2.42
CA ALA A 71 8.29 6.75 -2.03
C ALA A 71 6.89 7.32 -2.28
N PHE A 72 6.24 6.93 -3.39
CA PHE A 72 4.90 7.42 -3.71
C PHE A 72 3.93 6.96 -2.61
N LEU A 73 3.96 5.67 -2.27
CA LEU A 73 3.07 5.06 -1.29
C LEU A 73 3.30 5.70 0.07
N CYS A 74 4.56 5.74 0.48
CA CYS A 74 5.00 6.27 1.76
C CYS A 74 4.71 7.78 1.85
N GLY A 75 4.56 8.46 0.71
CA GLY A 75 4.09 9.84 0.60
C GLY A 75 2.61 9.93 0.91
N VAL A 76 1.75 9.12 0.27
CA VAL A 76 0.32 9.08 0.56
C VAL A 76 0.13 8.77 2.05
N MET A 77 0.83 7.75 2.58
CA MET A 77 0.87 7.45 4.01
C MET A 77 1.16 8.70 4.82
N LYS A 78 2.27 9.38 4.54
CA LYS A 78 2.65 10.53 5.35
C LYS A 78 1.55 11.57 5.30
N THR A 79 0.99 11.82 4.12
CA THR A 79 -0.08 12.79 3.96
C THR A 79 -1.31 12.42 4.80
N TYR A 80 -1.65 11.13 4.96
CA TYR A 80 -2.77 10.74 5.82
C TYR A 80 -2.50 11.04 7.29
N ARG A 81 -1.29 10.77 7.79
CA ARG A 81 -0.93 11.06 9.18
C ARG A 81 -0.61 12.53 9.42
N GLN A 82 -0.35 13.31 8.37
CA GLN A 82 0.10 14.69 8.41
C GLN A 82 -0.59 15.42 7.26
N ARG A 83 -1.78 15.96 7.55
CA ARG A 83 -2.76 16.51 6.58
C ARG A 83 -3.16 17.94 6.90
N GLU A 84 -2.56 18.53 7.92
CA GLU A 84 -2.65 19.93 8.24
C GLU A 84 -2.17 20.73 7.01
N LYS A 85 -3.08 21.54 6.47
CA LYS A 85 -2.83 22.48 5.40
C LYS A 85 -3.48 23.77 5.86
#